data_8ZSI
#
_entry.id   8ZSI
#
_cell.length_a   1.00
_cell.length_b   1.00
_cell.length_c   1.00
_cell.angle_alpha   90.00
_cell.angle_beta   90.00
_cell.angle_gamma   90.00
#
_symmetry.space_group_name_H-M   'P 1'
#
loop_
_entity.id
_entity.type
_entity.pdbx_description
1 polymer 'Non-canonical purine NTP pyrophosphatase'
2 polymer 'Sir2 family NAD-dependent protein deacetylase'
3 non-polymer "2'-deoxyinosine 5'-triphosphate"
4 non-polymer NICOTINAMIDE-ADENINE-DINUCLEOTIDE
#
loop_
_entity_poly.entity_id
_entity_poly.type
_entity_poly.pdbx_seq_one_letter_code
_entity_poly.pdbx_strand_id
1 'polypeptide(L)'
;MNIRFITRNRHKIKEINKILSGTGVVVLASEHSIDEIQTENVHALIKDKLLKAFKLVGRPVFVEHTGLYIESLNGFPGGL
TQIFWDKLQADKFSQLLGTSENPRLVAKTIIGYCDSMKIYIFEGETQGTISPVPKGPRDFQWDCIFIPDGESETFAEMGD
RKNEISMRKKAFDKFKEYLLEGGK
;
A,B,C,D
2 'polypeptide(L)'
;MEQLLADYKKGNVILFVGAGVSMNLGLPSWSQLVDHIATELGYDPDIYRTFGSALELAEYYKLKKGKIGPLRSWMDRMWH
SSDIDINKSKVHEYIAKANFPIIYTTNYDRWIETALSNYGKEYIKISSVSDIAKIDNNKTQIIKFAGDFDDDSSIVLDET
SYFQRLEFETPLDIKFRSDVLGKSVLFIGYSLSDINIRLLFYKLSKLWKEQKLEEAQPKSYIFLPRPNPIQEEILEQWRI
GMISSENDNPGESLEEFLKNFVLV
;
E,F,G,H
#
# COMPACT_ATOMS: atom_id res chain seq x y z
N MET A 1 2.97 -40.99 36.34
CA MET A 1 2.05 -39.86 36.26
C MET A 1 2.47 -38.76 37.24
N ASN A 2 2.41 -37.51 36.78
CA ASN A 2 2.84 -36.37 37.58
C ASN A 2 1.68 -35.41 37.73
N ILE A 3 1.16 -35.29 38.95
CA ILE A 3 -0.04 -34.52 39.23
C ILE A 3 0.36 -33.54 40.33
N ARG A 4 -0.25 -32.36 40.34
CA ARG A 4 0.06 -31.33 41.32
C ARG A 4 -1.10 -31.15 42.30
N PHE A 5 -0.80 -30.57 43.45
CA PHE A 5 -1.76 -30.45 44.55
C PHE A 5 -1.58 -29.10 45.21
N ILE A 6 -2.66 -28.36 45.41
CA ILE A 6 -2.63 -27.05 46.05
C ILE A 6 -3.46 -27.12 47.31
N THR A 7 -2.89 -26.67 48.43
CA THR A 7 -3.57 -26.74 49.72
C THR A 7 -3.03 -25.64 50.62
N ARG A 8 -3.47 -25.67 51.88
CA ARG A 8 -2.85 -24.89 52.94
C ARG A 8 -2.48 -25.73 54.14
N ASN A 9 -2.97 -26.95 54.25
CA ASN A 9 -2.61 -27.86 55.33
C ASN A 9 -1.31 -28.56 54.96
N ARG A 10 -0.30 -28.43 55.83
CA ARG A 10 0.97 -29.10 55.57
C ARG A 10 0.89 -30.59 55.87
N HIS A 11 -0.06 -31.00 56.70
CA HIS A 11 -0.19 -32.42 57.02
C HIS A 11 -1.04 -33.15 55.99
N LYS A 12 -1.84 -32.40 55.23
CA LYS A 12 -2.52 -32.97 54.06
C LYS A 12 -1.52 -33.46 53.03
N ILE A 13 -0.43 -32.69 52.86
CA ILE A 13 0.69 -33.08 52.01
C ILE A 13 1.33 -34.37 52.49
N LYS A 14 1.51 -34.49 53.82
CA LYS A 14 2.10 -35.67 54.43
C LYS A 14 1.22 -36.91 54.25
N GLU A 15 -0.10 -36.76 54.45
CA GLU A 15 -0.99 -37.90 54.32
C GLU A 15 -1.17 -38.32 52.87
N ILE A 16 -1.21 -37.36 51.95
CA ILE A 16 -1.37 -37.72 50.53
C ILE A 16 -0.06 -38.28 49.98
N ASN A 17 1.08 -37.87 50.54
CA ASN A 17 2.35 -38.52 50.23
C ASN A 17 2.38 -39.96 50.71
N LYS A 18 1.93 -40.21 51.94
CA LYS A 18 2.09 -41.55 52.49
C LYS A 18 0.95 -42.51 52.14
N ILE A 19 -0.20 -42.00 51.67
CA ILE A 19 -1.20 -42.86 51.05
C ILE A 19 -0.72 -43.33 49.69
N LEU A 20 -0.19 -42.41 48.89
CA LEU A 20 0.24 -42.67 47.52
C LEU A 20 1.68 -43.17 47.43
N SER A 21 2.21 -43.81 48.47
CA SER A 21 3.55 -44.38 48.40
C SER A 21 3.49 -45.72 47.69
N GLY A 22 4.15 -45.82 46.54
CA GLY A 22 4.27 -47.07 45.83
C GLY A 22 3.23 -47.34 44.77
N THR A 23 2.22 -46.48 44.63
CA THR A 23 1.22 -46.70 43.59
C THR A 23 1.72 -46.33 42.21
N GLY A 24 2.76 -45.51 42.11
CA GLY A 24 3.28 -45.10 40.82
C GLY A 24 3.21 -43.61 40.60
N VAL A 25 2.17 -42.97 41.12
CA VAL A 25 2.01 -41.53 40.92
C VAL A 25 2.69 -40.79 42.05
N VAL A 26 3.08 -39.53 41.77
CA VAL A 26 3.71 -38.65 42.74
C VAL A 26 3.00 -37.31 42.67
N VAL A 27 3.04 -36.57 43.77
CA VAL A 27 2.39 -35.25 43.84
C VAL A 27 3.44 -34.20 44.15
N LEU A 28 3.31 -33.04 43.50
CA LEU A 28 4.18 -31.90 43.73
C LEU A 28 3.34 -30.82 44.42
N ALA A 29 3.33 -30.87 45.74
CA ALA A 29 2.43 -30.02 46.50
C ALA A 29 2.99 -28.61 46.64
N SER A 30 2.07 -27.64 46.67
CA SER A 30 2.38 -26.25 46.90
C SER A 30 1.36 -25.67 47.85
N GLU A 31 1.79 -24.68 48.64
CA GLU A 31 0.92 -24.05 49.63
C GLU A 31 0.49 -22.68 49.12
N HIS A 32 -0.81 -22.47 48.98
CA HIS A 32 -1.33 -21.17 48.55
C HIS A 32 -2.50 -20.64 49.37
N SER A 33 -3.30 -21.51 50.01
CA SER A 33 -4.51 -21.17 50.76
C SER A 33 -5.55 -20.48 49.88
N ILE A 34 -6.08 -21.27 48.94
CA ILE A 34 -7.24 -20.84 48.15
C ILE A 34 -8.44 -20.66 49.07
N ASP A 35 -9.12 -19.53 48.94
CA ASP A 35 -10.31 -19.27 49.73
C ASP A 35 -11.52 -19.91 49.06
N GLU A 36 -12.21 -20.77 49.80
CA GLU A 36 -13.38 -21.47 49.25
C GLU A 36 -14.61 -20.59 49.10
N ILE A 37 -15.75 -21.20 48.80
CA ILE A 37 -16.98 -20.45 48.63
C ILE A 37 -18.06 -20.99 49.55
N GLN A 38 -18.96 -20.12 49.98
CA GLN A 38 -20.02 -20.54 50.90
C GLN A 38 -21.23 -21.06 50.14
N THR A 39 -21.31 -22.37 49.95
CA THR A 39 -22.46 -22.97 49.27
C THR A 39 -22.87 -24.24 50.00
N GLU A 40 -24.01 -24.77 49.57
CA GLU A 40 -24.52 -26.02 50.13
C GLU A 40 -23.96 -27.23 49.40
N ASN A 41 -24.01 -27.22 48.06
CA ASN A 41 -23.46 -28.32 47.29
C ASN A 41 -21.95 -28.22 47.25
N VAL A 42 -21.29 -29.36 47.48
CA VAL A 42 -19.82 -29.38 47.43
C VAL A 42 -19.31 -29.52 46.01
N HIS A 43 -20.20 -29.79 45.04
CA HIS A 43 -19.78 -29.90 43.65
C HIS A 43 -19.38 -28.55 43.08
N ALA A 44 -20.21 -27.53 43.32
CA ALA A 44 -19.88 -26.17 42.86
C ALA A 44 -18.70 -25.59 43.64
N LEU A 45 -18.58 -25.98 44.91
CA LEU A 45 -17.45 -25.55 45.73
C LEU A 45 -16.13 -26.12 45.22
N ILE A 46 -16.11 -27.42 44.93
CA ILE A 46 -14.87 -28.04 44.47
C ILE A 46 -14.59 -27.67 43.03
N LYS A 47 -15.63 -27.31 42.25
CA LYS A 47 -15.41 -26.81 40.90
C LYS A 47 -14.78 -25.42 40.92
N ASP A 48 -15.24 -24.55 41.84
CA ASP A 48 -14.66 -23.22 41.98
C ASP A 48 -13.22 -23.30 42.52
N LYS A 49 -12.98 -24.20 43.48
CA LYS A 49 -11.64 -24.34 44.05
C LYS A 49 -10.66 -24.94 43.05
N LEU A 50 -11.11 -25.91 42.26
CA LEU A 50 -10.26 -26.49 41.21
C LEU A 50 -10.05 -25.50 40.07
N LEU A 51 -11.03 -24.62 39.81
CA LEU A 51 -10.86 -23.57 38.82
C LEU A 51 -9.79 -22.57 39.24
N LYS A 52 -9.79 -22.18 40.52
CA LYS A 52 -8.75 -21.28 41.01
C LYS A 52 -7.38 -21.94 41.04
N ALA A 53 -7.34 -23.25 41.37
CA ALA A 53 -6.07 -23.98 41.37
C ALA A 53 -5.53 -24.17 39.96
N PHE A 54 -6.41 -24.39 38.98
CA PHE A 54 -5.96 -24.53 37.60
C PHE A 54 -5.58 -23.18 36.99
N LYS A 55 -6.22 -22.10 37.43
CA LYS A 55 -5.80 -20.78 37.00
C LYS A 55 -4.46 -20.40 37.59
N LEU A 56 -4.16 -20.90 38.79
CA LEU A 56 -2.85 -20.65 39.39
C LEU A 56 -1.75 -21.54 38.83
N VAL A 57 -2.03 -22.80 38.52
CA VAL A 57 -1.02 -23.75 38.05
C VAL A 57 -0.95 -23.77 36.53
N GLY A 58 -2.05 -24.13 35.86
CA GLY A 58 -2.06 -24.27 34.42
C GLY A 58 -1.65 -25.63 33.90
N ARG A 59 -1.37 -26.58 34.79
CA ARG A 59 -0.96 -27.94 34.47
C ARG A 59 -1.99 -28.87 35.10
N PRO A 60 -1.91 -30.22 34.82
CA PRO A 60 -2.74 -31.16 35.59
C PRO A 60 -2.57 -31.10 37.09
N VAL A 61 -3.63 -30.68 37.77
CA VAL A 61 -3.62 -30.39 39.20
C VAL A 61 -4.93 -30.91 39.79
N PHE A 62 -4.86 -31.49 40.99
CA PHE A 62 -6.06 -31.83 41.74
C PHE A 62 -6.09 -31.03 43.03
N VAL A 63 -7.29 -30.86 43.58
CA VAL A 63 -7.49 -30.19 44.85
C VAL A 63 -8.47 -31.03 45.65
N GLU A 64 -8.48 -30.85 46.97
CA GLU A 64 -9.30 -31.68 47.84
C GLU A 64 -9.89 -30.83 48.95
N HIS A 65 -11.18 -31.03 49.22
CA HIS A 65 -11.88 -30.37 50.31
C HIS A 65 -12.45 -31.43 51.24
N THR A 66 -12.33 -31.21 52.55
CA THR A 66 -12.67 -32.20 53.56
C THR A 66 -13.75 -31.61 54.47
N GLY A 67 -14.83 -32.35 54.67
CA GLY A 67 -15.96 -31.84 55.43
C GLY A 67 -16.52 -32.84 56.42
N LEU A 68 -16.81 -32.33 57.63
CA LEU A 68 -17.59 -33.02 58.64
C LEU A 68 -19.06 -32.69 58.43
N TYR A 69 -19.94 -33.58 58.89
CA TYR A 69 -21.40 -33.35 58.78
C TYR A 69 -22.05 -33.90 60.04
N ILE A 70 -22.30 -33.03 61.01
CA ILE A 70 -22.84 -33.42 62.30
C ILE A 70 -24.35 -33.50 62.22
N GLU A 71 -24.91 -34.66 62.62
CA GLU A 71 -26.34 -34.90 62.48
C GLU A 71 -27.14 -34.10 63.51
N SER A 72 -26.53 -33.78 64.66
CA SER A 72 -27.21 -32.94 65.64
C SER A 72 -27.26 -31.49 65.18
N LEU A 73 -26.33 -31.09 64.32
CA LEU A 73 -26.32 -29.76 63.71
C LEU A 73 -26.97 -29.73 62.35
N ASN A 74 -27.68 -30.83 61.99
CA ASN A 74 -28.44 -31.00 60.75
C ASN A 74 -27.47 -30.94 59.54
N GLY A 75 -26.25 -31.43 59.76
CA GLY A 75 -25.23 -31.37 58.73
C GLY A 75 -24.74 -29.97 58.42
N PHE A 76 -24.52 -29.15 59.45
CA PHE A 76 -24.07 -27.77 59.23
C PHE A 76 -22.69 -27.63 58.58
N PRO A 77 -21.59 -28.32 59.04
CA PRO A 77 -20.32 -28.12 58.32
C PRO A 77 -20.27 -28.86 56.98
N GLY A 78 -19.10 -28.87 56.37
CA GLY A 78 -18.96 -29.53 55.08
C GLY A 78 -18.98 -28.47 54.01
N GLY A 79 -17.81 -28.14 53.50
CA GLY A 79 -17.60 -26.93 52.75
C GLY A 79 -17.02 -25.85 53.62
N LEU A 80 -17.47 -25.78 54.88
CA LEU A 80 -17.18 -24.67 55.79
C LEU A 80 -16.66 -25.19 57.13
N THR A 81 -15.86 -26.25 57.10
CA THR A 81 -15.38 -26.87 58.33
C THR A 81 -14.14 -26.17 58.89
N GLN A 82 -13.39 -25.48 58.02
CA GLN A 82 -12.08 -24.94 58.39
C GLN A 82 -12.20 -23.77 59.36
N ILE A 83 -13.12 -22.84 59.08
CA ILE A 83 -13.35 -21.70 59.95
C ILE A 83 -13.95 -22.15 61.28
N PHE A 84 -14.79 -23.20 61.24
CA PHE A 84 -15.39 -23.80 62.42
C PHE A 84 -14.34 -24.36 63.38
N TRP A 85 -13.44 -25.20 62.84
CA TRP A 85 -12.41 -25.79 63.68
C TRP A 85 -11.35 -24.77 64.08
N ASP A 86 -11.07 -23.79 63.22
CA ASP A 86 -10.06 -22.79 63.56
C ASP A 86 -10.60 -21.79 64.58
N LYS A 87 -11.91 -21.70 64.71
CA LYS A 87 -12.47 -20.78 65.70
C LYS A 87 -12.68 -21.46 67.05
N LEU A 88 -13.46 -22.55 67.10
CA LEU A 88 -13.81 -23.08 68.40
C LEU A 88 -12.88 -24.18 68.92
N GLN A 89 -11.91 -24.61 68.11
CA GLN A 89 -10.86 -25.60 68.43
C GLN A 89 -11.41 -26.93 68.95
N ALA A 90 -10.67 -27.57 69.85
CA ALA A 90 -11.08 -28.85 70.44
C ALA A 90 -11.78 -28.69 71.78
N ASP A 91 -11.62 -27.54 72.44
CA ASP A 91 -12.23 -27.33 73.75
C ASP A 91 -13.73 -27.13 73.63
N LYS A 92 -14.15 -26.33 72.66
CA LYS A 92 -15.56 -25.99 72.48
C LYS A 92 -16.21 -26.82 71.36
N PHE A 93 -15.77 -28.07 71.26
CA PHE A 93 -16.41 -29.05 70.39
C PHE A 93 -17.00 -30.20 71.19
N SER A 94 -16.20 -30.80 72.08
CA SER A 94 -16.63 -32.00 72.78
C SER A 94 -17.65 -31.73 73.87
N GLN A 95 -17.63 -30.53 74.45
CA GLN A 95 -18.46 -30.29 75.63
C GLN A 95 -19.90 -29.93 75.27
N LEU A 96 -20.17 -29.61 74.01
CA LEU A 96 -21.52 -29.28 73.59
C LEU A 96 -21.96 -29.98 72.31
N LEU A 97 -21.15 -30.90 71.77
CA LEU A 97 -21.62 -31.74 70.68
C LEU A 97 -21.35 -33.20 70.99
N GLY A 98 -20.31 -33.47 71.78
CA GLY A 98 -20.07 -34.84 72.26
C GLY A 98 -21.03 -35.26 73.34
N THR A 99 -21.63 -34.31 74.06
CA THR A 99 -22.59 -34.57 75.10
C THR A 99 -24.03 -34.53 74.59
N SER A 100 -24.22 -34.41 73.29
CA SER A 100 -25.56 -34.29 72.71
C SER A 100 -26.28 -35.63 72.71
N GLU A 101 -27.58 -35.57 72.45
CA GLU A 101 -28.40 -36.78 72.40
C GLU A 101 -28.11 -37.58 71.13
N ASN A 102 -27.78 -36.89 70.03
CA ASN A 102 -27.47 -37.52 68.76
C ASN A 102 -26.01 -37.23 68.43
N PRO A 103 -25.07 -38.11 68.79
CA PRO A 103 -23.66 -37.88 68.48
C PRO A 103 -23.20 -38.41 67.13
N ARG A 104 -24.12 -38.69 66.21
CA ARG A 104 -23.73 -39.21 64.90
C ARG A 104 -23.17 -38.10 64.04
N LEU A 105 -22.09 -38.39 63.31
CA LEU A 105 -21.58 -37.48 62.30
C LEU A 105 -20.82 -38.27 61.24
N VAL A 106 -20.85 -37.76 60.01
CA VAL A 106 -20.19 -38.38 58.88
C VAL A 106 -19.14 -37.42 58.35
N ALA A 107 -17.96 -37.95 58.02
CA ALA A 107 -16.86 -37.18 57.46
C ALA A 107 -16.71 -37.53 55.99
N LYS A 108 -16.65 -36.50 55.14
CA LYS A 108 -16.49 -36.69 53.71
C LYS A 108 -15.34 -35.83 53.19
N THR A 109 -14.58 -36.40 52.26
CA THR A 109 -13.67 -35.64 51.41
C THR A 109 -14.15 -35.71 49.98
N ILE A 110 -14.09 -34.58 49.29
CA ILE A 110 -14.31 -34.53 47.85
C ILE A 110 -12.99 -34.14 47.19
N ILE A 111 -12.70 -34.76 46.06
CA ILE A 111 -11.48 -34.50 45.30
C ILE A 111 -11.87 -33.98 43.94
N GLY A 112 -11.47 -32.75 43.64
CA GLY A 112 -11.66 -32.22 42.31
C GLY A 112 -10.36 -32.31 41.52
N TYR A 113 -10.36 -33.05 40.43
CA TYR A 113 -9.16 -33.28 39.64
C TYR A 113 -9.37 -32.74 38.24
N CYS A 114 -8.36 -32.02 37.74
CA CYS A 114 -8.36 -31.48 36.39
C CYS A 114 -7.17 -32.02 35.64
N ASP A 115 -7.42 -32.68 34.51
CA ASP A 115 -6.37 -33.25 33.67
C ASP A 115 -5.93 -32.30 32.57
N SER A 116 -6.16 -30.98 32.75
CA SER A 116 -6.06 -29.85 31.83
C SER A 116 -7.02 -29.94 30.65
N MET A 117 -7.96 -30.87 30.64
CA MET A 117 -9.03 -30.90 29.67
C MET A 117 -10.41 -30.93 30.30
N LYS A 118 -10.61 -31.74 31.34
CA LYS A 118 -11.92 -31.93 31.95
C LYS A 118 -11.78 -31.88 33.47
N ILE A 119 -12.92 -31.98 34.14
CA ILE A 119 -13.00 -31.92 35.60
C ILE A 119 -13.60 -33.23 36.08
N TYR A 120 -12.89 -33.92 36.97
CA TYR A 120 -13.28 -35.22 37.48
C TYR A 120 -13.41 -35.14 39.00
N ILE A 121 -14.49 -35.71 39.52
CA ILE A 121 -14.87 -35.56 40.93
C ILE A 121 -14.92 -36.94 41.57
N PHE A 122 -14.17 -37.12 42.66
CA PHE A 122 -14.15 -38.35 43.43
C PHE A 122 -14.40 -38.03 44.89
N GLU A 123 -15.12 -38.92 45.58
CA GLU A 123 -15.55 -38.66 46.94
C GLU A 123 -15.52 -39.93 47.77
N GLY A 124 -15.51 -39.75 49.08
CA GLY A 124 -15.63 -40.85 50.02
C GLY A 124 -16.32 -40.37 51.27
N GLU A 125 -16.79 -41.33 52.07
CA GLU A 125 -17.51 -41.00 53.30
C GLU A 125 -17.28 -42.09 54.34
N THR A 126 -17.27 -41.67 55.61
CA THR A 126 -17.20 -42.59 56.74
C THR A 126 -18.11 -42.10 57.85
N GLN A 127 -19.07 -42.93 58.24
CA GLN A 127 -19.91 -42.64 59.38
C GLN A 127 -19.10 -42.75 60.67
N GLY A 128 -19.46 -41.93 61.65
CA GLY A 128 -18.69 -41.92 62.88
C GLY A 128 -19.44 -41.27 64.03
N THR A 129 -18.71 -41.06 65.12
CA THR A 129 -19.25 -40.53 66.36
C THR A 129 -18.30 -39.49 66.92
N ILE A 130 -18.87 -38.45 67.55
CA ILE A 130 -18.06 -37.41 68.19
C ILE A 130 -17.74 -37.85 69.61
N SER A 131 -16.45 -37.76 69.98
CA SER A 131 -16.02 -38.07 71.33
C SER A 131 -16.53 -37.02 72.32
N PRO A 132 -16.80 -37.41 73.57
CA PRO A 132 -17.10 -36.41 74.60
C PRO A 132 -15.87 -35.73 75.18
N VAL A 133 -14.68 -36.16 74.79
CA VAL A 133 -13.42 -35.59 75.28
C VAL A 133 -12.36 -35.71 74.20
N PRO A 134 -11.57 -34.65 73.99
CA PRO A 134 -10.41 -34.76 73.09
C PRO A 134 -9.39 -35.76 73.60
N LYS A 135 -9.06 -36.72 72.75
CA LYS A 135 -8.27 -37.89 73.14
C LYS A 135 -7.33 -38.24 72.01
N GLY A 136 -6.04 -38.27 72.31
CA GLY A 136 -5.02 -38.44 71.29
C GLY A 136 -4.22 -37.16 71.10
N PRO A 137 -3.23 -37.20 70.20
CA PRO A 137 -2.49 -35.97 69.86
C PRO A 137 -3.36 -34.96 69.12
N ARG A 138 -2.96 -33.69 69.22
CA ARG A 138 -3.71 -32.58 68.65
C ARG A 138 -2.89 -31.83 67.61
N ASP A 139 -2.18 -32.56 66.75
CA ASP A 139 -1.34 -31.95 65.73
C ASP A 139 -2.01 -31.91 64.35
N PHE A 140 -3.11 -32.63 64.16
CA PHE A 140 -3.77 -32.74 62.87
C PHE A 140 -5.27 -32.53 63.04
N GLN A 141 -5.63 -31.44 63.72
CA GLN A 141 -6.98 -30.86 63.80
C GLN A 141 -7.91 -31.84 64.52
N TRP A 142 -9.03 -32.25 63.91
CA TRP A 142 -10.08 -32.97 64.62
C TRP A 142 -9.94 -34.49 64.55
N ASP A 143 -8.74 -35.03 64.36
CA ASP A 143 -8.57 -36.47 64.41
C ASP A 143 -8.71 -37.01 65.83
N CYS A 144 -8.46 -36.17 66.84
CA CYS A 144 -8.58 -36.54 68.23
C CYS A 144 -10.02 -36.44 68.76
N ILE A 145 -10.96 -36.01 67.93
CA ILE A 145 -12.36 -35.91 68.31
C ILE A 145 -13.25 -36.88 67.56
N PHE A 146 -12.76 -37.52 66.50
CA PHE A 146 -13.58 -38.35 65.62
C PHE A 146 -13.41 -39.82 66.00
N ILE A 147 -14.49 -40.43 66.49
CA ILE A 147 -14.54 -41.88 66.68
C ILE A 147 -15.10 -42.48 65.39
N PRO A 148 -14.36 -43.33 64.68
CA PRO A 148 -14.92 -43.99 63.51
C PRO A 148 -15.88 -45.10 63.92
N ASP A 149 -16.67 -45.56 62.94
CA ASP A 149 -17.66 -46.59 63.20
C ASP A 149 -16.99 -47.95 63.36
N GLY A 150 -17.27 -48.62 64.47
CA GLY A 150 -16.73 -49.93 64.75
C GLY A 150 -15.54 -49.95 65.68
N GLU A 151 -15.01 -48.79 66.07
CA GLU A 151 -13.87 -48.70 66.96
C GLU A 151 -14.19 -47.75 68.11
N SER A 152 -13.29 -47.73 69.09
CA SER A 152 -13.40 -46.84 70.24
C SER A 152 -12.22 -45.89 70.37
N GLU A 153 -11.24 -45.97 69.47
CA GLU A 153 -10.10 -45.08 69.48
C GLU A 153 -10.32 -43.97 68.47
N THR A 154 -9.82 -42.78 68.78
CA THR A 154 -9.88 -41.67 67.84
C THR A 154 -8.87 -41.88 66.70
N PHE A 155 -9.00 -41.05 65.66
CA PHE A 155 -8.11 -41.17 64.52
C PHE A 155 -6.69 -40.73 64.84
N ALA A 156 -6.50 -39.89 65.86
CA ALA A 156 -5.17 -39.43 66.24
C ALA A 156 -4.39 -40.54 66.95
N GLU A 157 -5.06 -41.25 67.87
CA GLU A 157 -4.39 -42.29 68.64
C GLU A 157 -4.22 -43.58 67.84
N MET A 158 -4.99 -43.75 66.76
CA MET A 158 -4.98 -44.99 65.98
C MET A 158 -3.68 -45.16 65.19
N GLY A 159 -3.09 -44.07 64.70
CA GLY A 159 -1.75 -44.11 64.18
C GLY A 159 -1.68 -44.05 62.67
N ASP A 160 -0.81 -44.90 62.11
CA ASP A 160 -0.64 -44.97 60.66
C ASP A 160 -1.70 -45.83 59.98
N ARG A 161 -2.57 -46.51 60.74
CA ARG A 161 -3.67 -47.26 60.16
C ARG A 161 -4.93 -46.36 60.08
N LYS A 162 -4.75 -45.07 60.37
CA LYS A 162 -5.81 -44.07 60.15
C LYS A 162 -6.21 -44.01 58.68
N ASN A 163 -5.23 -44.01 57.78
CA ASN A 163 -5.49 -43.97 56.36
C ASN A 163 -5.52 -45.35 55.74
N GLU A 164 -6.31 -46.24 56.35
CA GLU A 164 -6.71 -47.51 55.74
C GLU A 164 -8.20 -47.71 55.72
N ILE A 165 -8.96 -47.08 56.62
CA ILE A 165 -10.41 -47.19 56.66
C ILE A 165 -11.03 -45.82 56.42
N SER A 166 -10.18 -44.79 56.32
CA SER A 166 -10.66 -43.41 56.27
C SER A 166 -11.33 -43.08 54.95
N MET A 167 -12.14 -42.03 54.98
CA MET A 167 -12.85 -41.55 53.80
C MET A 167 -11.89 -40.94 52.78
N ARG A 168 -10.78 -40.36 53.26
CA ARG A 168 -9.71 -39.91 52.38
C ARG A 168 -9.07 -41.08 51.66
N LYS A 169 -8.94 -42.23 52.34
CA LYS A 169 -8.36 -43.41 51.70
C LYS A 169 -9.29 -43.99 50.63
N LYS A 170 -10.60 -43.95 50.86
CA LYS A 170 -11.54 -44.42 49.84
C LYS A 170 -11.57 -43.50 48.63
N ALA A 171 -11.59 -42.17 48.88
CA ALA A 171 -11.59 -41.20 47.78
C ALA A 171 -10.30 -41.25 46.98
N PHE A 172 -9.16 -41.42 47.65
CA PHE A 172 -7.92 -41.56 46.94
C PHE A 172 -7.71 -42.93 46.34
N ASP A 173 -8.44 -43.95 46.82
CA ASP A 173 -8.45 -45.24 46.13
C ASP A 173 -9.17 -45.12 44.79
N LYS A 174 -10.29 -44.40 44.76
CA LYS A 174 -10.97 -44.15 43.48
C LYS A 174 -10.15 -43.25 42.57
N PHE A 175 -9.47 -42.25 43.14
CA PHE A 175 -8.58 -41.38 42.37
C PHE A 175 -7.39 -42.15 41.80
N LYS A 176 -6.79 -43.02 42.61
CA LYS A 176 -5.66 -43.85 42.17
C LYS A 176 -6.10 -44.86 41.12
N GLU A 177 -7.32 -45.40 41.27
CA GLU A 177 -7.89 -46.31 40.27
C GLU A 177 -8.09 -45.63 38.93
N TYR A 178 -8.60 -44.39 38.93
CA TYR A 178 -8.79 -43.68 37.67
C TYR A 178 -7.45 -43.25 37.08
N LEU A 179 -6.46 -42.94 37.93
CA LEU A 179 -5.15 -42.55 37.41
C LEU A 179 -4.41 -43.74 36.84
N LEU A 180 -4.68 -44.96 37.35
CA LEU A 180 -3.95 -46.12 36.86
C LEU A 180 -4.62 -46.75 35.64
N GLU A 181 -5.96 -46.70 35.55
CA GLU A 181 -6.59 -47.18 34.32
C GLU A 181 -6.42 -46.19 33.17
N GLY A 182 -6.36 -44.89 33.48
CA GLY A 182 -5.99 -43.91 32.48
C GLY A 182 -7.05 -42.85 32.33
N GLY A 183 -6.88 -42.03 31.29
CA GLY A 183 -7.75 -40.89 31.05
C GLY A 183 -9.12 -41.24 30.52
N LYS A 184 -9.96 -41.85 31.36
CA LYS A 184 -11.31 -42.24 30.98
C LYS A 184 -12.31 -41.13 31.29
N MET B 1 -30.20 11.85 44.28
CA MET B 1 -29.19 10.82 44.07
C MET B 1 -29.85 9.48 43.79
N ASN B 2 -29.30 8.75 42.82
CA ASN B 2 -29.87 7.47 42.39
C ASN B 2 -28.81 6.39 42.55
N ILE B 3 -29.02 5.49 43.51
CA ILE B 3 -28.05 4.47 43.88
C ILE B 3 -28.78 3.13 43.75
N ARG B 4 -28.05 2.08 43.40
CA ARG B 4 -28.64 0.76 43.23
C ARG B 4 -28.19 -0.18 44.34
N PHE B 5 -28.95 -1.25 44.53
CA PHE B 5 -28.73 -2.18 45.64
C PHE B 5 -28.98 -3.59 45.15
N ILE B 6 -28.05 -4.50 45.43
CA ILE B 6 -28.17 -5.90 45.03
C ILE B 6 -28.19 -6.75 46.29
N THR B 7 -29.17 -7.65 46.39
CA THR B 7 -29.34 -8.48 47.57
C THR B 7 -30.05 -9.76 47.19
N ARG B 8 -30.37 -10.56 48.21
CA ARG B 8 -31.30 -11.67 48.05
C ARG B 8 -32.44 -11.64 49.06
N ASN B 9 -32.33 -10.83 50.10
CA ASN B 9 -33.39 -10.69 51.10
C ASN B 9 -34.39 -9.66 50.58
N ARG B 10 -35.66 -10.07 50.47
CA ARG B 10 -36.68 -9.14 50.01
C ARG B 10 -37.08 -8.16 51.11
N HIS B 11 -36.84 -8.50 52.37
CA HIS B 11 -37.20 -7.60 53.46
C HIS B 11 -36.08 -6.59 53.73
N LYS B 12 -34.85 -6.89 53.26
CA LYS B 12 -33.79 -5.90 53.27
C LYS B 12 -34.14 -4.71 52.38
N ILE B 13 -34.78 -5.00 51.24
CA ILE B 13 -35.30 -3.97 50.34
C ILE B 13 -36.36 -3.12 51.05
N LYS B 14 -37.24 -3.76 51.82
CA LYS B 14 -38.29 -3.06 52.55
C LYS B 14 -37.72 -2.16 53.64
N GLU B 15 -36.73 -2.66 54.39
CA GLU B 15 -36.15 -1.87 55.47
C GLU B 15 -35.30 -0.72 54.94
N ILE B 16 -34.57 -0.94 53.84
CA ILE B 16 -33.74 0.13 53.29
C ILE B 16 -34.62 1.15 52.57
N ASN B 17 -35.78 0.73 52.05
CA ASN B 17 -36.77 1.66 51.54
C ASN B 17 -37.35 2.53 52.66
N LYS B 18 -37.68 1.93 53.79
CA LYS B 18 -38.39 2.68 54.83
C LYS B 18 -37.45 3.42 55.79
N ILE B 19 -36.16 3.07 55.83
CA ILE B 19 -35.18 3.91 56.51
C ILE B 19 -34.92 5.17 55.69
N LEU B 20 -34.75 5.02 54.38
CA LEU B 20 -34.40 6.11 53.48
C LEU B 20 -35.62 6.84 52.92
N SER B 21 -36.74 6.84 53.64
CA SER B 21 -37.91 7.60 53.21
C SER B 21 -37.74 9.06 53.60
N GLY B 22 -37.68 9.94 52.60
CA GLY B 22 -37.64 11.36 52.84
C GLY B 22 -36.26 11.98 52.94
N THR B 23 -35.19 11.19 52.87
CA THR B 23 -33.85 11.77 52.94
C THR B 23 -33.44 12.38 51.61
N GLY B 24 -34.07 12.01 50.51
CA GLY B 24 -33.72 12.53 49.22
C GLY B 24 -33.24 11.48 48.24
N VAL B 25 -32.55 10.47 48.75
CA VAL B 25 -32.02 9.42 47.88
C VAL B 25 -33.05 8.30 47.75
N VAL B 26 -32.96 7.56 46.64
CA VAL B 26 -33.83 6.42 46.36
C VAL B 26 -32.95 5.26 45.93
N VAL B 27 -33.43 4.04 46.14
CA VAL B 27 -32.69 2.85 45.77
C VAL B 27 -33.50 2.03 44.76
N LEU B 28 -32.81 1.48 43.78
CA LEU B 28 -33.42 0.61 42.77
C LEU B 28 -32.90 -0.80 43.00
N ALA B 29 -33.62 -1.54 43.83
CA ALA B 29 -33.13 -2.83 44.29
C ALA B 29 -33.38 -3.92 43.25
N SER B 30 -32.45 -4.87 43.21
CA SER B 30 -32.56 -6.04 42.35
C SER B 30 -32.13 -7.26 43.14
N GLU B 31 -32.71 -8.41 42.81
CA GLU B 31 -32.42 -9.65 43.51
C GLU B 31 -31.53 -10.53 42.64
N HIS B 32 -30.34 -10.87 43.14
CA HIS B 32 -29.43 -11.73 42.40
C HIS B 32 -28.82 -12.86 43.23
N SER B 33 -28.69 -12.71 44.55
CA SER B 33 -28.03 -13.65 45.47
C SER B 33 -26.57 -13.90 45.09
N ILE B 34 -25.78 -12.83 45.28
CA ILE B 34 -24.32 -12.93 45.18
C ILE B 34 -23.81 -13.85 46.28
N ASP B 35 -22.96 -14.81 45.91
CA ASP B 35 -22.36 -15.71 46.89
C ASP B 35 -21.14 -15.05 47.51
N GLU B 36 -21.17 -14.95 48.83
CA GLU B 36 -20.05 -14.35 49.55
C GLU B 36 -18.92 -15.32 49.69
N ILE B 37 -17.82 -14.84 50.27
CA ILE B 37 -16.67 -15.71 50.50
C ILE B 37 -16.53 -15.98 51.97
N GLN B 38 -15.66 -16.93 52.30
CA GLN B 38 -15.42 -17.27 53.70
C GLN B 38 -14.08 -16.70 54.13
N THR B 39 -14.13 -15.57 54.82
CA THR B 39 -12.95 -14.94 55.37
C THR B 39 -13.24 -14.44 56.78
N GLU B 40 -12.19 -14.00 57.46
CA GLU B 40 -12.34 -13.44 58.79
C GLU B 40 -12.63 -11.95 58.75
N ASN B 41 -11.86 -11.19 57.97
CA ASN B 41 -12.10 -9.76 57.85
C ASN B 41 -13.30 -9.50 56.94
N VAL B 42 -14.20 -8.62 57.40
CA VAL B 42 -15.36 -8.28 56.59
C VAL B 42 -15.03 -7.25 55.52
N HIS B 43 -13.83 -6.65 55.58
CA HIS B 43 -13.44 -5.66 54.58
C HIS B 43 -13.19 -6.31 53.22
N ALA B 44 -12.44 -7.42 53.22
CA ALA B 44 -12.19 -8.15 51.98
C ALA B 44 -13.46 -8.83 51.46
N LEU B 45 -14.33 -9.25 52.39
CA LEU B 45 -15.63 -9.84 52.03
C LEU B 45 -16.53 -8.83 51.34
N ILE B 46 -16.64 -7.63 51.91
CA ILE B 46 -17.53 -6.64 51.31
C ILE B 46 -16.88 -6.03 50.07
N LYS B 47 -15.56 -6.07 49.96
CA LYS B 47 -14.90 -5.62 48.73
C LYS B 47 -15.15 -6.61 47.60
N ASP B 48 -15.10 -7.91 47.89
CA ASP B 48 -15.39 -8.93 46.88
C ASP B 48 -16.86 -8.90 46.48
N LYS B 49 -17.76 -8.70 47.45
CA LYS B 49 -19.19 -8.67 47.15
C LYS B 49 -19.56 -7.42 46.35
N LEU B 50 -18.96 -6.27 46.70
CA LEU B 50 -19.20 -5.04 45.94
C LEU B 50 -18.56 -5.11 44.56
N LEU B 51 -17.44 -5.84 44.42
CA LEU B 51 -16.84 -6.05 43.11
C LEU B 51 -17.74 -6.88 42.21
N LYS B 52 -18.36 -7.93 42.75
CA LYS B 52 -19.30 -8.73 41.95
C LYS B 52 -20.56 -7.94 41.62
N ALA B 53 -21.03 -7.10 42.55
CA ALA B 53 -22.21 -6.28 42.29
C ALA B 53 -21.93 -5.19 41.26
N PHE B 54 -20.71 -4.63 41.27
CA PHE B 54 -20.35 -3.62 40.28
C PHE B 54 -20.07 -4.25 38.92
N LYS B 55 -19.56 -5.48 38.91
CA LYS B 55 -19.42 -6.20 37.64
C LYS B 55 -20.77 -6.57 37.05
N LEU B 56 -21.76 -6.82 37.90
CA LEU B 56 -23.09 -7.10 37.40
C LEU B 56 -23.87 -5.85 36.98
N VAL B 57 -23.73 -4.74 37.70
CA VAL B 57 -24.48 -3.51 37.41
C VAL B 57 -23.72 -2.59 36.47
N GLY B 58 -22.53 -2.14 36.87
CA GLY B 58 -21.76 -1.19 36.10
C GLY B 58 -22.08 0.26 36.36
N ARG B 59 -22.97 0.55 37.29
CA ARG B 59 -23.40 1.88 37.67
C ARG B 59 -23.09 2.05 39.15
N PRO B 60 -23.27 3.29 39.73
CA PRO B 60 -23.20 3.42 41.20
C PRO B 60 -24.16 2.53 41.97
N VAL B 61 -23.57 1.59 42.72
CA VAL B 61 -24.30 0.53 43.40
C VAL B 61 -23.65 0.33 44.77
N PHE B 62 -24.47 0.10 45.79
CA PHE B 62 -23.97 -0.31 47.09
C PHE B 62 -24.50 -1.70 47.43
N VAL B 63 -23.78 -2.38 48.31
CA VAL B 63 -24.17 -3.70 48.78
C VAL B 63 -23.97 -3.69 50.30
N GLU B 64 -24.65 -4.62 50.99
CA GLU B 64 -24.62 -4.63 52.44
C GLU B 64 -24.58 -6.07 52.93
N HIS B 65 -23.70 -6.32 53.91
CA HIS B 65 -23.61 -7.61 54.57
C HIS B 65 -23.86 -7.43 56.06
N THR B 66 -24.61 -8.35 56.66
CA THR B 66 -25.09 -8.22 58.03
C THR B 66 -24.58 -9.43 58.82
N GLY B 67 -23.95 -9.18 59.97
CA GLY B 67 -23.35 -10.26 60.74
C GLY B 67 -23.63 -10.16 62.23
N LEU B 68 -23.95 -11.31 62.81
CA LEU B 68 -23.99 -11.52 64.25
C LEU B 68 -22.61 -11.95 64.73
N TYR B 69 -22.32 -11.69 66.01
CA TYR B 69 -21.03 -12.09 66.59
C TYR B 69 -21.29 -12.53 68.03
N ILE B 70 -21.44 -13.83 68.24
CA ILE B 70 -21.79 -14.37 69.54
C ILE B 70 -20.52 -14.57 70.37
N GLU B 71 -20.52 -14.00 71.58
CA GLU B 71 -19.33 -14.02 72.43
C GLU B 71 -19.07 -15.41 73.00
N SER B 72 -20.13 -16.20 73.18
CA SER B 72 -19.95 -17.57 73.65
C SER B 72 -19.36 -18.46 72.55
N LEU B 73 -19.57 -18.08 71.29
CA LEU B 73 -18.99 -18.78 70.16
C LEU B 73 -17.70 -18.13 69.66
N ASN B 74 -17.16 -17.19 70.47
CA ASN B 74 -15.89 -16.49 70.24
C ASN B 74 -16.01 -15.63 68.95
N GLY B 75 -17.22 -15.14 68.70
CA GLY B 75 -17.50 -14.39 67.49
C GLY B 75 -17.44 -15.21 66.22
N PHE B 76 -18.02 -16.41 66.24
CA PHE B 76 -17.99 -17.28 65.06
C PHE B 76 -18.74 -16.74 63.84
N PRO B 77 -20.03 -16.24 63.92
CA PRO B 77 -20.63 -15.73 62.68
C PRO B 77 -20.08 -14.36 62.27
N GLY B 78 -20.71 -13.76 61.28
CA GLY B 78 -20.25 -12.47 60.81
C GLY B 78 -19.45 -12.68 59.55
N GLY B 79 -20.06 -12.40 58.42
CA GLY B 79 -19.57 -12.87 57.15
C GLY B 79 -20.30 -14.12 56.72
N LEU B 80 -20.62 -15.00 57.68
CA LEU B 80 -21.13 -16.35 57.43
C LEU B 80 -22.39 -16.63 58.26
N THR B 81 -23.23 -15.61 58.43
CA THR B 81 -24.41 -15.75 59.27
C THR B 81 -25.59 -16.38 58.52
N GLN B 82 -25.60 -16.26 57.19
CA GLN B 82 -26.76 -16.65 56.39
C GLN B 82 -26.95 -18.16 56.36
N ILE B 83 -25.87 -18.90 56.15
CA ILE B 83 -25.93 -20.36 56.13
C ILE B 83 -26.25 -20.90 57.52
N PHE B 84 -25.76 -20.22 58.56
CA PHE B 84 -26.02 -20.55 59.95
C PHE B 84 -27.51 -20.46 60.28
N TRP B 85 -28.12 -19.31 59.95
CA TRP B 85 -29.54 -19.12 60.25
C TRP B 85 -30.41 -19.96 59.32
N ASP B 86 -29.98 -20.16 58.07
CA ASP B 86 -30.78 -20.96 57.14
C ASP B 86 -30.71 -22.44 57.46
N LYS B 87 -29.69 -22.86 58.22
CA LYS B 87 -29.59 -24.26 58.57
C LYS B 87 -30.28 -24.56 59.90
N LEU B 88 -29.90 -23.88 60.98
CA LEU B 88 -30.42 -24.29 62.28
C LEU B 88 -31.69 -23.54 62.72
N GLN B 89 -32.13 -22.54 61.95
CA GLN B 89 -33.34 -21.75 62.17
C GLN B 89 -33.44 -21.12 63.55
N ALA B 90 -34.66 -20.97 64.07
CA ALA B 90 -34.90 -20.40 65.39
C ALA B 90 -35.03 -21.44 66.49
N ASP B 91 -35.29 -22.70 66.12
CA ASP B 91 -35.46 -23.75 67.13
C ASP B 91 -34.13 -24.14 67.75
N LYS B 92 -33.10 -24.28 66.92
CA LYS B 92 -31.78 -24.73 67.39
C LYS B 92 -30.82 -23.55 67.54
N PHE B 93 -31.36 -22.42 67.97
CA PHE B 93 -30.56 -21.26 68.37
C PHE B 93 -30.76 -20.94 69.84
N SER B 94 -32.00 -20.84 70.30
CA SER B 94 -32.27 -20.37 71.65
C SER B 94 -31.99 -21.43 72.71
N GLN B 95 -32.07 -22.72 72.35
CA GLN B 95 -31.99 -23.76 73.37
C GLN B 95 -30.55 -24.11 73.73
N LEU B 96 -29.58 -23.68 72.93
CA LEU B 96 -28.18 -23.97 73.21
C LEU B 96 -27.27 -22.75 73.09
N LEU B 97 -27.82 -21.57 72.86
CA LEU B 97 -27.01 -20.36 72.95
C LEU B 97 -27.69 -19.33 73.85
N GLY B 98 -29.02 -19.37 73.91
CA GLY B 98 -29.73 -18.53 74.86
C GLY B 98 -29.62 -19.01 76.29
N THR B 99 -29.35 -20.30 76.49
CA THR B 99 -29.18 -20.89 77.81
C THR B 99 -27.72 -20.92 78.24
N SER B 100 -26.82 -20.28 77.49
CA SER B 100 -25.40 -20.31 77.80
C SER B 100 -25.08 -19.40 78.98
N GLU B 101 -23.86 -19.55 79.49
CA GLU B 101 -23.41 -18.73 80.61
C GLU B 101 -23.11 -17.31 80.16
N ASN B 102 -22.65 -17.15 78.92
CA ASN B 102 -22.33 -15.84 78.34
C ASN B 102 -23.28 -15.60 77.18
N PRO B 103 -24.41 -14.92 77.40
CA PRO B 103 -25.36 -14.63 76.32
C PRO B 103 -25.10 -13.35 75.55
N ARG B 104 -23.91 -12.77 75.67
CA ARG B 104 -23.62 -11.52 74.98
C ARG B 104 -23.39 -11.78 73.50
N LEU B 105 -23.93 -10.91 72.65
CA LEU B 105 -23.63 -10.93 71.23
C LEU B 105 -23.81 -9.55 70.64
N VAL B 106 -23.02 -9.24 69.62
CA VAL B 106 -23.07 -7.95 68.94
C VAL B 106 -23.45 -8.20 67.48
N ALA B 107 -24.33 -7.34 66.95
CA ALA B 107 -24.77 -7.41 65.57
C ALA B 107 -24.17 -6.25 64.80
N LYS B 108 -23.55 -6.55 63.66
CA LYS B 108 -22.94 -5.53 62.81
C LYS B 108 -23.43 -5.68 61.38
N THR B 109 -23.66 -4.54 60.74
CA THR B 109 -23.78 -4.46 59.29
C THR B 109 -22.62 -3.67 58.73
N ILE B 110 -22.07 -4.14 57.61
CA ILE B 110 -21.11 -3.38 56.84
C ILE B 110 -21.75 -3.04 55.49
N ILE B 111 -21.48 -1.84 55.01
CA ILE B 111 -22.03 -1.36 53.75
C ILE B 111 -20.85 -1.04 52.82
N GLY B 112 -20.77 -1.77 51.72
CA GLY B 112 -19.79 -1.44 50.71
C GLY B 112 -20.44 -0.66 49.59
N TYR B 113 -19.99 0.57 49.36
CA TYR B 113 -20.58 1.45 48.37
C TYR B 113 -19.55 1.79 47.30
N CYS B 114 -19.96 1.72 46.05
CA CYS B 114 -19.11 2.08 44.91
C CYS B 114 -19.79 3.18 44.12
N ASP B 115 -19.10 4.31 43.97
CA ASP B 115 -19.61 5.46 43.22
C ASP B 115 -19.18 5.44 41.76
N SER B 116 -18.84 4.26 41.24
CA SER B 116 -18.20 3.91 39.97
C SER B 116 -16.78 4.48 39.82
N MET B 117 -16.19 5.04 40.88
CA MET B 117 -14.80 5.42 40.88
C MET B 117 -14.02 4.80 42.04
N LYS B 118 -14.59 4.79 43.24
CA LYS B 118 -13.89 4.32 44.43
C LYS B 118 -14.81 3.43 45.24
N ILE B 119 -14.27 2.88 46.33
CA ILE B 119 -15.00 1.98 47.21
C ILE B 119 -15.02 2.60 48.61
N TYR B 120 -16.22 2.77 49.15
CA TYR B 120 -16.44 3.42 50.44
C TYR B 120 -17.14 2.45 51.37
N ILE B 121 -16.66 2.38 52.61
CA ILE B 121 -17.09 1.36 53.57
C ILE B 121 -17.66 2.06 54.79
N PHE B 122 -18.90 1.71 55.14
CA PHE B 122 -19.58 2.24 56.31
C PHE B 122 -20.11 1.08 57.14
N GLU B 123 -20.07 1.24 58.47
CA GLU B 123 -20.40 0.16 59.37
C GLU B 123 -21.14 0.69 60.60
N GLY B 124 -21.82 -0.23 61.29
CA GLY B 124 -22.46 0.06 62.55
C GLY B 124 -22.48 -1.18 63.41
N GLU B 125 -22.71 -0.99 64.70
CA GLU B 125 -22.73 -2.11 65.64
C GLU B 125 -23.70 -1.81 66.77
N THR B 126 -24.32 -2.88 67.29
CA THR B 126 -25.17 -2.79 68.47
C THR B 126 -24.94 -4.01 69.35
N GLN B 127 -24.53 -3.77 70.59
CA GLN B 127 -24.41 -4.83 71.58
C GLN B 127 -25.79 -5.35 71.98
N GLY B 128 -25.87 -6.63 72.27
CA GLY B 128 -27.16 -7.21 72.60
C GLY B 128 -27.05 -8.54 73.31
N THR B 129 -28.20 -9.19 73.45
CA THR B 129 -28.32 -10.44 74.19
C THR B 129 -29.20 -11.41 73.40
N ILE B 130 -28.88 -12.70 73.49
CA ILE B 130 -29.68 -13.72 72.83
C ILE B 130 -30.81 -14.15 73.76
N SER B 131 -32.03 -14.19 73.23
CA SER B 131 -33.18 -14.64 73.99
C SER B 131 -33.09 -16.15 74.25
N PRO B 132 -33.63 -16.62 75.39
CA PRO B 132 -33.75 -18.07 75.59
C PRO B 132 -34.93 -18.69 74.86
N VAL B 133 -35.78 -17.89 74.23
CA VAL B 133 -36.95 -18.38 73.51
C VAL B 133 -37.26 -17.44 72.35
N PRO B 134 -37.58 -18.00 71.18
CA PRO B 134 -38.05 -17.16 70.07
C PRO B 134 -39.37 -16.47 70.41
N LYS B 135 -39.36 -15.14 70.27
CA LYS B 135 -40.45 -14.30 70.77
C LYS B 135 -40.67 -13.18 69.77
N GLY B 136 -41.89 -13.06 69.27
CA GLY B 136 -42.21 -12.15 68.21
C GLY B 136 -42.50 -12.88 66.91
N PRO B 137 -42.81 -12.13 65.85
CA PRO B 137 -43.00 -12.75 64.53
C PRO B 137 -41.69 -13.28 63.97
N ARG B 138 -41.81 -14.26 63.06
CA ARG B 138 -40.67 -14.96 62.49
C ARG B 138 -40.62 -14.78 60.97
N ASP B 139 -40.89 -13.56 60.49
CA ASP B 139 -40.89 -13.28 59.07
C ASP B 139 -39.59 -12.64 58.57
N PHE B 140 -38.73 -12.18 59.47
CA PHE B 140 -37.52 -11.46 59.11
C PHE B 140 -36.34 -12.02 59.92
N GLN B 141 -36.20 -13.35 59.89
CA GLN B 141 -35.04 -14.13 60.34
C GLN B 141 -34.85 -13.96 61.84
N TRP B 142 -33.69 -13.50 62.32
CA TRP B 142 -33.37 -13.56 63.73
C TRP B 142 -33.73 -12.30 64.51
N ASP B 143 -34.72 -11.51 64.05
CA ASP B 143 -35.17 -10.38 64.84
C ASP B 143 -35.94 -10.81 66.08
N CYS B 144 -36.52 -12.00 66.06
CA CYS B 144 -37.25 -12.56 67.19
C CYS B 144 -36.35 -13.23 68.23
N ILE B 145 -35.05 -13.27 67.98
CA ILE B 145 -34.09 -13.86 68.92
C ILE B 145 -33.15 -12.82 69.52
N PHE B 146 -33.11 -11.60 68.99
CA PHE B 146 -32.12 -10.60 69.39
C PHE B 146 -32.75 -9.63 70.37
N ILE B 147 -32.26 -9.65 71.61
CA ILE B 147 -32.61 -8.63 72.61
C ILE B 147 -31.57 -7.52 72.49
N PRO B 148 -31.96 -6.29 72.15
CA PRO B 148 -30.99 -5.19 72.14
C PRO B 148 -30.64 -4.74 73.55
N ASP B 149 -29.56 -3.98 73.66
CA ASP B 149 -29.10 -3.51 74.96
C ASP B 149 -30.01 -2.39 75.48
N GLY B 150 -30.50 -2.57 76.71
CA GLY B 150 -31.37 -1.60 77.33
C GLY B 150 -32.85 -1.89 77.26
N GLU B 151 -33.25 -2.93 76.52
CA GLU B 151 -34.66 -3.29 76.40
C GLU B 151 -34.84 -4.76 76.71
N SER B 152 -36.10 -5.18 76.80
CA SER B 152 -36.45 -6.57 77.03
C SER B 152 -37.30 -7.17 75.92
N GLU B 153 -37.62 -6.38 74.89
CA GLU B 153 -38.39 -6.86 73.75
C GLU B 153 -37.44 -7.19 72.61
N THR B 154 -37.78 -8.22 71.83
CA THR B 154 -36.99 -8.54 70.65
C THR B 154 -37.24 -7.52 69.55
N PHE B 155 -36.41 -7.59 68.50
CA PHE B 155 -36.54 -6.65 67.39
C PHE B 155 -37.79 -6.90 66.56
N ALA B 156 -38.32 -8.13 66.58
CA ALA B 156 -39.52 -8.43 65.83
C ALA B 156 -40.76 -7.83 66.47
N GLU B 157 -40.88 -7.94 67.80
CA GLU B 157 -42.03 -7.44 68.52
C GLU B 157 -41.99 -5.91 68.69
N MET B 158 -40.81 -5.32 68.56
CA MET B 158 -40.64 -3.88 68.80
C MET B 158 -41.32 -3.03 67.72
N GLY B 159 -41.30 -3.49 66.47
CA GLY B 159 -42.12 -2.88 65.45
C GLY B 159 -41.34 -2.03 64.47
N ASP B 160 -41.92 -0.86 64.15
CA ASP B 160 -41.28 0.07 63.23
C ASP B 160 -40.22 0.94 63.89
N ARG B 161 -40.05 0.85 65.22
CA ARG B 161 -38.98 1.57 65.90
C ARG B 161 -37.75 0.66 66.02
N LYS B 162 -37.79 -0.49 65.34
CA LYS B 162 -36.62 -1.36 65.19
C LYS B 162 -35.48 -0.64 64.49
N ASN B 163 -35.79 0.09 63.42
CA ASN B 163 -34.78 0.83 62.68
C ASN B 163 -34.70 2.28 63.14
N GLU B 164 -34.56 2.46 64.45
CA GLU B 164 -34.16 3.74 65.04
C GLU B 164 -32.96 3.62 65.96
N ILE B 165 -32.72 2.44 66.55
CA ILE B 165 -31.57 2.21 67.42
C ILE B 165 -30.67 1.16 66.82
N SER B 166 -31.10 0.58 65.68
CA SER B 166 -30.41 -0.58 65.11
C SER B 166 -29.09 -0.19 64.48
N MET B 167 -28.23 -1.21 64.33
CA MET B 167 -26.92 -1.04 63.73
C MET B 167 -27.02 -0.73 62.24
N ARG B 168 -28.08 -1.25 61.59
CA ARG B 168 -28.38 -0.88 60.22
C ARG B 168 -28.74 0.60 60.11
N LYS B 169 -29.44 1.13 61.12
CA LYS B 169 -29.80 2.55 61.12
C LYS B 169 -28.58 3.44 61.31
N LYS B 170 -27.61 3.02 62.14
CA LYS B 170 -26.39 3.80 62.31
C LYS B 170 -25.53 3.77 61.06
N ALA B 171 -25.39 2.58 60.44
CA ALA B 171 -24.60 2.45 59.22
C ALA B 171 -25.23 3.22 58.06
N PHE B 172 -26.55 3.18 57.95
CA PHE B 172 -27.21 3.96 56.91
C PHE B 172 -27.32 5.42 57.25
N ASP B 173 -27.19 5.80 58.53
CA ASP B 173 -27.06 7.21 58.86
C ASP B 173 -25.73 7.76 58.39
N LYS B 174 -24.64 6.99 58.55
CA LYS B 174 -23.36 7.40 58.01
C LYS B 174 -23.35 7.40 56.48
N PHE B 175 -24.01 6.40 55.87
CA PHE B 175 -24.15 6.34 54.41
C PHE B 175 -24.96 7.53 53.88
N LYS B 176 -26.07 7.86 54.54
CA LYS B 176 -26.91 8.99 54.15
C LYS B 176 -26.18 10.31 54.35
N GLU B 177 -25.37 10.40 55.41
CA GLU B 177 -24.54 11.59 55.66
C GLU B 177 -23.53 11.80 54.55
N TYR B 178 -22.86 10.71 54.11
CA TYR B 178 -21.88 10.86 53.05
C TYR B 178 -22.56 11.13 51.71
N LEU B 179 -23.77 10.58 51.51
CA LEU B 179 -24.48 10.84 50.25
C LEU B 179 -25.01 12.26 50.20
N LEU B 180 -25.30 12.87 51.36
CA LEU B 180 -25.86 14.22 51.35
C LEU B 180 -24.77 15.29 51.34
N GLU B 181 -23.62 15.04 51.99
CA GLU B 181 -22.53 16.01 51.87
C GLU B 181 -21.86 15.92 50.51
N GLY B 182 -21.82 14.74 49.91
CA GLY B 182 -21.39 14.61 48.53
C GLY B 182 -20.22 13.66 48.38
N GLY B 183 -19.63 13.66 47.19
CA GLY B 183 -18.57 12.73 46.86
C GLY B 183 -17.23 13.05 47.48
N LYS B 184 -17.13 12.88 48.80
CA LYS B 184 -15.90 13.12 49.53
C LYS B 184 -15.03 11.88 49.62
N MET C 1 36.11 31.44 -27.16
CA MET C 1 34.88 30.71 -27.42
C MET C 1 35.16 29.40 -28.16
N ASN C 2 34.59 28.31 -27.66
CA ASN C 2 34.78 26.98 -28.23
C ASN C 2 33.54 26.59 -29.02
N ILE C 3 33.61 26.72 -30.34
CA ILE C 3 32.49 26.44 -31.22
C ILE C 3 32.87 25.26 -32.11
N ARG C 4 31.88 24.45 -32.46
CA ARG C 4 32.09 23.29 -33.31
C ARG C 4 31.55 23.54 -34.71
N PHE C 5 32.06 22.79 -35.68
CA PHE C 5 31.72 23.00 -37.08
C PHE C 5 31.51 21.64 -37.73
N ILE C 6 30.36 21.47 -38.38
CA ILE C 6 30.03 20.23 -39.08
C ILE C 6 29.96 20.53 -40.57
N THR C 7 30.69 19.76 -41.36
CA THR C 7 30.79 20.03 -42.79
C THR C 7 31.16 18.75 -43.52
N ARG C 8 31.20 18.86 -44.85
CA ARG C 8 31.70 17.82 -45.74
C ARG C 8 33.02 18.20 -46.37
N ASN C 9 33.13 19.49 -46.74
CA ASN C 9 34.35 19.99 -47.42
C ASN C 9 35.49 20.02 -46.42
N ARG C 10 36.63 19.45 -46.80
CA ARG C 10 37.78 19.52 -45.92
C ARG C 10 38.54 20.85 -46.05
N HIS C 11 38.55 21.44 -47.24
CA HIS C 11 39.28 22.69 -47.43
C HIS C 11 38.54 23.86 -46.83
N LYS C 12 37.24 23.72 -46.62
CA LYS C 12 36.44 24.70 -45.89
C LYS C 12 36.92 24.84 -44.46
N ILE C 13 37.33 23.72 -43.85
CA ILE C 13 37.88 23.72 -42.48
C ILE C 13 39.17 24.53 -42.41
N LYS C 14 40.06 24.34 -43.38
CA LYS C 14 41.33 25.09 -43.38
C LYS C 14 41.11 26.56 -43.68
N GLU C 15 40.14 26.89 -44.56
CA GLU C 15 39.83 28.30 -44.83
C GLU C 15 39.27 29.01 -43.59
N ILE C 16 38.32 28.37 -42.90
CA ILE C 16 37.73 28.95 -41.70
C ILE C 16 38.76 29.01 -40.57
N ASN C 17 39.71 28.05 -40.56
CA ASN C 17 40.77 28.07 -39.56
C ASN C 17 41.75 29.23 -39.78
N LYS C 18 42.16 29.48 -41.03
CA LYS C 18 43.13 30.55 -41.23
C LYS C 18 42.45 31.92 -41.26
N ILE C 19 41.14 31.95 -41.49
CA ILE C 19 40.41 33.21 -41.36
C ILE C 19 40.28 33.59 -39.88
N LEU C 20 39.93 32.63 -39.02
CA LEU C 20 39.73 32.88 -37.60
C LEU C 20 41.01 32.70 -36.78
N SER C 21 42.17 32.69 -37.42
CA SER C 21 43.42 32.48 -36.72
C SER C 21 43.82 33.73 -35.94
N GLY C 22 44.15 33.54 -34.66
CA GLY C 22 44.55 34.63 -33.80
C GLY C 22 43.43 35.46 -33.22
N THR C 23 42.17 35.10 -33.49
CA THR C 23 41.04 35.86 -32.97
C THR C 23 40.78 35.62 -31.50
N GLY C 24 40.97 34.39 -31.02
CA GLY C 24 40.62 34.06 -29.65
C GLY C 24 39.66 32.89 -29.62
N VAL C 25 38.73 32.86 -30.58
CA VAL C 25 37.85 31.72 -30.73
C VAL C 25 38.60 30.59 -31.43
N VAL C 26 38.16 29.36 -31.18
CA VAL C 26 38.71 28.19 -31.85
C VAL C 26 37.56 27.37 -32.41
N VAL C 27 37.87 26.56 -33.41
CA VAL C 27 36.86 25.75 -34.10
C VAL C 27 37.28 24.29 -34.00
N LEU C 28 36.39 23.46 -33.46
CA LEU C 28 36.58 22.01 -33.41
C LEU C 28 35.75 21.40 -34.52
N ALA C 29 36.36 21.34 -35.71
CA ALA C 29 35.62 20.92 -36.89
C ALA C 29 35.52 19.40 -36.95
N SER C 30 34.37 18.93 -37.46
CA SER C 30 34.13 17.51 -37.65
C SER C 30 33.52 17.31 -39.02
N GLU C 31 33.70 16.10 -39.57
CA GLU C 31 33.24 15.77 -40.92
C GLU C 31 32.09 14.77 -40.80
N HIS C 32 30.92 15.16 -41.31
CA HIS C 32 29.77 14.27 -41.30
C HIS C 32 28.99 14.21 -42.61
N SER C 33 29.10 15.23 -43.48
CA SER C 33 28.40 15.36 -44.76
C SER C 33 26.87 15.31 -44.59
N ILE C 34 26.38 16.36 -43.92
CA ILE C 34 24.94 16.52 -43.73
C ILE C 34 24.29 16.85 -45.07
N ASP C 35 23.27 16.09 -45.44
CA ASP C 35 22.52 16.36 -46.66
C ASP C 35 21.62 17.58 -46.48
N GLU C 36 21.51 18.36 -47.55
CA GLU C 36 20.67 19.54 -47.50
C GLU C 36 19.34 19.26 -48.16
N ILE C 37 18.43 20.22 -48.08
CA ILE C 37 17.11 20.08 -48.67
C ILE C 37 17.01 20.97 -49.91
N GLN C 38 16.04 20.64 -50.76
CA GLN C 38 15.84 21.36 -52.03
C GLN C 38 14.76 22.42 -51.81
N THR C 39 15.20 23.57 -51.31
CA THR C 39 14.33 24.71 -51.13
C THR C 39 14.99 25.94 -51.75
N GLU C 40 14.16 26.96 -51.98
CA GLU C 40 14.63 28.18 -52.63
C GLU C 40 15.25 29.14 -51.63
N ASN C 41 14.57 29.40 -50.52
CA ASN C 41 15.10 30.29 -49.49
C ASN C 41 16.20 29.58 -48.71
N VAL C 42 17.35 30.24 -48.59
CA VAL C 42 18.47 29.66 -47.85
C VAL C 42 18.32 29.77 -46.34
N HIS C 43 17.33 30.52 -45.86
CA HIS C 43 17.11 30.63 -44.43
C HIS C 43 16.56 29.33 -43.85
N ALA C 44 15.58 28.72 -44.53
CA ALA C 44 15.05 27.44 -44.10
C ALA C 44 16.06 26.31 -44.28
N LEU C 45 16.89 26.40 -45.32
CA LEU C 45 17.94 25.42 -45.56
C LEU C 45 19.01 25.48 -44.47
N ILE C 46 19.45 26.69 -44.12
CA ILE C 46 20.45 26.79 -43.06
C ILE C 46 19.84 26.49 -41.70
N LYS C 47 18.53 26.69 -41.54
CA LYS C 47 17.85 26.37 -40.28
C LYS C 47 17.75 24.87 -40.07
N ASP C 48 17.34 24.12 -41.09
CA ASP C 48 17.20 22.68 -40.86
C ASP C 48 18.56 21.97 -40.93
N LYS C 49 19.54 22.54 -41.63
CA LYS C 49 20.88 21.95 -41.59
C LYS C 49 21.54 22.18 -40.23
N LEU C 50 21.33 23.37 -39.65
CA LEU C 50 21.80 23.62 -38.29
C LEU C 50 21.02 22.78 -37.26
N LEU C 51 19.75 22.48 -37.55
CA LEU C 51 18.99 21.57 -36.70
C LEU C 51 19.55 20.16 -36.73
N LYS C 52 19.93 19.66 -37.91
CA LYS C 52 20.55 18.34 -38.01
C LYS C 52 21.92 18.32 -37.36
N ALA C 53 22.66 19.42 -37.45
CA ALA C 53 23.98 19.49 -36.81
C ALA C 53 23.86 19.56 -35.29
N PHE C 54 22.85 20.27 -34.78
CA PHE C 54 22.64 20.32 -33.33
C PHE C 54 22.10 19.00 -32.81
N LYS C 55 21.32 18.28 -33.62
CA LYS C 55 20.93 16.93 -33.27
C LYS C 55 22.11 15.98 -33.27
N LEU C 56 23.11 16.25 -34.11
CA LEU C 56 24.34 15.47 -34.09
C LEU C 56 25.24 15.79 -32.91
N VAL C 57 25.31 17.05 -32.48
CA VAL C 57 26.32 17.47 -31.52
C VAL C 57 25.71 17.76 -30.16
N GLY C 58 24.76 18.69 -30.10
CA GLY C 58 24.17 19.08 -28.84
C GLY C 58 24.93 20.12 -28.06
N ARG C 59 26.04 20.63 -28.60
CA ARG C 59 26.85 21.68 -28.03
C ARG C 59 26.71 22.90 -28.95
N PRO C 60 27.21 24.11 -28.58
CA PRO C 60 27.24 25.22 -29.55
C PRO C 60 28.00 24.95 -30.84
N VAL C 61 27.28 24.98 -31.95
CA VAL C 61 27.78 24.56 -33.25
C VAL C 61 27.29 25.55 -34.31
N PHE C 62 28.17 25.92 -35.24
CA PHE C 62 27.79 26.73 -36.38
C PHE C 62 27.90 25.91 -37.66
N VAL C 63 27.20 26.38 -38.70
CA VAL C 63 27.07 25.68 -39.96
C VAL C 63 27.12 26.71 -41.10
N GLU C 64 27.95 26.43 -42.09
CA GLU C 64 28.16 27.30 -43.24
C GLU C 64 27.52 26.68 -44.49
N HIS C 65 27.05 27.54 -45.39
CA HIS C 65 26.62 27.15 -46.72
C HIS C 65 27.07 28.19 -47.72
N THR C 66 27.57 27.75 -48.88
CA THR C 66 28.05 28.64 -49.93
C THR C 66 27.31 28.32 -51.22
N GLY C 67 26.90 29.36 -51.93
CA GLY C 67 26.19 29.18 -53.19
C GLY C 67 26.56 30.22 -54.22
N LEU C 68 26.60 29.77 -55.47
CA LEU C 68 26.79 30.63 -56.64
C LEU C 68 25.43 30.96 -57.23
N TYR C 69 25.22 32.23 -57.59
CA TYR C 69 23.93 32.64 -58.14
C TYR C 69 24.16 33.23 -59.53
N ILE C 70 23.92 32.42 -60.55
CA ILE C 70 24.22 32.79 -61.93
C ILE C 70 23.09 33.63 -62.48
N GLU C 71 23.41 34.87 -62.90
CA GLU C 71 22.39 35.79 -63.39
C GLU C 71 21.90 35.39 -64.77
N SER C 72 22.73 34.70 -65.55
CA SER C 72 22.29 34.18 -66.84
C SER C 72 21.31 33.03 -66.65
N LEU C 73 21.51 32.22 -65.62
CA LEU C 73 20.65 31.08 -65.33
C LEU C 73 19.48 31.43 -64.42
N ASN C 74 19.08 32.71 -64.40
CA ASN C 74 17.95 33.26 -63.64
C ASN C 74 18.12 33.02 -62.13
N GLY C 75 19.36 33.05 -61.65
CA GLY C 75 19.64 32.79 -60.24
C GLY C 75 19.34 31.37 -59.81
N PHE C 76 19.74 30.38 -60.61
CA PHE C 76 19.38 28.99 -60.30
C PHE C 76 20.11 28.42 -59.08
N PRO C 77 21.47 28.31 -59.01
CA PRO C 77 22.04 27.57 -57.89
C PRO C 77 22.10 28.42 -56.63
N GLY C 78 22.76 27.91 -55.60
CA GLY C 78 22.71 28.57 -54.31
C GLY C 78 21.79 27.76 -53.44
N GLY C 79 22.38 26.91 -52.62
CA GLY C 79 21.65 25.84 -51.99
C GLY C 79 21.86 24.52 -52.71
N LEU C 80 21.97 24.56 -54.03
CA LEU C 80 22.12 23.37 -54.85
C LEU C 80 23.40 23.42 -55.68
N THR C 81 24.41 24.15 -55.19
CA THR C 81 25.64 24.37 -55.95
C THR C 81 26.54 23.14 -55.94
N GLN C 82 26.39 22.28 -54.92
CA GLN C 82 27.27 21.13 -54.73
C GLN C 82 27.09 20.09 -55.81
N ILE C 83 25.83 19.76 -56.12
CA ILE C 83 25.53 18.76 -57.15
C ILE C 83 25.90 19.31 -58.53
N PHE C 84 25.71 20.63 -58.73
CA PHE C 84 26.11 21.35 -59.94
C PHE C 84 27.61 21.22 -60.22
N TRP C 85 28.43 21.51 -59.20
CA TRP C 85 29.87 21.39 -59.35
C TRP C 85 30.31 19.94 -59.47
N ASP C 86 29.69 19.04 -58.71
CA ASP C 86 30.12 17.65 -58.70
C ASP C 86 29.70 16.91 -59.96
N LYS C 87 28.75 17.46 -60.72
CA LYS C 87 28.41 16.84 -61.99
C LYS C 87 29.11 17.52 -63.16
N LEU C 88 29.48 18.80 -63.03
CA LEU C 88 30.07 19.47 -64.19
C LEU C 88 31.59 19.65 -64.13
N GLN C 89 32.16 19.87 -62.94
CA GLN C 89 33.54 20.30 -62.70
C GLN C 89 33.80 21.63 -63.43
N ALA C 90 35.06 21.88 -63.80
CA ALA C 90 35.42 23.11 -64.50
C ALA C 90 35.43 22.96 -66.01
N ASP C 91 35.33 21.73 -66.51
CA ASP C 91 35.34 21.51 -67.96
C ASP C 91 34.01 21.93 -68.58
N LYS C 92 32.91 21.35 -68.12
CA LYS C 92 31.58 21.72 -68.61
C LYS C 92 30.94 22.80 -67.74
N PHE C 93 31.70 23.84 -67.41
CA PHE C 93 31.12 25.02 -66.77
C PHE C 93 31.39 26.27 -67.59
N SER C 94 32.65 26.53 -67.94
CA SER C 94 33.03 27.80 -68.54
C SER C 94 32.71 27.87 -70.02
N GLN C 95 32.55 26.73 -70.68
CA GLN C 95 32.35 26.75 -72.13
C GLN C 95 30.92 27.10 -72.49
N LEU C 96 29.98 26.98 -71.54
CA LEU C 96 28.58 27.24 -71.82
C LEU C 96 27.97 28.29 -70.89
N LEU C 97 28.71 28.77 -69.89
CA LEU C 97 28.29 29.87 -69.04
C LEU C 97 29.21 31.07 -69.10
N GLY C 98 30.51 30.87 -69.35
CA GLY C 98 31.41 32.00 -69.48
C GLY C 98 31.40 32.69 -70.82
N THR C 99 30.83 32.05 -71.84
CA THR C 99 30.79 32.60 -73.19
C THR C 99 29.39 33.05 -73.59
N SER C 100 28.51 33.32 -72.64
CA SER C 100 27.14 33.73 -72.93
C SER C 100 27.06 35.25 -72.99
N GLU C 101 25.84 35.79 -73.02
CA GLU C 101 25.64 37.24 -73.05
C GLU C 101 25.88 37.89 -71.69
N ASN C 102 25.51 37.22 -70.59
CA ASN C 102 25.69 37.75 -69.24
C ASN C 102 26.54 36.80 -68.39
N PRO C 103 27.89 36.89 -68.49
CA PRO C 103 28.77 36.32 -67.49
C PRO C 103 28.68 36.77 -66.03
N ARG C 104 27.79 37.68 -65.66
CA ARG C 104 27.75 38.16 -64.28
C ARG C 104 27.09 37.13 -63.37
N LEU C 105 27.64 36.98 -62.16
CA LEU C 105 27.08 36.10 -61.13
C LEU C 105 27.56 36.55 -59.76
N VAL C 106 26.82 36.17 -58.72
CA VAL C 106 27.08 36.60 -57.36
C VAL C 106 27.18 35.36 -56.46
N ALA C 107 28.19 35.34 -55.60
CA ALA C 107 28.46 34.22 -54.71
C ALA C 107 28.18 34.63 -53.28
N LYS C 108 27.36 33.83 -52.56
CA LYS C 108 26.92 34.15 -51.21
C LYS C 108 27.28 33.02 -50.26
N THR C 109 27.76 33.40 -49.08
CA THR C 109 27.97 32.49 -47.95
C THR C 109 26.99 32.88 -46.85
N ILE C 110 26.23 31.90 -46.36
CA ILE C 110 25.31 32.10 -45.25
C ILE C 110 25.73 31.18 -44.10
N ILE C 111 25.83 31.74 -42.90
CA ILE C 111 26.28 31.01 -41.72
C ILE C 111 25.10 30.89 -40.76
N GLY C 112 24.77 29.66 -40.37
CA GLY C 112 23.80 29.41 -39.34
C GLY C 112 24.47 28.93 -38.08
N TYR C 113 24.28 29.65 -36.99
CA TYR C 113 24.95 29.40 -35.73
C TYR C 113 23.93 29.14 -34.65
N CYS C 114 24.18 28.13 -33.82
CA CYS C 114 23.34 27.80 -32.67
C CYS C 114 24.17 27.92 -31.40
N ASP C 115 23.68 28.72 -30.45
CA ASP C 115 24.34 28.92 -29.17
C ASP C 115 23.77 28.04 -28.07
N SER C 116 23.14 26.93 -28.46
CA SER C 116 22.34 25.97 -27.68
C SER C 116 21.04 26.57 -27.15
N MET C 117 20.69 27.78 -27.50
CA MET C 117 19.40 28.37 -27.15
C MET C 117 18.66 28.91 -28.36
N LYS C 118 19.37 29.58 -29.28
CA LYS C 118 18.72 30.26 -30.40
C LYS C 118 19.48 29.95 -31.68
N ILE C 119 18.95 30.45 -32.79
CA ILE C 119 19.52 30.26 -34.11
C ILE C 119 19.84 31.63 -34.69
N TYR C 120 21.10 31.83 -35.09
CA TYR C 120 21.58 33.12 -35.58
C TYR C 120 22.09 32.95 -36.99
N ILE C 121 21.68 33.86 -37.87
CA ILE C 121 21.95 33.75 -39.31
C ILE C 121 22.77 34.97 -39.74
N PHE C 122 23.94 34.70 -40.32
CA PHE C 122 24.84 35.75 -40.82
C PHE C 122 25.19 35.44 -42.26
N GLU C 123 25.28 36.49 -43.09
CA GLU C 123 25.49 36.28 -44.52
C GLU C 123 26.37 37.36 -45.10
N GLY C 124 27.02 37.02 -46.22
CA GLY C 124 27.84 37.95 -46.97
C GLY C 124 27.88 37.54 -48.43
N GLU C 125 28.18 38.50 -49.29
CA GLU C 125 28.12 38.27 -50.74
C GLU C 125 29.22 39.05 -51.45
N THR C 126 29.74 38.46 -52.53
CA THR C 126 30.57 39.17 -53.51
C THR C 126 29.99 38.98 -54.90
N GLN C 127 30.03 40.05 -55.69
CA GLN C 127 29.70 40.00 -57.10
C GLN C 127 30.93 39.60 -57.88
N GLY C 128 30.70 38.97 -59.03
CA GLY C 128 31.81 38.45 -59.79
C GLY C 128 31.42 38.08 -61.20
N THR C 129 32.32 37.36 -61.86
CA THR C 129 32.19 37.01 -63.27
C THR C 129 32.69 35.58 -63.43
N ILE C 130 32.10 34.83 -64.37
CA ILE C 130 32.64 33.53 -64.72
C ILE C 130 33.71 33.72 -65.80
N SER C 131 34.89 33.15 -65.55
CA SER C 131 35.96 33.21 -66.53
C SER C 131 35.64 32.29 -67.71
N PRO C 132 36.00 32.67 -68.94
CA PRO C 132 35.81 31.76 -70.07
C PRO C 132 36.77 30.58 -70.06
N VAL C 133 37.92 30.72 -69.38
CA VAL C 133 38.89 29.64 -69.25
C VAL C 133 39.21 29.44 -67.78
N PRO C 134 39.14 28.20 -67.30
CA PRO C 134 39.59 27.89 -65.93
C PRO C 134 41.07 28.19 -65.73
N LYS C 135 41.37 28.87 -64.63
CA LYS C 135 42.67 29.49 -64.46
C LYS C 135 43.13 29.36 -63.02
N GLY C 136 44.31 28.79 -62.83
CA GLY C 136 44.88 28.64 -61.51
C GLY C 136 44.85 27.20 -61.03
N PRO C 137 45.15 27.00 -59.74
CA PRO C 137 45.07 25.65 -59.15
C PRO C 137 43.63 25.17 -59.06
N ARG C 138 43.47 23.85 -59.05
CA ARG C 138 42.17 23.20 -59.13
C ARG C 138 41.97 22.27 -57.94
N ASP C 139 42.27 22.77 -56.73
CA ASP C 139 42.15 21.99 -55.52
C ASP C 139 41.01 22.45 -54.63
N PHE C 140 40.37 23.56 -54.93
CA PHE C 140 39.30 24.12 -54.12
C PHE C 140 38.12 24.55 -55.00
N GLN C 141 37.58 23.55 -55.68
CA GLN C 141 36.33 23.70 -56.46
C GLN C 141 36.32 24.89 -57.42
N TRP C 142 35.28 25.70 -57.33
CA TRP C 142 35.08 26.76 -58.31
C TRP C 142 35.93 28.00 -58.06
N ASP C 143 37.06 27.88 -57.36
CA ASP C 143 37.96 29.01 -57.17
C ASP C 143 38.70 29.38 -58.44
N CYS C 144 38.95 28.40 -59.31
CA CYS C 144 39.68 28.64 -60.54
C CYS C 144 38.78 29.12 -61.69
N ILE C 145 37.49 29.26 -61.44
CA ILE C 145 36.53 29.71 -62.44
C ILE C 145 35.91 31.06 -62.11
N PHE C 146 36.16 31.60 -60.91
CA PHE C 146 35.45 32.77 -60.40
C PHE C 146 36.43 33.94 -60.29
N ILE C 147 36.31 34.91 -61.18
CA ILE C 147 36.98 36.19 -61.05
C ILE C 147 36.05 37.14 -60.31
N PRO C 148 36.50 37.82 -59.26
CA PRO C 148 35.66 38.83 -58.62
C PRO C 148 35.54 40.09 -59.47
N ASP C 149 34.58 40.93 -59.09
CA ASP C 149 34.37 42.19 -59.80
C ASP C 149 35.49 43.17 -59.50
N GLY C 150 36.01 43.80 -60.55
CA GLY C 150 37.15 44.68 -60.41
C GLY C 150 38.49 43.99 -60.38
N GLU C 151 38.54 42.71 -60.73
CA GLU C 151 39.77 41.95 -60.74
C GLU C 151 39.85 41.10 -61.99
N SER C 152 41.08 40.72 -62.36
CA SER C 152 41.32 39.85 -63.51
C SER C 152 41.91 38.51 -63.11
N GLU C 153 41.93 38.20 -61.82
CA GLU C 153 42.53 36.97 -61.31
C GLU C 153 41.45 36.12 -60.65
N THR C 154 41.46 34.82 -60.95
CA THR C 154 40.56 33.88 -60.29
C THR C 154 40.97 33.70 -58.84
N PHE C 155 40.01 33.24 -58.01
CA PHE C 155 40.22 33.20 -56.56
C PHE C 155 41.26 32.15 -56.15
N ALA C 156 41.51 31.16 -57.00
CA ALA C 156 42.61 30.24 -56.76
C ALA C 156 43.95 30.89 -57.11
N GLU C 157 43.93 31.89 -58.00
CA GLU C 157 45.17 32.46 -58.50
C GLU C 157 45.66 33.62 -57.64
N MET C 158 44.75 34.31 -56.93
CA MET C 158 45.18 35.36 -56.01
C MET C 158 45.88 34.79 -54.78
N GLY C 159 45.54 33.57 -54.39
CA GLY C 159 46.25 32.88 -53.33
C GLY C 159 45.64 33.14 -51.97
N ASP C 160 46.52 33.52 -51.03
CA ASP C 160 46.11 33.70 -49.65
C ASP C 160 45.40 35.03 -49.42
N ARG C 161 45.42 35.94 -50.39
CA ARG C 161 44.69 37.20 -50.25
C ARG C 161 43.25 37.09 -50.71
N LYS C 162 42.79 35.87 -51.04
CA LYS C 162 41.36 35.62 -51.23
C LYS C 162 40.59 35.88 -49.95
N ASN C 163 41.15 35.48 -48.80
CA ASN C 163 40.48 35.65 -47.52
C ASN C 163 40.66 37.03 -46.91
N GLU C 164 40.47 38.09 -47.71
CA GLU C 164 40.31 39.44 -47.23
C GLU C 164 39.18 40.19 -47.92
N ILE C 165 38.69 39.72 -49.06
CA ILE C 165 37.57 40.32 -49.76
C ILE C 165 36.47 39.33 -50.10
N SER C 166 36.66 38.05 -49.82
CA SER C 166 35.66 37.05 -50.20
C SER C 166 34.46 37.12 -49.29
N MET C 167 33.38 36.44 -49.71
CA MET C 167 32.10 36.51 -49.00
C MET C 167 32.13 35.74 -47.70
N ARG C 168 33.02 34.73 -47.62
CA ARG C 168 33.31 34.05 -46.36
C ARG C 168 33.93 35.00 -45.36
N LYS C 169 34.77 35.94 -45.83
CA LYS C 169 35.43 36.88 -44.94
C LYS C 169 34.44 37.88 -44.33
N LYS C 170 33.50 38.39 -45.12
CA LYS C 170 32.49 39.31 -44.57
C LYS C 170 31.51 38.59 -43.67
N ALA C 171 31.08 37.38 -44.06
CA ALA C 171 30.16 36.60 -43.24
C ALA C 171 30.80 36.21 -41.90
N PHE C 172 32.06 35.81 -41.91
CA PHE C 172 32.73 35.50 -40.66
C PHE C 172 33.19 36.73 -39.92
N ASP C 173 33.25 37.90 -40.58
CA ASP C 173 33.47 39.14 -39.85
C ASP C 173 32.24 39.51 -39.05
N LYS C 174 31.04 39.33 -39.62
CA LYS C 174 29.81 39.54 -38.85
C LYS C 174 29.65 38.48 -37.76
N PHE C 175 30.05 37.24 -38.05
CA PHE C 175 30.05 36.18 -37.04
C PHE C 175 31.03 36.46 -35.91
N LYS C 176 32.22 36.97 -36.23
CA LYS C 176 33.22 37.35 -35.24
C LYS C 176 32.75 38.54 -34.41
N GLU C 177 32.08 39.50 -35.06
CA GLU C 177 31.51 40.65 -34.36
C GLU C 177 30.43 40.21 -33.37
N TYR C 178 29.63 39.21 -33.75
CA TYR C 178 28.64 38.70 -32.80
C TYR C 178 29.31 37.89 -31.69
N LEU C 179 30.35 37.11 -32.02
CA LEU C 179 30.94 36.22 -31.03
C LEU C 179 31.75 36.97 -29.98
N LEU C 180 32.33 38.12 -30.36
CA LEU C 180 32.96 38.95 -29.33
C LEU C 180 32.07 40.08 -28.84
N GLU C 181 30.87 40.27 -29.43
CA GLU C 181 29.96 41.26 -28.87
C GLU C 181 29.17 40.70 -27.69
N GLY C 182 29.15 39.38 -27.53
CA GLY C 182 28.42 38.70 -26.47
C GLY C 182 27.27 37.90 -27.04
N GLY C 183 26.51 37.28 -26.14
CA GLY C 183 25.38 36.46 -26.54
C GLY C 183 24.08 37.23 -26.64
N LYS C 184 24.04 38.24 -27.51
CA LYS C 184 22.88 39.12 -27.64
C LYS C 184 21.74 38.49 -28.45
N MET D 1 -9.09 -2.32 -54.04
CA MET D 1 -7.95 -1.82 -53.30
C MET D 1 -7.99 -0.30 -53.20
N ASN D 2 -7.68 0.23 -52.01
CA ASN D 2 -7.76 1.66 -51.76
C ASN D 2 -6.39 2.15 -51.31
N ILE D 3 -5.73 2.95 -52.16
CA ILE D 3 -4.36 3.39 -51.95
C ILE D 3 -4.41 4.91 -52.03
N ARG D 4 -3.53 5.58 -51.28
CA ARG D 4 -3.50 7.03 -51.25
C ARG D 4 -2.24 7.55 -51.93
N PHE D 5 -2.28 8.82 -52.33
CA PHE D 5 -1.21 9.42 -53.13
C PHE D 5 -1.00 10.85 -52.66
N ILE D 6 0.24 11.24 -52.40
CA ILE D 6 0.58 12.57 -51.96
C ILE D 6 1.50 13.20 -52.98
N THR D 7 1.16 14.41 -53.42
CA THR D 7 1.92 15.09 -54.46
C THR D 7 1.75 16.60 -54.31
N ARG D 8 2.30 17.34 -55.27
CA ARG D 8 1.99 18.74 -55.43
C ARG D 8 1.54 19.10 -56.84
N ASN D 9 1.73 18.20 -57.81
CA ASN D 9 1.28 18.42 -59.17
C ASN D 9 -0.19 18.00 -59.26
N ARG D 10 -1.04 18.92 -59.70
CA ARG D 10 -2.45 18.59 -59.85
C ARG D 10 -2.70 17.76 -61.10
N HIS D 11 -1.80 17.83 -62.08
CA HIS D 11 -1.99 17.04 -63.30
C HIS D 11 -1.43 15.63 -63.15
N LYS D 12 -0.55 15.41 -62.15
CA LYS D 12 -0.15 14.06 -61.78
C LYS D 12 -1.35 13.27 -61.28
N ILE D 13 -2.23 13.92 -60.52
CA ILE D 13 -3.48 13.34 -60.05
C ILE D 13 -4.36 12.95 -61.24
N LYS D 14 -4.43 13.82 -62.26
CA LYS D 14 -5.22 13.57 -63.45
C LYS D 14 -4.69 12.39 -64.26
N GLU D 15 -3.37 12.33 -64.43
CA GLU D 15 -2.77 11.23 -65.21
C GLU D 15 -2.86 9.91 -64.47
N ILE D 16 -2.67 9.92 -63.15
CA ILE D 16 -2.74 8.66 -62.40
C ILE D 16 -4.19 8.21 -62.25
N ASN D 17 -5.14 9.15 -62.28
CA ASN D 17 -6.56 8.79 -62.36
C ASN D 17 -6.89 8.15 -63.70
N LYS D 18 -6.38 8.71 -64.80
CA LYS D 18 -6.80 8.22 -66.11
C LYS D 18 -5.96 7.04 -66.62
N ILE D 19 -4.78 6.79 -66.05
CA ILE D 19 -4.08 5.53 -66.30
C ILE D 19 -4.79 4.39 -65.60
N LEU D 20 -5.16 4.60 -64.33
CA LEU D 20 -5.77 3.58 -63.49
C LEU D 20 -7.29 3.52 -63.63
N SER D 21 -7.85 3.92 -64.76
CA SER D 21 -9.28 3.81 -64.98
C SER D 21 -9.62 2.38 -65.40
N GLY D 22 -10.39 1.68 -64.58
CA GLY D 22 -10.88 0.36 -64.91
C GLY D 22 -10.03 -0.80 -64.45
N THR D 23 -8.87 -0.55 -63.84
CA THR D 23 -8.05 -1.65 -63.35
C THR D 23 -8.59 -2.24 -62.05
N GLY D 24 -9.41 -1.50 -61.31
CA GLY D 24 -9.94 -1.97 -60.07
C GLY D 24 -9.54 -1.12 -58.88
N VAL D 25 -8.33 -0.57 -58.91
CA VAL D 25 -7.85 0.23 -57.80
C VAL D 25 -8.22 1.70 -58.02
N VAL D 26 -8.33 2.44 -56.92
CA VAL D 26 -8.63 3.86 -56.94
C VAL D 26 -7.63 4.57 -56.05
N VAL D 27 -7.38 5.84 -56.33
CA VAL D 27 -6.45 6.64 -55.53
C VAL D 27 -7.18 7.82 -54.92
N LEU D 28 -6.83 8.13 -53.68
CA LEU D 28 -7.38 9.29 -52.96
C LEU D 28 -6.24 10.29 -52.79
N ALA D 29 -6.13 11.17 -53.78
CA ALA D 29 -4.98 12.07 -53.83
C ALA D 29 -5.16 13.26 -52.91
N SER D 30 -4.04 13.72 -52.35
CA SER D 30 -3.99 14.90 -51.51
C SER D 30 -2.77 15.72 -51.91
N GLU D 31 -2.87 17.04 -51.74
CA GLU D 31 -1.78 17.94 -52.11
C GLU D 31 -1.10 18.44 -50.85
N HIS D 32 0.20 18.17 -50.72
CA HIS D 32 0.97 18.63 -49.57
C HIS D 32 2.31 19.28 -49.90
N SER D 33 2.93 18.94 -51.04
CA SER D 33 4.27 19.40 -51.48
C SER D 33 5.34 19.01 -50.45
N ILE D 34 5.59 17.71 -50.38
CA ILE D 34 6.72 17.18 -49.63
C ILE D 34 8.01 17.64 -50.28
N ASP D 35 8.92 18.18 -49.48
CA ASP D 35 10.22 18.61 -49.98
C ASP D 35 11.18 17.42 -50.06
N GLU D 36 11.70 17.20 -51.26
CA GLU D 36 12.62 16.10 -51.45
C GLU D 36 14.00 16.44 -50.97
N ILE D 37 14.89 15.48 -51.02
CA ILE D 37 16.28 15.70 -50.61
C ILE D 37 17.16 15.75 -51.85
N GLN D 38 18.40 16.19 -51.67
CA GLN D 38 19.38 16.23 -52.76
C GLN D 38 20.37 15.08 -52.60
N THR D 39 20.13 14.02 -53.36
CA THR D 39 21.03 12.88 -53.39
C THR D 39 21.20 12.40 -54.82
N GLU D 40 22.13 11.46 -54.99
CA GLU D 40 22.38 10.88 -56.30
C GLU D 40 21.47 9.68 -56.55
N ASN D 41 21.40 8.76 -55.60
CA ASN D 41 20.53 7.60 -55.74
C ASN D 41 19.08 8.00 -55.50
N VAL D 42 18.19 7.55 -56.39
CA VAL D 42 16.78 7.83 -56.23
C VAL D 42 16.11 6.89 -55.24
N HIS D 43 16.80 5.83 -54.82
CA HIS D 43 16.23 4.88 -53.86
C HIS D 43 16.12 5.51 -52.49
N ALA D 44 17.18 6.19 -52.03
CA ALA D 44 17.15 6.88 -50.74
C ALA D 44 16.22 8.08 -50.78
N LEU D 45 16.14 8.73 -51.95
CA LEU D 45 15.23 9.86 -52.14
C LEU D 45 13.77 9.43 -52.04
N ILE D 46 13.41 8.35 -52.72
CA ILE D 46 12.02 7.90 -52.70
C ILE D 46 11.70 7.22 -51.36
N LYS D 47 12.71 6.69 -50.67
CA LYS D 47 12.48 6.15 -49.33
C LYS D 47 12.21 7.27 -48.33
N ASP D 48 12.95 8.39 -48.43
CA ASP D 48 12.73 9.54 -47.57
C ASP D 48 11.37 10.19 -47.86
N LYS D 49 11.01 10.28 -49.15
CA LYS D 49 9.75 10.91 -49.52
C LYS D 49 8.56 10.04 -49.12
N LEU D 50 8.67 8.72 -49.27
CA LEU D 50 7.62 7.82 -48.82
C LEU D 50 7.54 7.75 -47.31
N LEU D 51 8.67 7.94 -46.62
CA LEU D 51 8.66 8.02 -45.17
C LEU D 51 7.91 9.25 -44.67
N LYS D 52 8.13 10.40 -45.33
CA LYS D 52 7.38 11.60 -44.95
C LYS D 52 5.90 11.49 -45.31
N ALA D 53 5.59 10.84 -46.43
CA ALA D 53 4.18 10.64 -46.81
C ALA D 53 3.47 9.66 -45.87
N PHE D 54 4.19 8.63 -45.40
CA PHE D 54 3.58 7.70 -44.47
C PHE D 54 3.47 8.29 -43.07
N LYS D 55 4.40 9.17 -42.70
CA LYS D 55 4.27 9.89 -41.43
C LYS D 55 3.11 10.87 -41.49
N LEU D 56 2.81 11.43 -42.65
CA LEU D 56 1.68 12.32 -42.78
C LEU D 56 0.34 11.59 -42.88
N VAL D 57 0.28 10.44 -43.57
CA VAL D 57 -0.97 9.71 -43.78
C VAL D 57 -1.19 8.66 -42.69
N GLY D 58 -0.27 7.70 -42.57
CA GLY D 58 -0.44 6.61 -41.63
C GLY D 58 -1.21 5.42 -42.16
N ARG D 59 -1.62 5.44 -43.42
CA ARG D 59 -2.37 4.39 -44.09
C ARG D 59 -1.54 3.93 -45.28
N PRO D 60 -1.95 2.84 -46.01
CA PRO D 60 -1.31 2.52 -47.29
C PRO D 60 -1.31 3.65 -48.31
N VAL D 61 -0.12 4.15 -48.61
CA VAL D 61 0.08 5.33 -49.44
C VAL D 61 1.27 5.07 -50.34
N PHE D 62 1.19 5.52 -51.60
CA PHE D 62 2.34 5.52 -52.48
C PHE D 62 2.69 6.95 -52.87
N VAL D 63 3.94 7.15 -53.26
CA VAL D 63 4.42 8.44 -53.73
C VAL D 63 5.24 8.19 -54.98
N GLU D 64 5.42 9.22 -55.79
CA GLU D 64 6.10 9.06 -57.07
C GLU D 64 6.98 10.27 -57.35
N HIS D 65 8.21 10.00 -57.79
CA HIS D 65 9.14 11.04 -58.21
C HIS D 65 9.52 10.81 -59.66
N THR D 66 9.60 11.89 -60.43
CA THR D 66 9.79 11.83 -61.87
C THR D 66 11.06 12.60 -62.24
N GLY D 67 11.96 11.98 -62.98
CA GLY D 67 13.24 12.59 -63.29
C GLY D 67 13.64 12.46 -64.75
N LEU D 68 14.15 13.56 -65.28
CA LEU D 68 14.85 13.59 -66.57
C LEU D 68 16.33 13.33 -66.33
N TYR D 69 17.01 12.83 -67.36
CA TYR D 69 18.45 12.56 -67.27
C TYR D 69 19.08 12.90 -68.62
N ILE D 70 19.63 14.11 -68.72
CA ILE D 70 20.17 14.59 -69.99
C ILE D 70 21.61 14.12 -70.13
N GLU D 71 21.91 13.49 -71.26
CA GLU D 71 23.22 12.89 -71.48
C GLU D 71 24.29 13.94 -71.74
N SER D 72 23.89 15.09 -72.28
CA SER D 72 24.84 16.18 -72.47
C SER D 72 25.20 16.84 -71.15
N LEU D 73 24.31 16.75 -70.16
CA LEU D 73 24.55 17.25 -68.82
C LEU D 73 25.06 16.17 -67.88
N ASN D 74 25.43 15.00 -68.44
CA ASN D 74 26.02 13.85 -67.74
C ASN D 74 24.97 13.27 -66.74
N GLY D 75 23.70 13.39 -67.11
CA GLY D 75 22.62 12.98 -66.24
C GLY D 75 22.46 13.83 -65.00
N PHE D 76 22.54 15.16 -65.15
CA PHE D 76 22.42 16.05 -64.00
C PHE D 76 21.05 16.03 -63.31
N PRO D 77 19.87 16.14 -64.01
CA PRO D 77 18.62 16.08 -63.23
C PRO D 77 18.27 14.68 -62.77
N GLY D 78 17.07 14.51 -62.23
CA GLY D 78 16.66 13.22 -61.73
C GLY D 78 16.82 13.19 -60.24
N GLY D 79 15.71 13.35 -59.54
CA GLY D 79 15.73 13.70 -58.14
C GLY D 79 15.53 15.19 -57.96
N LEU D 80 16.09 16.00 -58.86
CA LEU D 80 16.16 17.45 -58.73
C LEU D 80 15.66 18.14 -59.99
N THR D 81 14.63 17.59 -60.63
CA THR D 81 14.15 18.12 -61.89
C THR D 81 13.16 19.28 -61.69
N GLN D 82 12.52 19.34 -60.51
CA GLN D 82 11.41 20.27 -60.29
C GLN D 82 11.92 21.71 -60.19
N ILE D 83 13.00 21.92 -59.44
CA ILE D 83 13.58 23.27 -59.29
C ILE D 83 14.17 23.73 -60.63
N PHE D 84 14.73 22.78 -61.39
CA PHE D 84 15.29 23.04 -62.72
C PHE D 84 14.23 23.56 -63.68
N TRP D 85 13.11 22.84 -63.78
CA TRP D 85 12.05 23.25 -64.70
C TRP D 85 11.31 24.48 -64.18
N ASP D 86 11.19 24.63 -62.86
CA ASP D 86 10.48 25.79 -62.31
C ASP D 86 11.33 27.04 -62.41
N LYS D 87 12.65 26.89 -62.58
CA LYS D 87 13.50 28.06 -62.71
C LYS D 87 13.68 28.48 -64.16
N LEU D 88 14.17 27.58 -65.02
CA LEU D 88 14.51 28.03 -66.37
C LEU D 88 13.39 27.86 -67.40
N GLN D 89 12.27 27.23 -67.02
CA GLN D 89 11.07 27.02 -67.83
C GLN D 89 11.34 26.35 -69.18
N ALA D 90 10.54 26.70 -70.19
CA ALA D 90 10.70 26.14 -71.53
C ALA D 90 11.54 27.00 -72.46
N ASP D 91 11.73 28.28 -72.12
CA ASP D 91 12.50 29.18 -72.98
C ASP D 91 13.98 28.88 -72.90
N LYS D 92 14.49 28.64 -71.70
CA LYS D 92 15.91 28.43 -71.47
C LYS D 92 16.22 26.94 -71.30
N PHE D 93 15.50 26.10 -72.04
CA PHE D 93 15.80 24.69 -72.15
C PHE D 93 16.16 24.32 -73.58
N SER D 94 15.34 24.70 -74.56
CA SER D 94 15.53 24.25 -75.92
C SER D 94 16.68 24.97 -76.63
N GLN D 95 17.02 26.19 -76.21
CA GLN D 95 17.98 26.97 -76.98
C GLN D 95 19.42 26.61 -76.61
N LEU D 96 19.65 25.90 -75.51
CA LEU D 96 21.00 25.52 -75.11
C LEU D 96 21.12 24.05 -74.72
N LEU D 97 20.07 23.26 -74.88
CA LEU D 97 20.21 21.81 -74.72
C LEU D 97 19.63 21.09 -75.94
N GLY D 98 18.64 21.69 -76.59
CA GLY D 98 18.13 21.15 -77.83
C GLY D 98 19.07 21.37 -79.01
N THR D 99 19.94 22.37 -78.92
CA THR D 99 20.92 22.68 -79.96
C THR D 99 22.26 22.03 -79.69
N SER D 100 22.35 21.15 -78.69
CA SER D 100 23.61 20.52 -78.33
C SER D 100 24.00 19.44 -79.31
N GLU D 101 25.24 18.99 -79.21
CA GLU D 101 25.73 17.93 -80.09
C GLU D 101 25.15 16.58 -79.70
N ASN D 102 24.88 16.37 -78.41
CA ASN D 102 24.30 15.14 -77.89
C ASN D 102 22.93 15.46 -77.32
N PRO D 103 21.86 15.32 -78.09
CA PRO D 103 20.51 15.61 -77.57
C PRO D 103 19.81 14.42 -76.91
N ARG D 104 20.53 13.37 -76.54
CA ARG D 104 19.91 12.21 -75.93
C ARG D 104 19.55 12.51 -74.48
N LEU D 105 18.37 12.07 -74.07
CA LEU D 105 17.99 12.13 -72.66
C LEU D 105 16.97 11.03 -72.37
N VAL D 106 17.01 10.53 -71.14
CA VAL D 106 16.10 9.47 -70.69
C VAL D 106 15.26 10.02 -69.53
N ALA D 107 13.97 9.71 -69.55
CA ALA D 107 13.03 10.12 -68.52
C ALA D 107 12.66 8.90 -67.68
N LYS D 108 12.76 9.03 -66.36
CA LYS D 108 12.42 7.96 -65.45
C LYS D 108 11.47 8.46 -64.37
N THR D 109 10.50 7.61 -64.02
CA THR D 109 9.73 7.76 -62.80
C THR D 109 10.04 6.61 -61.87
N ILE D 110 10.17 6.91 -60.58
CA ILE D 110 10.26 5.92 -59.53
C ILE D 110 9.01 6.05 -58.66
N ILE D 111 8.47 4.90 -58.24
CA ILE D 111 7.28 4.85 -57.41
C ILE D 111 7.65 4.18 -56.11
N GLY D 112 7.53 4.91 -55.01
CA GLY D 112 7.71 4.31 -53.70
C GLY D 112 6.36 4.02 -53.08
N TYR D 113 6.08 2.75 -52.80
CA TYR D 113 4.79 2.34 -52.28
C TYR D 113 4.98 1.70 -50.91
N CYS D 114 4.13 2.09 -49.97
CA CYS D 114 4.13 1.52 -48.62
C CYS D 114 2.76 0.93 -48.34
N ASP D 115 2.74 -0.37 -48.01
CA ASP D 115 1.51 -1.09 -47.69
C ASP D 115 1.21 -1.09 -46.20
N SER D 116 1.76 -0.12 -45.46
CA SER D 116 1.84 0.05 -44.01
C SER D 116 2.64 -1.05 -43.31
N MET D 117 3.32 -1.92 -44.03
CA MET D 117 4.26 -2.86 -43.45
C MET D 117 5.64 -2.78 -44.07
N LYS D 118 5.74 -2.67 -45.40
CA LYS D 118 7.02 -2.69 -46.09
C LYS D 118 7.06 -1.58 -47.13
N ILE D 119 8.19 -1.45 -47.80
CA ILE D 119 8.42 -0.43 -48.81
C ILE D 119 8.75 -1.14 -50.12
N TYR D 120 7.97 -0.82 -51.16
CA TYR D 120 8.09 -1.46 -52.47
C TYR D 120 8.38 -0.40 -53.51
N ILE D 121 9.34 -0.68 -54.39
CA ILE D 121 9.88 0.31 -55.33
C ILE D 121 9.66 -0.21 -56.74
N PHE D 122 9.00 0.60 -57.58
CA PHE D 122 8.77 0.29 -58.97
C PHE D 122 9.22 1.46 -59.83
N GLU D 123 9.78 1.14 -61.01
CA GLU D 123 10.39 2.16 -61.85
C GLU D 123 10.14 1.86 -63.32
N GLY D 124 10.30 2.90 -64.13
CA GLY D 124 10.24 2.77 -65.58
C GLY D 124 11.15 3.79 -66.21
N GLU D 125 11.46 3.58 -67.50
CA GLU D 125 12.34 4.48 -68.22
C GLU D 125 11.97 4.51 -69.70
N THR D 126 12.18 5.67 -70.32
CA THR D 126 12.00 5.83 -71.75
C THR D 126 13.10 6.72 -72.30
N GLN D 127 13.87 6.19 -73.25
CA GLN D 127 14.87 6.97 -73.96
C GLN D 127 14.19 7.98 -74.88
N GLY D 128 14.82 9.14 -75.05
CA GLY D 128 14.21 10.17 -75.85
C GLY D 128 15.19 11.22 -76.29
N THR D 129 14.64 12.29 -76.87
CA THR D 129 15.42 13.38 -77.45
C THR D 129 14.80 14.71 -77.03
N ILE D 130 15.65 15.72 -76.83
CA ILE D 130 15.18 17.06 -76.50
C ILE D 130 14.89 17.82 -77.79
N SER D 131 13.72 18.44 -77.86
CA SER D 131 13.36 19.26 -79.01
C SER D 131 14.20 20.54 -79.04
N PRO D 132 14.49 21.07 -80.24
CA PRO D 132 15.12 22.39 -80.32
C PRO D 132 14.15 23.54 -80.14
N VAL D 133 12.85 23.27 -80.04
CA VAL D 133 11.83 24.29 -79.88
C VAL D 133 10.66 23.72 -79.09
N PRO D 134 10.14 24.49 -78.13
CA PRO D 134 8.91 24.07 -77.45
C PRO D 134 7.73 23.99 -78.41
N LYS D 135 7.09 22.82 -78.42
CA LYS D 135 6.10 22.49 -79.43
C LYS D 135 4.98 21.68 -78.77
N GLY D 136 3.76 22.17 -78.88
CA GLY D 136 2.64 21.61 -78.16
C GLY D 136 2.15 22.53 -77.06
N PRO D 137 1.10 22.12 -76.35
CA PRO D 137 0.65 22.91 -75.20
C PRO D 137 1.65 22.89 -74.05
N ARG D 138 1.58 23.90 -73.20
CA ARG D 138 2.52 24.10 -72.11
C ARG D 138 1.80 24.10 -70.75
N ASP D 139 0.86 23.18 -70.57
CA ASP D 139 0.10 23.08 -69.34
C ASP D 139 0.61 22.01 -68.39
N PHE D 140 1.48 21.12 -68.85
CA PHE D 140 1.97 20.00 -68.06
C PHE D 140 3.49 19.89 -68.19
N GLN D 141 4.15 21.03 -67.97
CA GLN D 141 5.61 21.16 -67.76
C GLN D 141 6.35 20.76 -69.03
N TRP D 142 7.27 19.79 -68.99
CA TRP D 142 8.18 19.54 -70.09
C TRP D 142 7.68 18.49 -71.07
N ASP D 143 6.37 18.27 -71.19
CA ASP D 143 5.87 17.36 -72.22
C ASP D 143 6.01 17.93 -73.62
N CYS D 144 6.08 19.26 -73.73
CA CYS D 144 6.24 19.94 -75.00
C CYS D 144 7.69 20.03 -75.46
N ILE D 145 8.63 19.53 -74.65
CA ILE D 145 10.05 19.53 -74.99
C ILE D 145 10.60 18.13 -75.21
N PHE D 146 9.87 17.09 -74.85
CA PHE D 146 10.38 15.71 -74.87
C PHE D 146 9.90 15.01 -76.12
N ILE D 147 10.84 14.67 -77.01
CA ILE D 147 10.58 13.80 -78.15
C ILE D 147 10.85 12.37 -77.69
N PRO D 148 9.86 11.48 -77.70
CA PRO D 148 10.12 10.07 -77.37
C PRO D 148 10.84 9.36 -78.51
N ASP D 149 11.39 8.20 -78.20
CA ASP D 149 12.13 7.43 -79.20
C ASP D 149 11.16 6.77 -80.18
N GLY D 150 11.40 7.01 -81.47
CA GLY D 150 10.58 6.44 -82.52
C GLY D 150 9.51 7.35 -83.08
N GLU D 151 9.32 8.54 -82.51
CA GLU D 151 8.32 9.48 -82.98
C GLU D 151 8.96 10.85 -83.19
N SER D 152 8.20 11.75 -83.79
CA SER D 152 8.64 13.13 -84.01
C SER D 152 7.73 14.15 -83.34
N GLU D 153 6.68 13.70 -82.64
CA GLU D 153 5.78 14.60 -81.93
C GLU D 153 6.17 14.61 -80.46
N THR D 154 6.01 15.76 -79.81
CA THR D 154 6.23 15.85 -78.38
C THR D 154 5.10 15.16 -77.62
N PHE D 155 5.32 14.98 -76.31
CA PHE D 155 4.31 14.33 -75.47
C PHE D 155 3.08 15.19 -75.27
N ALA D 156 3.20 16.51 -75.40
CA ALA D 156 2.06 17.40 -75.24
C ALA D 156 1.11 17.31 -76.44
N GLU D 157 1.66 17.32 -77.65
CA GLU D 157 0.85 17.28 -78.86
C GLU D 157 0.31 15.89 -79.15
N MET D 158 0.91 14.84 -78.56
CA MET D 158 0.52 13.47 -78.84
C MET D 158 -0.86 13.13 -78.28
N GLY D 159 -1.20 13.67 -77.12
CA GLY D 159 -2.57 13.60 -76.64
C GLY D 159 -2.76 12.61 -75.50
N ASP D 160 -3.87 11.86 -75.61
CA ASP D 160 -4.18 10.85 -74.60
C ASP D 160 -3.44 9.53 -74.81
N ARG D 161 -2.68 9.39 -75.90
CA ARG D 161 -1.85 8.21 -76.11
C ARG D 161 -0.43 8.48 -75.56
N LYS D 162 -0.26 9.60 -74.85
CA LYS D 162 0.97 9.89 -74.11
C LYS D 162 1.23 8.82 -73.06
N ASN D 163 0.19 8.44 -72.31
CA ASN D 163 0.32 7.42 -71.28
C ASN D 163 -0.03 6.03 -71.81
N GLU D 164 0.57 5.66 -72.93
CA GLU D 164 0.60 4.28 -73.40
C GLU D 164 1.99 3.76 -73.68
N ILE D 165 2.96 4.64 -73.96
CA ILE D 165 4.34 4.25 -74.20
C ILE D 165 5.24 4.87 -73.15
N SER D 166 4.66 5.70 -72.28
CA SER D 166 5.44 6.50 -71.34
C SER D 166 6.03 5.66 -70.23
N MET D 167 7.07 6.22 -69.60
CA MET D 167 7.75 5.56 -68.50
C MET D 167 6.88 5.50 -67.26
N ARG D 168 5.98 6.49 -67.10
CA ARG D 168 4.98 6.45 -66.05
C ARG D 168 4.01 5.30 -66.28
N LYS D 169 3.67 5.01 -67.54
CA LYS D 169 2.78 3.90 -67.85
C LYS D 169 3.43 2.55 -67.56
N LYS D 170 4.73 2.42 -67.82
CA LYS D 170 5.43 1.17 -67.51
C LYS D 170 5.57 0.96 -66.00
N ALA D 171 5.91 2.04 -65.27
CA ALA D 171 6.05 1.95 -63.82
C ALA D 171 4.70 1.67 -63.15
N PHE D 172 3.63 2.28 -63.65
CA PHE D 172 2.32 2.00 -63.10
C PHE D 172 1.74 0.69 -63.60
N ASP D 173 2.24 0.16 -64.71
CA ASP D 173 1.88 -1.20 -65.11
C ASP D 173 2.47 -2.22 -64.15
N LYS D 174 3.73 -2.01 -63.72
CA LYS D 174 4.32 -2.89 -62.70
C LYS D 174 3.65 -2.70 -61.34
N PHE D 175 3.28 -1.46 -61.00
CA PHE D 175 2.56 -1.18 -59.76
C PHE D 175 1.17 -1.82 -59.77
N LYS D 176 0.46 -1.72 -60.89
CA LYS D 176 -0.87 -2.32 -61.03
C LYS D 176 -0.78 -3.84 -61.01
N GLU D 177 0.28 -4.39 -61.62
CA GLU D 177 0.52 -5.84 -61.58
C GLU D 177 0.73 -6.34 -60.16
N TYR D 178 1.52 -5.61 -59.37
CA TYR D 178 1.75 -6.05 -58.00
C TYR D 178 0.51 -5.84 -57.14
N LEU D 179 -0.29 -4.80 -57.44
CA LEU D 179 -1.51 -4.59 -56.67
C LEU D 179 -2.58 -5.62 -57.01
N LEU D 180 -2.55 -6.16 -58.24
CA LEU D 180 -3.58 -7.13 -58.62
C LEU D 180 -3.19 -8.56 -58.24
N GLU D 181 -1.91 -8.91 -58.27
CA GLU D 181 -1.52 -10.23 -57.78
C GLU D 181 -1.56 -10.29 -56.26
N GLY D 182 -1.28 -9.18 -55.57
CA GLY D 182 -1.50 -9.10 -54.15
C GLY D 182 -0.25 -8.73 -53.40
N GLY D 183 -0.32 -8.86 -52.08
CA GLY D 183 0.77 -8.45 -51.21
C GLY D 183 1.96 -9.39 -51.20
N LYS D 184 2.70 -9.42 -52.31
CA LYS D 184 3.88 -10.27 -52.43
C LYS D 184 5.14 -9.54 -51.99
N MET E 1 14.03 -28.10 17.89
CA MET E 1 15.04 -27.48 18.72
C MET E 1 16.42 -27.69 18.17
N GLU E 2 16.71 -28.92 17.80
CA GLU E 2 18.03 -29.23 17.30
C GLU E 2 18.26 -28.46 16.04
N GLN E 3 17.22 -28.35 15.23
CA GLN E 3 17.35 -27.63 13.99
C GLN E 3 17.86 -26.23 14.31
N LEU E 4 17.22 -25.59 15.28
CA LEU E 4 17.61 -24.24 15.65
C LEU E 4 19.08 -24.17 15.97
N LEU E 5 19.57 -25.11 16.77
CA LEU E 5 20.96 -25.03 17.17
C LEU E 5 21.84 -25.02 15.94
N ALA E 6 21.39 -25.68 14.88
CA ALA E 6 22.19 -25.72 13.68
C ALA E 6 22.47 -24.32 13.22
N ASP E 7 21.41 -23.56 13.00
CA ASP E 7 21.55 -22.21 12.50
C ASP E 7 22.41 -21.32 13.38
N TYR E 8 22.25 -21.46 14.68
CA TYR E 8 22.99 -20.61 15.58
C TYR E 8 24.47 -20.78 15.32
N LYS E 9 24.84 -21.93 14.81
CA LYS E 9 26.25 -22.18 14.58
C LYS E 9 26.77 -21.31 13.47
N LYS E 10 26.13 -21.37 12.31
CA LYS E 10 26.56 -20.54 11.20
C LYS E 10 26.39 -19.07 11.56
N GLY E 11 25.15 -18.58 11.59
CA GLY E 11 24.90 -17.20 11.93
C GLY E 11 23.62 -16.75 11.30
N ASN E 12 22.55 -17.52 11.48
CA ASN E 12 21.27 -17.19 10.88
C ASN E 12 20.17 -17.12 11.90
N VAL E 13 20.47 -16.54 13.06
CA VAL E 13 19.45 -16.37 14.06
C VAL E 13 19.45 -14.95 14.57
N ILE E 14 18.28 -14.33 14.72
CA ILE E 14 18.19 -12.98 15.25
C ILE E 14 17.47 -13.04 16.56
N LEU E 15 17.81 -12.23 17.55
CA LEU E 15 17.15 -12.32 18.83
C LEU E 15 16.15 -11.19 19.01
N PHE E 16 14.99 -11.47 19.57
CA PHE E 16 13.98 -10.46 19.80
C PHE E 16 13.58 -10.57 21.27
N VAL E 17 13.97 -9.61 22.10
CA VAL E 17 13.70 -9.66 23.54
C VAL E 17 12.48 -8.85 23.99
N GLY E 18 11.80 -9.28 25.05
CA GLY E 18 10.61 -8.63 25.53
C GLY E 18 10.64 -8.43 27.03
N ALA E 19 9.53 -8.06 27.64
CA ALA E 19 9.53 -7.72 29.07
C ALA E 19 9.77 -8.85 30.04
N GLY E 20 9.60 -10.08 29.61
CA GLY E 20 9.75 -11.17 30.54
C GLY E 20 11.15 -11.25 31.04
N VAL E 21 12.09 -10.82 30.23
CA VAL E 21 13.47 -10.85 30.63
C VAL E 21 13.66 -9.85 31.73
N SER E 22 13.05 -8.67 31.56
CA SER E 22 13.18 -7.59 32.53
C SER E 22 12.17 -7.72 33.64
N MET E 23 12.29 -8.76 34.43
CA MET E 23 11.40 -8.95 35.53
C MET E 23 12.22 -9.67 36.54
N ASN E 24 13.17 -10.43 36.05
CA ASN E 24 14.06 -11.09 36.96
C ASN E 24 14.90 -10.03 37.63
N LEU E 25 15.13 -8.92 36.94
CA LEU E 25 15.95 -7.84 37.49
C LEU E 25 15.30 -7.21 38.71
N GLY E 26 13.99 -7.04 38.66
CA GLY E 26 13.29 -6.45 39.78
C GLY E 26 12.49 -5.25 39.40
N LEU E 27 12.57 -4.90 38.12
CA LEU E 27 11.95 -3.68 37.67
C LEU E 27 10.50 -3.63 37.95
N PRO E 28 9.95 -2.44 37.88
CA PRO E 28 8.51 -2.33 38.02
C PRO E 28 7.86 -3.16 36.95
N SER E 29 6.67 -3.63 37.22
CA SER E 29 5.95 -4.41 36.26
C SER E 29 5.01 -3.50 35.55
N TRP E 30 4.21 -4.06 34.66
CA TRP E 30 3.22 -3.26 33.98
C TRP E 30 2.04 -3.02 34.90
N SER E 31 1.86 -3.91 35.87
CA SER E 31 0.74 -3.78 36.77
C SER E 31 0.90 -2.49 37.48
N GLN E 32 2.05 -2.34 38.12
CA GLN E 32 2.28 -1.13 38.88
C GLN E 32 2.09 0.08 38.00
N LEU E 33 2.43 -0.03 36.73
CA LEU E 33 2.28 1.11 35.87
C LEU E 33 0.83 1.49 35.86
N VAL E 34 -0.03 0.61 35.39
CA VAL E 34 -1.44 0.98 35.26
C VAL E 34 -2.00 1.44 36.58
N ASP E 35 -1.62 0.78 37.65
CA ASP E 35 -2.09 1.20 38.95
C ASP E 35 -1.72 2.64 39.25
N HIS E 36 -0.50 3.02 38.90
CA HIS E 36 -0.06 4.38 39.16
C HIS E 36 -0.93 5.37 38.43
N ILE E 37 -1.15 5.12 37.16
CA ILE E 37 -2.00 5.98 36.39
C ILE E 37 -3.33 6.14 37.09
N ALA E 38 -3.74 5.13 37.83
CA ALA E 38 -5.03 5.16 38.48
C ALA E 38 -5.04 6.09 39.67
N THR E 39 -4.10 5.91 40.57
CA THR E 39 -4.06 6.74 41.75
C THR E 39 -3.95 8.17 41.32
N GLU E 40 -3.10 8.42 40.34
CA GLU E 40 -2.88 9.78 39.88
C GLU E 40 -4.10 10.34 39.18
N LEU E 41 -5.22 9.67 39.26
CA LEU E 41 -6.39 10.13 38.53
C LEU E 41 -7.63 10.00 39.37
N GLY E 42 -7.49 9.61 40.62
CA GLY E 42 -8.64 9.57 41.49
C GLY E 42 -9.35 8.26 41.54
N TYR E 43 -9.09 7.41 40.55
CA TYR E 43 -9.72 6.11 40.53
C TYR E 43 -9.05 5.20 41.52
N ASP E 44 -9.56 3.99 41.67
CA ASP E 44 -8.88 3.04 42.53
C ASP E 44 -8.35 1.99 41.60
N PRO E 45 -7.30 1.28 42.01
CA PRO E 45 -6.68 0.32 41.10
C PRO E 45 -7.66 -0.54 40.35
N ASP E 46 -8.45 -1.34 41.05
CA ASP E 46 -9.35 -2.29 40.39
C ASP E 46 -10.37 -1.68 39.45
N ILE E 47 -11.18 -0.76 39.95
CA ILE E 47 -12.22 -0.22 39.13
C ILE E 47 -11.68 0.38 37.86
N TYR E 48 -10.46 0.93 37.88
CA TYR E 48 -9.96 1.57 36.69
C TYR E 48 -9.82 0.54 35.61
N ARG E 49 -9.29 -0.62 35.97
CA ARG E 49 -9.03 -1.64 34.96
C ARG E 49 -10.27 -2.41 34.60
N THR E 50 -11.34 -1.71 34.30
CA THR E 50 -12.58 -2.40 33.98
C THR E 50 -13.19 -1.61 32.89
N PHE E 51 -12.42 -0.66 32.36
CA PHE E 51 -12.95 0.18 31.31
C PHE E 51 -12.23 -0.01 30.00
N GLY E 52 -11.08 -0.66 30.03
CA GLY E 52 -10.30 -0.80 28.81
C GLY E 52 -9.13 -1.75 28.90
N SER E 53 -8.36 -1.87 27.83
CA SER E 53 -7.21 -2.76 27.80
C SER E 53 -6.15 -2.34 28.79
N ALA E 54 -4.99 -1.97 28.28
CA ALA E 54 -3.94 -1.46 29.14
C ALA E 54 -3.39 -0.30 28.38
N LEU E 55 -3.04 -0.54 27.14
CA LEU E 55 -2.57 0.53 26.33
C LEU E 55 -3.62 1.60 26.40
N GLU E 56 -4.88 1.20 26.33
CA GLU E 56 -5.96 2.17 26.31
C GLU E 56 -5.99 2.91 27.63
N LEU E 57 -5.75 2.20 28.72
CA LEU E 57 -5.76 2.84 30.02
C LEU E 57 -4.48 3.62 30.24
N ALA E 58 -3.81 3.99 29.16
CA ALA E 58 -2.60 4.80 29.27
C ALA E 58 -2.67 5.89 28.25
N GLU E 59 -3.61 5.77 27.33
CA GLU E 59 -3.80 6.84 26.39
C GLU E 59 -4.70 7.80 27.08
N TYR E 60 -5.49 7.30 28.03
CA TYR E 60 -6.36 8.18 28.78
C TYR E 60 -5.54 9.10 29.63
N TYR E 61 -4.61 8.57 30.40
CA TYR E 61 -3.73 9.43 31.15
C TYR E 61 -3.35 10.59 30.26
N LYS E 62 -2.47 10.36 29.31
CA LYS E 62 -2.01 11.40 28.44
C LYS E 62 -3.11 12.36 28.10
N LEU E 63 -4.13 11.88 27.44
CA LEU E 63 -5.15 12.80 26.98
C LEU E 63 -5.52 13.81 28.04
N LYS E 64 -5.72 13.36 29.27
CA LYS E 64 -6.08 14.26 30.35
C LYS E 64 -4.93 15.19 30.69
N LYS E 65 -3.74 14.64 30.84
CA LYS E 65 -2.59 15.45 31.21
C LYS E 65 -1.97 16.09 30.01
N GLY E 66 -2.62 16.00 28.87
CA GLY E 66 -2.13 16.67 27.69
C GLY E 66 -0.94 16.09 26.96
N LYS E 67 -0.11 15.32 27.64
CA LYS E 67 1.08 14.79 27.00
C LYS E 67 1.73 13.64 27.75
N ILE E 68 2.68 12.96 27.13
CA ILE E 68 3.29 11.80 27.74
C ILE E 68 4.47 12.11 28.63
N GLY E 69 4.91 13.35 28.66
CA GLY E 69 6.09 13.69 29.41
C GLY E 69 6.02 13.29 30.86
N PRO E 70 4.93 13.64 31.52
CA PRO E 70 4.82 13.35 32.94
C PRO E 70 4.98 11.85 33.29
N LEU E 71 4.93 10.96 32.32
CA LEU E 71 5.02 9.54 32.63
C LEU E 71 6.39 9.03 32.29
N ARG E 72 6.89 9.38 31.13
CA ARG E 72 8.18 8.92 30.73
C ARG E 72 9.10 9.17 31.87
N SER E 73 8.86 10.23 32.63
CA SER E 73 9.76 10.60 33.71
C SER E 73 9.69 9.70 34.91
N TRP E 74 8.50 9.34 35.34
CA TRP E 74 8.40 8.42 36.45
C TRP E 74 9.04 7.13 36.02
N MET E 75 8.74 6.68 34.82
CA MET E 75 9.25 5.41 34.33
C MET E 75 10.74 5.39 34.22
N ASP E 76 11.32 6.42 33.65
CA ASP E 76 12.74 6.44 33.44
C ASP E 76 13.44 6.46 34.76
N ARG E 77 12.98 7.29 35.67
CA ARG E 77 13.65 7.42 36.95
C ARG E 77 13.47 6.18 37.79
N MET E 78 12.30 5.57 37.76
CA MET E 78 12.03 4.39 38.56
C MET E 78 12.73 3.10 38.13
N TRP E 79 12.67 2.82 36.83
CA TRP E 79 13.31 1.64 36.29
C TRP E 79 14.80 1.72 36.39
N HIS E 80 15.38 2.76 35.84
CA HIS E 80 16.83 2.84 35.83
C HIS E 80 17.33 3.28 37.17
N SER E 81 16.76 2.73 38.24
CA SER E 81 17.13 3.13 39.58
C SER E 81 18.52 2.67 39.91
N SER E 82 18.94 2.90 41.14
CA SER E 82 20.28 2.52 41.54
C SER E 82 20.25 1.47 42.61
N ASP E 83 19.18 0.71 42.67
CA ASP E 83 19.09 -0.36 43.62
C ASP E 83 19.04 -1.64 42.84
N ILE E 84 19.39 -1.54 41.55
CA ILE E 84 19.38 -2.70 40.70
C ILE E 84 20.81 -3.06 40.33
N ASP E 85 21.20 -4.31 40.55
CA ASP E 85 22.54 -4.77 40.20
C ASP E 85 22.49 -5.72 39.02
N ILE E 86 23.16 -5.37 37.94
CA ILE E 86 23.08 -6.18 36.75
C ILE E 86 23.88 -7.45 36.88
N ASN E 87 24.86 -7.46 37.76
CA ASN E 87 25.72 -8.63 37.82
C ASN E 87 25.07 -9.75 38.60
N LYS E 88 23.79 -9.59 38.92
CA LYS E 88 23.08 -10.61 39.65
C LYS E 88 22.00 -11.25 38.80
N SER E 89 22.07 -11.06 37.49
CA SER E 89 21.08 -11.65 36.60
C SER E 89 21.74 -12.50 35.58
N LYS E 90 21.58 -13.80 35.69
CA LYS E 90 22.21 -14.70 34.75
C LYS E 90 21.65 -14.53 33.38
N VAL E 91 20.35 -14.32 33.27
CA VAL E 91 19.76 -14.25 31.97
C VAL E 91 20.48 -13.18 31.19
N HIS E 92 20.75 -12.07 31.85
CA HIS E 92 21.39 -10.98 31.16
C HIS E 92 22.85 -11.26 30.93
N GLU E 93 23.44 -12.09 31.76
CA GLU E 93 24.83 -12.46 31.55
C GLU E 93 24.95 -13.21 30.26
N TYR E 94 24.25 -14.33 30.19
CA TYR E 94 24.38 -15.19 29.02
C TYR E 94 24.16 -14.46 27.73
N ILE E 95 23.13 -13.63 27.69
CA ILE E 95 22.82 -12.91 26.48
C ILE E 95 24.04 -12.13 26.06
N ALA E 96 24.85 -11.74 27.03
CA ALA E 96 26.01 -10.91 26.72
C ALA E 96 27.16 -11.74 26.26
N LYS E 97 27.07 -13.06 26.42
CA LYS E 97 28.19 -13.91 26.10
C LYS E 97 27.98 -14.66 24.80
N ALA E 98 26.73 -14.87 24.42
CA ALA E 98 26.42 -15.59 23.20
C ALA E 98 26.96 -14.87 22.01
N ASN E 99 26.58 -15.36 20.84
CA ASN E 99 27.06 -14.74 19.62
C ASN E 99 25.89 -14.44 18.75
N PHE E 100 25.18 -13.37 19.07
CA PHE E 100 24.07 -12.96 18.25
C PHE E 100 24.48 -11.69 17.58
N PRO E 101 24.50 -11.68 16.25
CA PRO E 101 24.94 -10.52 15.51
C PRO E 101 23.97 -9.33 15.55
N ILE E 102 22.67 -9.57 15.66
CA ILE E 102 21.67 -8.51 15.68
C ILE E 102 20.69 -8.78 16.82
N ILE E 103 20.27 -7.73 17.54
CA ILE E 103 19.35 -7.90 18.67
C ILE E 103 18.23 -6.88 18.68
N TYR E 104 17.01 -7.27 18.30
CA TYR E 104 15.88 -6.36 18.37
C TYR E 104 15.21 -6.50 19.72
N THR E 105 14.46 -5.49 20.15
CA THR E 105 13.81 -5.48 21.47
C THR E 105 12.61 -4.57 21.50
N THR E 106 11.69 -4.80 22.43
CA THR E 106 10.52 -3.96 22.53
C THR E 106 10.47 -3.35 23.92
N ASN E 107 11.55 -3.45 24.68
CA ASN E 107 11.62 -2.83 25.98
C ASN E 107 12.10 -1.40 25.81
N TYR E 108 11.82 -0.52 26.77
CA TYR E 108 12.20 0.88 26.64
C TYR E 108 13.42 1.22 27.47
N ASP E 109 13.86 0.32 28.31
CA ASP E 109 14.98 0.60 29.20
C ASP E 109 16.31 0.61 28.54
N ARG E 110 17.36 0.41 29.32
CA ARG E 110 18.71 0.37 28.77
C ARG E 110 19.57 -0.69 29.41
N TRP E 111 19.00 -1.79 29.85
CA TRP E 111 19.80 -2.75 30.59
C TRP E 111 20.59 -3.71 29.70
N ILE E 112 20.14 -3.93 28.48
CA ILE E 112 20.84 -4.87 27.64
C ILE E 112 22.20 -4.33 27.28
N GLU E 113 22.25 -3.07 26.85
CA GLU E 113 23.51 -2.46 26.51
C GLU E 113 24.40 -2.41 27.72
N THR E 114 23.84 -2.09 28.87
CA THR E 114 24.61 -1.99 30.09
C THR E 114 25.32 -3.29 30.37
N ALA E 115 24.64 -4.40 30.18
CA ALA E 115 25.25 -5.69 30.40
C ALA E 115 26.34 -5.96 29.40
N LEU E 116 26.05 -5.68 28.14
CA LEU E 116 27.03 -5.97 27.10
C LEU E 116 28.33 -5.28 27.40
N SER E 117 28.26 -4.13 28.05
CA SER E 117 29.46 -3.39 28.38
C SER E 117 30.08 -3.91 29.66
N ASN E 118 29.25 -4.25 30.64
CA ASN E 118 29.76 -4.77 31.90
C ASN E 118 30.61 -6.00 31.71
N TYR E 119 30.21 -6.87 30.80
CA TYR E 119 30.99 -8.07 30.53
C TYR E 119 31.93 -7.85 29.37
N GLY E 120 32.21 -6.59 29.04
CA GLY E 120 33.17 -6.31 27.99
C GLY E 120 32.84 -6.66 26.55
N LYS E 121 32.03 -5.84 25.90
CA LYS E 121 31.68 -6.07 24.50
C LYS E 121 31.32 -4.73 23.87
N GLU E 122 31.28 -4.68 22.54
CA GLU E 122 31.00 -3.43 21.87
C GLU E 122 29.71 -3.54 21.11
N TYR E 123 29.05 -2.42 20.87
CA TYR E 123 27.77 -2.46 20.23
C TYR E 123 27.40 -1.10 19.70
N ILE E 124 26.31 -1.01 18.94
CA ILE E 124 25.85 0.26 18.42
C ILE E 124 24.36 0.29 18.66
N LYS E 125 23.80 1.45 19.00
CA LYS E 125 22.39 1.55 19.27
C LYS E 125 21.69 2.19 18.10
N ILE E 126 20.55 1.64 17.70
CA ILE E 126 19.83 2.19 16.58
C ILE E 126 18.39 2.43 16.97
N SER E 127 18.05 3.70 17.09
CA SER E 127 16.68 4.08 17.37
C SER E 127 16.19 5.08 16.33
N SER E 128 17.03 5.41 15.35
CA SER E 128 16.64 6.32 14.27
C SER E 128 17.50 6.15 13.05
N VAL E 129 17.11 6.77 11.95
CA VAL E 129 17.83 6.59 10.68
C VAL E 129 19.28 7.01 10.70
N SER E 130 19.59 8.07 11.43
CA SER E 130 20.95 8.52 11.49
C SER E 130 21.87 7.42 11.92
N ASP E 131 21.42 6.62 12.87
CA ASP E 131 22.26 5.55 13.40
C ASP E 131 22.49 4.50 12.36
N ILE E 132 21.49 4.22 11.55
CA ILE E 132 21.60 3.18 10.54
C ILE E 132 22.82 3.50 9.72
N ALA E 133 23.17 4.77 9.65
CA ALA E 133 24.30 5.18 8.83
C ALA E 133 25.64 4.94 9.47
N LYS E 134 25.66 4.40 10.67
CA LYS E 134 26.92 4.20 11.38
C LYS E 134 27.23 2.73 11.61
N ILE E 135 26.44 1.84 11.06
CA ILE E 135 26.61 0.41 11.36
C ILE E 135 27.98 -0.11 11.00
N ASP E 136 28.57 -0.88 11.91
CA ASP E 136 29.86 -1.48 11.67
C ASP E 136 29.65 -2.96 11.68
N ASN E 137 30.28 -3.68 10.77
CA ASN E 137 30.03 -5.10 10.67
C ASN E 137 30.85 -5.84 11.70
N ASN E 138 31.51 -5.10 12.57
CA ASN E 138 32.35 -5.74 13.56
C ASN E 138 31.87 -5.53 14.98
N LYS E 139 30.65 -5.02 15.14
CA LYS E 139 30.10 -4.83 16.47
C LYS E 139 28.65 -5.22 16.42
N THR E 140 28.04 -5.41 17.58
CA THR E 140 26.65 -5.83 17.64
C THR E 140 25.72 -4.68 17.41
N GLN E 141 24.51 -4.97 16.96
CA GLN E 141 23.54 -3.94 16.72
C GLN E 141 22.37 -4.16 17.64
N ILE E 142 22.05 -3.18 18.47
CA ILE E 142 20.91 -3.28 19.34
C ILE E 142 19.82 -2.35 18.88
N ILE E 143 18.78 -2.88 18.24
CA ILE E 143 17.71 -2.06 17.70
C ILE E 143 16.53 -1.97 18.63
N LYS E 144 16.00 -0.77 18.83
CA LYS E 144 14.88 -0.56 19.74
C LYS E 144 13.65 -0.41 18.92
N PHE E 145 12.89 -1.47 18.75
CA PHE E 145 11.76 -1.42 17.85
C PHE E 145 10.61 -0.57 18.36
N ALA E 146 10.61 -0.21 19.63
CA ALA E 146 9.50 0.54 20.18
C ALA E 146 9.85 1.85 20.89
N GLY E 147 10.98 2.45 20.56
CA GLY E 147 11.40 3.68 21.17
C GLY E 147 12.12 3.58 22.49
N ASP E 148 12.91 4.59 22.81
CA ASP E 148 13.60 4.64 24.08
C ASP E 148 13.03 5.83 24.81
N PHE E 149 13.59 6.15 25.97
CA PHE E 149 13.12 7.27 26.74
C PHE E 149 13.80 8.55 26.30
N ASP E 150 14.70 8.48 25.34
CA ASP E 150 15.43 9.64 24.86
C ASP E 150 14.73 10.35 23.73
N ASP E 151 13.40 10.37 23.73
CA ASP E 151 12.61 11.00 22.65
C ASP E 151 11.17 10.57 22.83
N ASP E 152 10.23 11.48 22.65
CA ASP E 152 8.83 11.14 22.91
C ASP E 152 7.99 11.16 21.67
N SER E 153 8.59 11.40 20.53
CA SER E 153 7.85 11.35 19.29
C SER E 153 7.89 9.95 18.73
N SER E 154 8.52 9.04 19.45
CA SER E 154 8.65 7.70 18.98
C SER E 154 8.05 6.72 19.96
N ILE E 155 8.31 6.89 21.24
CA ILE E 155 7.85 5.90 22.19
C ILE E 155 6.48 5.41 21.84
N VAL E 156 6.32 4.09 21.67
CA VAL E 156 5.03 3.51 21.39
C VAL E 156 4.46 3.07 22.69
N LEU E 157 3.57 3.88 23.26
CA LEU E 157 3.00 3.58 24.57
C LEU E 157 1.51 3.86 24.65
N ASP E 158 0.81 3.88 23.51
CA ASP E 158 -0.61 4.11 23.52
C ASP E 158 -1.27 3.53 22.27
N GLU E 159 -2.58 3.38 22.30
CA GLU E 159 -3.29 2.79 21.17
C GLU E 159 -2.96 3.44 19.86
N THR E 160 -3.32 4.69 19.74
CA THR E 160 -3.09 5.39 18.50
C THR E 160 -1.73 5.04 17.94
N SER E 161 -0.72 4.87 18.78
CA SER E 161 0.61 4.63 18.25
C SER E 161 0.78 3.20 17.80
N TYR E 162 0.44 2.26 18.67
CA TYR E 162 0.52 0.84 18.36
C TYR E 162 -0.42 0.54 17.24
N PHE E 163 -0.83 1.58 16.54
CA PHE E 163 -1.69 1.40 15.41
C PHE E 163 -0.93 1.84 14.20
N GLN E 164 -0.62 3.12 14.14
CA GLN E 164 0.02 3.62 12.95
C GLN E 164 1.31 2.86 12.72
N ARG E 165 1.79 2.18 13.75
CA ARG E 165 2.98 1.37 13.55
C ARG E 165 2.61 -0.04 13.13
N LEU E 166 1.50 -0.18 12.44
CA LEU E 166 1.10 -1.49 11.94
C LEU E 166 0.88 -1.36 10.45
N GLU E 167 1.62 -0.47 9.82
CA GLU E 167 1.54 -0.30 8.38
C GLU E 167 2.96 -0.40 7.88
N PHE E 168 3.92 -0.47 8.79
CA PHE E 168 5.32 -0.65 8.45
C PHE E 168 5.81 0.32 7.39
N GLU E 169 5.80 1.61 7.70
CA GLU E 169 6.32 2.57 6.77
C GLU E 169 7.47 3.32 7.42
N THR E 170 7.67 3.10 8.71
CA THR E 170 8.74 3.74 9.42
C THR E 170 10.05 3.20 8.91
N PRO E 171 11.10 3.99 8.95
CA PRO E 171 12.42 3.50 8.54
C PRO E 171 12.87 2.25 9.26
N LEU E 172 12.57 2.10 10.53
CA LEU E 172 13.05 0.96 11.27
C LEU E 172 12.31 -0.30 10.90
N ASP E 173 11.15 -0.18 10.28
CA ASP E 173 10.45 -1.35 9.81
C ASP E 173 11.11 -1.88 8.58
N ILE E 174 11.26 -1.06 7.56
CA ILE E 174 11.89 -1.47 6.33
C ILE E 174 13.14 -2.26 6.57
N LYS E 175 13.84 -2.01 7.65
CA LYS E 175 15.05 -2.73 7.97
C LYS E 175 14.72 -4.14 8.42
N PHE E 176 13.71 -4.31 9.24
CA PHE E 176 13.38 -5.61 9.78
C PHE E 176 12.78 -6.47 8.71
N ARG E 177 12.35 -5.87 7.64
CA ARG E 177 11.69 -6.64 6.60
C ARG E 177 12.69 -6.98 5.55
N SER E 178 13.95 -6.76 5.82
CA SER E 178 14.99 -7.10 4.87
C SER E 178 15.99 -7.90 5.60
N ASP E 179 15.88 -7.90 6.91
CA ASP E 179 16.80 -8.66 7.71
C ASP E 179 16.28 -10.04 7.83
N VAL E 180 14.97 -10.20 7.78
CA VAL E 180 14.35 -11.50 7.90
C VAL E 180 14.21 -12.18 6.57
N LEU E 181 14.68 -11.58 5.49
CA LEU E 181 14.68 -12.26 4.22
C LEU E 181 15.98 -12.97 4.16
N GLY E 182 16.09 -14.10 4.79
CA GLY E 182 17.32 -14.86 4.77
C GLY E 182 17.79 -15.36 6.11
N LYS E 183 17.08 -15.01 7.17
CA LYS E 183 17.47 -15.46 8.51
C LYS E 183 16.26 -15.82 9.37
N SER E 184 16.50 -16.41 10.53
CA SER E 184 15.41 -16.84 11.41
C SER E 184 15.44 -16.08 12.71
N VAL E 185 14.29 -15.96 13.37
CA VAL E 185 14.21 -15.17 14.58
C VAL E 185 13.84 -15.99 15.80
N LEU E 186 14.60 -15.88 16.86
CA LEU E 186 14.27 -16.58 18.08
C LEU E 186 13.62 -15.63 19.06
N PHE E 187 12.31 -15.64 19.12
CA PHE E 187 11.62 -14.82 20.07
C PHE E 187 11.80 -15.39 21.46
N ILE E 188 12.04 -14.54 22.45
CA ILE E 188 12.18 -14.96 23.83
C ILE E 188 11.69 -13.86 24.74
N GLY E 189 11.25 -14.18 25.93
CA GLY E 189 10.71 -13.16 26.78
C GLY E 189 9.30 -12.70 26.49
N TYR E 190 8.79 -12.98 25.30
CA TYR E 190 7.47 -12.47 24.91
C TYR E 190 6.27 -13.25 25.39
N SER E 191 5.08 -12.71 25.16
CA SER E 191 3.85 -13.39 25.54
C SER E 191 2.85 -13.21 24.44
N LEU E 192 2.20 -14.28 24.02
CA LEU E 192 1.28 -14.17 22.88
C LEU E 192 0.13 -13.29 23.24
N SER E 193 0.28 -12.02 22.95
CA SER E 193 -0.78 -11.06 23.19
C SER E 193 -0.48 -9.92 22.24
N ASP E 194 -0.27 -10.25 20.97
CA ASP E 194 0.09 -9.24 20.00
C ASP E 194 -0.41 -9.63 18.64
N ILE E 195 -0.38 -8.69 17.72
CA ILE E 195 -0.75 -9.00 16.35
C ILE E 195 0.37 -8.48 15.50
N ASN E 196 1.38 -7.91 16.14
CA ASN E 196 2.54 -7.47 15.39
C ASN E 196 3.31 -8.70 15.02
N ILE E 197 3.42 -9.63 15.95
CA ILE E 197 4.17 -10.86 15.71
C ILE E 197 3.43 -11.71 14.74
N ARG E 198 2.17 -11.40 14.54
CA ARG E 198 1.37 -12.23 13.70
C ARG E 198 1.20 -11.69 12.31
N LEU E 199 1.11 -10.39 12.17
CA LEU E 199 1.01 -9.82 10.84
C LEU E 199 2.38 -9.61 10.27
N LEU E 200 3.42 -9.88 11.03
CA LEU E 200 4.75 -9.76 10.51
C LEU E 200 5.06 -11.03 9.79
N PHE E 201 4.95 -12.13 10.49
CA PHE E 201 5.21 -13.41 9.88
C PHE E 201 4.12 -13.82 8.96
N TYR E 202 2.90 -13.73 9.38
CA TYR E 202 1.87 -14.05 8.43
C TYR E 202 2.15 -13.38 7.11
N LYS E 203 2.89 -12.28 7.10
CA LYS E 203 3.08 -11.57 5.87
C LYS E 203 4.37 -11.93 5.19
N LEU E 204 5.33 -12.44 5.95
CA LEU E 204 6.57 -12.89 5.35
C LEU E 204 6.35 -14.22 4.69
N SER E 205 5.78 -15.15 5.42
CA SER E 205 5.55 -16.49 4.91
C SER E 205 4.88 -16.47 3.57
N LYS E 206 3.82 -15.71 3.43
CA LYS E 206 3.08 -15.72 2.20
C LYS E 206 3.96 -15.30 1.04
N LEU E 207 4.93 -14.46 1.31
CA LEU E 207 5.85 -14.03 0.27
C LEU E 207 6.65 -15.18 -0.29
N TRP E 208 7.20 -16.02 0.58
CA TRP E 208 7.98 -17.18 0.16
C TRP E 208 7.18 -18.11 -0.71
N LYS E 209 5.92 -18.30 -0.38
CA LYS E 209 5.07 -19.17 -1.17
C LYS E 209 4.87 -18.67 -2.59
N GLU E 210 4.72 -17.36 -2.79
CA GLU E 210 4.62 -16.84 -4.14
C GLU E 210 5.91 -17.11 -4.85
N GLN E 211 7.01 -17.01 -4.12
CA GLN E 211 8.31 -17.27 -4.69
C GLN E 211 8.46 -18.75 -4.96
N LYS E 212 7.51 -19.55 -4.49
CA LYS E 212 7.53 -20.97 -4.77
C LYS E 212 8.73 -21.66 -4.16
N LEU E 213 9.27 -21.11 -3.09
CA LEU E 213 10.40 -21.73 -2.41
C LEU E 213 10.09 -21.81 -0.94
N GLU E 214 8.88 -22.21 -0.61
CA GLU E 214 8.47 -22.31 0.79
C GLU E 214 9.44 -23.16 1.56
N GLU E 215 9.91 -24.24 0.94
CA GLU E 215 10.77 -25.17 1.65
C GLU E 215 12.07 -24.52 2.10
N ALA E 216 12.30 -23.28 1.67
CA ALA E 216 13.51 -22.59 2.07
C ALA E 216 13.32 -21.61 3.25
N GLN E 217 12.19 -20.94 3.34
CA GLN E 217 12.03 -19.96 4.40
C GLN E 217 12.41 -20.58 5.71
N PRO E 218 13.24 -19.90 6.48
CA PRO E 218 13.70 -20.46 7.75
C PRO E 218 12.64 -20.62 8.87
N LYS E 219 13.00 -20.99 10.12
CA LYS E 219 12.11 -21.30 11.21
C LYS E 219 12.41 -20.41 12.40
N SER E 220 11.38 -19.73 12.85
CA SER E 220 11.54 -18.95 14.01
C SER E 220 11.39 -19.92 15.13
N TYR E 221 11.18 -19.42 16.32
CA TYR E 221 11.01 -20.26 17.47
C TYR E 221 10.37 -19.35 18.47
N ILE E 222 9.90 -19.87 19.58
CA ILE E 222 9.34 -19.01 20.59
C ILE E 222 9.25 -19.71 21.93
N PHE E 223 10.34 -19.70 22.67
CA PHE E 223 10.34 -20.31 23.97
C PHE E 223 9.29 -19.72 24.86
N LEU E 224 8.24 -20.47 25.13
CA LEU E 224 7.23 -20.03 26.05
C LEU E 224 7.53 -20.87 27.25
N PRO E 225 6.91 -20.59 28.38
CA PRO E 225 7.31 -21.42 29.51
C PRO E 225 6.32 -22.55 29.74
N ARG E 226 5.04 -22.24 29.86
CA ARG E 226 4.02 -23.26 29.99
C ARG E 226 3.49 -23.53 28.61
N PRO E 227 2.93 -24.71 28.38
CA PRO E 227 2.52 -25.03 27.01
C PRO E 227 1.04 -24.80 26.72
N ASN E 228 0.71 -24.56 25.45
CA ASN E 228 -0.68 -24.34 25.06
C ASN E 228 -1.02 -25.20 23.88
N PRO E 229 -2.02 -26.07 24.05
CA PRO E 229 -2.48 -26.87 22.93
C PRO E 229 -2.84 -26.03 21.73
N ILE E 230 -3.85 -25.18 21.86
CA ILE E 230 -4.32 -24.41 20.73
C ILE E 230 -3.27 -23.61 20.01
N GLN E 231 -2.64 -22.66 20.69
CA GLN E 231 -1.72 -21.77 20.01
C GLN E 231 -0.67 -22.47 19.19
N GLU E 232 -0.31 -23.68 19.55
CA GLU E 232 0.77 -24.31 18.80
C GLU E 232 0.34 -24.50 17.36
N GLU E 233 -0.93 -24.81 17.16
CA GLU E 233 -1.44 -25.02 15.80
C GLU E 233 -1.51 -23.74 15.04
N ILE E 234 -2.13 -22.74 15.63
CA ILE E 234 -2.31 -21.50 14.94
C ILE E 234 -0.96 -20.92 14.59
N LEU E 235 0.01 -21.09 15.46
CA LEU E 235 1.30 -20.49 15.22
C LEU E 235 2.15 -21.37 14.36
N GLU E 236 1.68 -22.58 14.12
CA GLU E 236 2.41 -23.47 13.26
C GLU E 236 2.15 -23.05 11.83
N GLN E 237 1.10 -22.25 11.62
CA GLN E 237 0.78 -21.91 10.24
C GLN E 237 1.80 -21.04 9.57
N TRP E 238 2.64 -20.34 10.33
CA TRP E 238 3.57 -19.43 9.74
C TRP E 238 4.98 -19.68 10.21
N ARG E 239 5.49 -20.87 9.99
CA ARG E 239 6.85 -21.21 10.37
C ARG E 239 7.34 -20.77 11.73
N ILE E 240 6.47 -20.78 12.73
CA ILE E 240 6.93 -20.45 14.07
C ILE E 240 6.87 -21.71 14.90
N GLY E 241 7.99 -22.09 15.48
CA GLY E 241 8.03 -23.27 16.31
C GLY E 241 7.50 -23.06 17.70
N MET E 242 8.07 -23.74 18.68
CA MET E 242 7.68 -23.54 20.06
C MET E 242 8.54 -24.44 20.88
N ILE E 243 9.03 -23.96 22.01
CA ILE E 243 9.95 -24.77 22.78
C ILE E 243 9.69 -24.59 24.26
N SER E 244 8.62 -25.18 24.76
CA SER E 244 8.28 -25.07 26.17
C SER E 244 9.18 -25.91 27.06
N SER E 245 8.88 -25.95 28.35
CA SER E 245 9.73 -26.66 29.31
C SER E 245 8.90 -27.30 30.40
N GLU E 246 9.55 -27.79 31.45
CA GLU E 246 8.83 -28.43 32.53
C GLU E 246 9.06 -27.80 33.89
N ASN E 247 10.22 -27.18 34.08
CA ASN E 247 10.46 -26.48 35.32
C ASN E 247 9.45 -25.38 35.42
N ASP E 248 8.67 -25.36 36.49
CA ASP E 248 7.62 -24.36 36.62
C ASP E 248 8.23 -23.01 36.88
N ASN E 249 9.28 -22.95 37.69
CA ASN E 249 9.85 -21.67 38.03
C ASN E 249 10.14 -20.95 36.73
N PRO E 250 9.48 -19.82 36.52
CA PRO E 250 9.66 -19.18 35.22
C PRO E 250 11.11 -18.79 35.00
N GLY E 251 11.72 -18.10 35.94
CA GLY E 251 13.07 -17.64 35.76
C GLY E 251 14.03 -18.78 35.57
N GLU E 252 13.90 -19.81 36.39
CA GLU E 252 14.76 -20.96 36.27
C GLU E 252 14.71 -21.44 34.86
N SER E 253 13.51 -21.60 34.35
CA SER E 253 13.36 -22.14 33.01
C SER E 253 14.16 -21.39 31.99
N LEU E 254 13.96 -20.09 31.91
CA LEU E 254 14.63 -19.31 30.89
C LEU E 254 16.15 -19.42 30.91
N GLU E 255 16.77 -19.37 32.07
CA GLU E 255 18.22 -19.37 32.13
C GLU E 255 18.82 -20.60 31.49
N GLU E 256 18.23 -21.74 31.77
CA GLU E 256 18.78 -22.97 31.25
C GLU E 256 18.72 -22.98 29.75
N PHE E 257 17.57 -22.62 29.21
CA PHE E 257 17.39 -22.66 27.78
C PHE E 257 18.49 -21.90 27.11
N LEU E 258 19.15 -21.04 27.86
CA LEU E 258 20.16 -20.19 27.26
C LEU E 258 21.55 -20.77 27.31
N LYS E 259 21.86 -21.54 28.34
CA LYS E 259 23.21 -22.04 28.44
C LYS E 259 23.48 -22.88 27.22
N ASN E 260 22.42 -23.39 26.61
CA ASN E 260 22.59 -24.19 25.41
C ASN E 260 23.15 -23.36 24.28
N PHE E 261 23.38 -22.08 24.52
CA PHE E 261 23.86 -21.21 23.47
C PHE E 261 25.20 -20.63 23.81
N VAL E 262 25.45 -20.39 25.09
CA VAL E 262 26.70 -19.77 25.49
C VAL E 262 27.83 -20.72 25.23
N LEU E 263 27.67 -21.94 25.71
CA LEU E 263 28.72 -22.94 25.57
C LEU E 263 29.99 -22.35 25.01
N VAL E 264 30.71 -21.60 25.84
CA VAL E 264 31.96 -21.02 25.41
C VAL E 264 31.92 -20.67 23.93
N MET F 1 -26.03 14.72 19.55
CA MET F 1 -27.20 13.91 19.30
C MET F 1 -28.18 14.59 18.37
N GLU F 2 -28.54 15.82 18.68
CA GLU F 2 -29.52 16.52 17.87
C GLU F 2 -28.99 16.63 16.49
N GLN F 3 -27.69 16.82 16.38
CA GLN F 3 -27.08 16.97 15.08
C GLN F 3 -27.38 15.74 14.21
N LEU F 4 -27.32 14.56 14.80
CA LEU F 4 -27.60 13.36 14.05
C LEU F 4 -28.98 13.43 13.47
N LEU F 5 -29.96 13.77 14.28
CA LEU F 5 -31.32 13.75 13.77
C LEU F 5 -31.40 14.76 12.65
N ALA F 6 -30.50 15.73 12.66
CA ALA F 6 -30.49 16.70 11.60
C ALA F 6 -30.16 16.01 10.31
N ASP F 7 -29.11 15.22 10.31
CA ASP F 7 -28.66 14.52 9.12
C ASP F 7 -29.66 13.47 8.62
N TYR F 8 -30.32 12.79 9.54
CA TYR F 8 -31.24 11.74 9.15
C TYR F 8 -32.28 12.29 8.20
N LYS F 9 -32.60 13.56 8.35
CA LYS F 9 -33.67 14.14 7.55
C LYS F 9 -33.26 14.49 6.14
N LYS F 10 -32.08 15.05 5.98
CA LYS F 10 -31.59 15.38 4.67
C LYS F 10 -31.36 14.12 3.85
N GLY F 11 -30.81 13.07 4.46
CA GLY F 11 -30.56 11.82 3.76
C GLY F 11 -29.11 11.44 3.77
N ASN F 12 -28.39 11.75 4.85
CA ASN F 12 -26.96 11.50 4.89
C ASN F 12 -26.49 10.66 6.07
N VAL F 13 -27.18 9.59 6.38
CA VAL F 13 -26.74 8.71 7.45
C VAL F 13 -26.71 7.24 7.01
N ILE F 14 -25.70 6.48 7.42
CA ILE F 14 -25.60 5.07 7.05
C ILE F 14 -25.72 4.21 8.30
N LEU F 15 -26.34 3.04 8.21
CA LEU F 15 -26.55 2.23 9.40
C LEU F 15 -25.67 0.98 9.46
N PHE F 16 -25.02 0.70 10.57
CA PHE F 16 -24.11 -0.43 10.63
C PHE F 16 -24.54 -1.36 11.72
N VAL F 17 -25.49 -2.25 11.43
CA VAL F 17 -26.02 -3.16 12.44
C VAL F 17 -25.04 -4.25 12.85
N GLY F 18 -25.08 -4.66 14.12
CA GLY F 18 -24.17 -5.66 14.63
C GLY F 18 -24.92 -6.77 15.33
N ALA F 19 -24.26 -7.54 16.18
CA ALA F 19 -24.91 -8.72 16.79
C ALA F 19 -25.90 -8.45 17.91
N GLY F 20 -25.83 -7.27 18.51
CA GLY F 20 -26.70 -6.97 19.61
C GLY F 20 -28.15 -7.03 19.24
N VAL F 21 -28.48 -6.61 18.03
CA VAL F 21 -29.84 -6.59 17.59
C VAL F 21 -30.42 -7.98 17.69
N SER F 22 -29.61 -8.99 17.38
CA SER F 22 -30.10 -10.37 17.40
C SER F 22 -30.19 -10.94 18.79
N MET F 23 -31.07 -10.38 19.60
CA MET F 23 -31.21 -10.82 20.96
C MET F 23 -32.66 -10.97 21.23
N ASN F 24 -33.42 -9.99 20.79
CA ASN F 24 -34.85 -10.05 20.97
C ASN F 24 -35.36 -11.29 20.30
N LEU F 25 -34.79 -11.60 19.14
CA LEU F 25 -35.28 -12.74 18.40
C LEU F 25 -35.14 -13.95 19.29
N GLY F 26 -34.01 -14.08 19.97
CA GLY F 26 -33.81 -15.23 20.81
C GLY F 26 -32.85 -16.18 20.17
N LEU F 27 -32.04 -15.66 19.28
CA LEU F 27 -31.10 -16.52 18.58
C LEU F 27 -30.05 -16.98 19.53
N PRO F 28 -29.22 -17.94 19.12
CA PRO F 28 -28.14 -18.27 20.05
C PRO F 28 -27.17 -17.11 20.20
N SER F 29 -25.98 -17.40 20.70
CA SER F 29 -25.03 -16.33 20.94
C SER F 29 -23.63 -16.90 20.98
N TRP F 30 -22.62 -16.05 21.01
CA TRP F 30 -21.27 -16.62 20.95
C TRP F 30 -21.03 -17.59 22.09
N SER F 31 -21.56 -17.27 23.26
CA SER F 31 -21.34 -18.14 24.38
C SER F 31 -21.67 -19.53 23.94
N GLN F 32 -22.92 -19.73 23.59
CA GLN F 32 -23.35 -21.05 23.18
C GLN F 32 -22.48 -21.53 22.03
N LEU F 33 -22.05 -20.62 21.17
CA LEU F 33 -21.29 -21.05 20.03
C LEU F 33 -20.03 -21.71 20.50
N VAL F 34 -19.25 -21.02 21.32
CA VAL F 34 -17.97 -21.57 21.73
C VAL F 34 -18.20 -22.72 22.66
N ASP F 35 -19.22 -22.64 23.48
CA ASP F 35 -19.51 -23.79 24.30
C ASP F 35 -19.56 -24.90 23.33
N HIS F 36 -20.19 -24.74 22.18
CA HIS F 36 -20.37 -25.89 21.28
C HIS F 36 -19.07 -26.54 20.82
N ILE F 37 -18.20 -25.76 20.20
CA ILE F 37 -16.96 -26.30 19.72
C ILE F 37 -16.30 -27.09 20.80
N ALA F 38 -16.41 -26.63 22.02
CA ALA F 38 -15.75 -27.29 23.13
C ALA F 38 -16.19 -28.71 23.35
N THR F 39 -17.50 -28.92 23.39
CA THR F 39 -17.99 -30.26 23.60
C THR F 39 -17.51 -31.14 22.49
N GLU F 40 -17.63 -30.65 21.26
CA GLU F 40 -17.22 -31.42 20.10
C GLU F 40 -15.78 -31.84 20.13
N LEU F 41 -14.87 -30.91 20.40
CA LEU F 41 -13.46 -31.22 20.37
C LEU F 41 -12.99 -32.05 21.57
N GLY F 42 -13.84 -32.26 22.56
CA GLY F 42 -13.46 -33.09 23.68
C GLY F 42 -13.12 -32.39 24.98
N TYR F 43 -13.21 -31.07 25.00
CA TYR F 43 -12.83 -30.33 26.19
C TYR F 43 -14.02 -30.07 27.08
N ASP F 44 -13.90 -29.08 27.94
CA ASP F 44 -14.97 -28.71 28.83
C ASP F 44 -15.23 -27.28 28.50
N PRO F 45 -16.48 -26.85 28.64
CA PRO F 45 -16.81 -25.49 28.25
C PRO F 45 -15.82 -24.49 28.80
N ASP F 46 -15.61 -24.45 30.11
CA ASP F 46 -14.75 -23.44 30.71
C ASP F 46 -13.26 -23.62 30.47
N ILE F 47 -12.78 -24.86 30.58
CA ILE F 47 -11.37 -25.11 30.41
C ILE F 47 -10.94 -24.63 29.05
N TYR F 48 -11.81 -24.71 28.05
CA TYR F 48 -11.43 -24.34 26.70
C TYR F 48 -11.14 -22.86 26.64
N ARG F 49 -11.99 -22.04 27.23
CA ARG F 49 -11.82 -20.60 27.17
C ARG F 49 -10.48 -20.14 27.68
N THR F 50 -9.94 -20.84 28.64
CA THR F 50 -8.69 -20.41 29.25
C THR F 50 -7.55 -20.35 28.31
N PHE F 51 -7.77 -20.71 27.05
CA PHE F 51 -6.63 -20.82 26.14
C PHE F 51 -6.48 -19.76 25.06
N GLY F 52 -7.54 -19.04 24.74
CA GLY F 52 -7.47 -18.07 23.67
C GLY F 52 -8.64 -17.12 23.62
N SER F 53 -8.67 -16.26 22.62
CA SER F 53 -9.74 -15.27 22.51
C SER F 53 -11.05 -15.92 22.18
N ALA F 54 -11.51 -15.74 20.95
CA ALA F 54 -12.71 -16.42 20.52
C ALA F 54 -12.48 -16.80 19.10
N LEU F 55 -12.06 -15.84 18.30
CA LEU F 55 -11.74 -16.17 16.93
C LEU F 55 -10.73 -17.27 16.95
N GLU F 56 -9.78 -17.21 17.88
CA GLU F 56 -8.71 -18.20 17.88
C GLU F 56 -9.29 -19.56 18.20
N LEU F 57 -10.16 -19.61 19.18
CA LEU F 57 -10.76 -20.85 19.53
C LEU F 57 -11.40 -21.48 18.30
N ALA F 58 -12.03 -20.67 17.46
CA ALA F 58 -12.69 -21.17 16.25
C ALA F 58 -11.73 -21.61 15.16
N GLU F 59 -10.61 -20.93 15.03
CA GLU F 59 -9.66 -21.33 14.03
C GLU F 59 -9.06 -22.67 14.40
N TYR F 60 -9.22 -23.10 15.64
CA TYR F 60 -8.73 -24.40 16.03
C TYR F 60 -9.67 -25.43 15.50
N TYR F 61 -10.93 -25.30 15.83
CA TYR F 61 -11.90 -26.26 15.37
C TYR F 61 -11.61 -26.51 13.94
N LYS F 62 -11.66 -25.47 13.13
CA LYS F 62 -11.45 -25.65 11.72
C LYS F 62 -10.27 -26.50 11.46
N LEU F 63 -9.12 -26.11 11.93
CA LEU F 63 -7.93 -26.84 11.58
C LEU F 63 -8.06 -28.29 11.96
N LYS F 64 -8.66 -28.57 13.11
CA LYS F 64 -8.78 -29.94 13.54
C LYS F 64 -9.67 -30.69 12.59
N LYS F 65 -10.92 -30.25 12.45
CA LYS F 65 -11.86 -30.94 11.61
C LYS F 65 -11.40 -30.99 10.17
N GLY F 66 -10.96 -29.87 9.64
CA GLY F 66 -10.46 -29.84 8.29
C GLY F 66 -10.91 -28.61 7.56
N LYS F 67 -12.14 -28.17 7.81
CA LYS F 67 -12.65 -26.96 7.19
C LYS F 67 -13.86 -26.41 7.93
N ILE F 68 -14.33 -25.24 7.56
CA ILE F 68 -15.44 -24.62 8.29
C ILE F 68 -16.78 -25.29 8.07
N GLY F 69 -16.95 -25.94 6.94
CA GLY F 69 -18.23 -26.53 6.62
C GLY F 69 -19.02 -27.03 7.78
N PRO F 70 -18.48 -28.00 8.51
CA PRO F 70 -19.29 -28.57 9.57
C PRO F 70 -19.98 -27.52 10.44
N LEU F 71 -19.27 -26.49 10.89
CA LEU F 71 -19.85 -25.47 11.76
C LEU F 71 -20.88 -24.62 11.06
N ARG F 72 -20.61 -24.21 9.83
CA ARG F 72 -21.53 -23.36 9.12
C ARG F 72 -22.86 -24.02 9.08
N SER F 73 -22.86 -25.33 8.94
CA SER F 73 -24.10 -26.09 8.84
C SER F 73 -24.86 -26.01 10.13
N TRP F 74 -24.17 -25.89 11.24
CA TRP F 74 -24.89 -25.93 12.49
C TRP F 74 -25.45 -24.57 12.70
N MET F 75 -24.62 -23.57 12.51
CA MET F 75 -25.06 -22.21 12.73
C MET F 75 -26.24 -21.90 11.84
N ASP F 76 -26.19 -22.31 10.59
CA ASP F 76 -27.27 -21.95 9.68
C ASP F 76 -28.56 -22.61 10.08
N ARG F 77 -28.54 -23.90 10.31
CA ARG F 77 -29.76 -24.60 10.60
C ARG F 77 -30.32 -24.17 11.93
N MET F 78 -29.45 -23.85 12.87
CA MET F 78 -29.89 -23.44 14.21
C MET F 78 -30.38 -22.01 14.28
N TRP F 79 -29.64 -21.07 13.71
CA TRP F 79 -30.00 -19.67 13.80
C TRP F 79 -31.23 -19.34 12.99
N HIS F 80 -31.58 -20.18 12.04
CA HIS F 80 -32.71 -19.88 11.19
C HIS F 80 -33.83 -20.82 11.45
N SER F 81 -33.98 -21.26 12.69
CA SER F 81 -34.99 -22.25 13.03
C SER F 81 -36.38 -21.74 12.81
N SER F 82 -37.36 -22.60 13.00
CA SER F 82 -38.74 -22.22 12.74
C SER F 82 -39.49 -21.89 14.01
N ASP F 83 -38.75 -21.56 15.05
CA ASP F 83 -39.37 -21.23 16.32
C ASP F 83 -39.20 -19.76 16.59
N ILE F 84 -38.59 -19.05 15.64
CA ILE F 84 -38.38 -17.62 15.81
C ILE F 84 -39.39 -16.86 14.95
N ASP F 85 -40.17 -15.98 15.57
CA ASP F 85 -41.13 -15.17 14.84
C ASP F 85 -40.65 -13.75 14.77
N ILE F 86 -40.50 -13.22 13.57
CA ILE F 86 -39.96 -11.89 13.46
C ILE F 86 -40.96 -10.85 13.88
N ASN F 87 -42.24 -11.14 13.75
CA ASN F 87 -43.23 -10.11 14.02
C ASN F 87 -43.17 -9.58 15.44
N LYS F 88 -42.47 -10.28 16.32
CA LYS F 88 -42.47 -9.87 17.71
C LYS F 88 -41.19 -9.19 18.15
N SER F 89 -40.43 -8.65 17.21
CA SER F 89 -39.23 -7.90 17.57
C SER F 89 -39.40 -6.47 17.15
N LYS F 90 -39.71 -5.61 18.10
CA LYS F 90 -39.95 -4.23 17.78
C LYS F 90 -38.74 -3.61 17.13
N VAL F 91 -37.56 -4.02 17.55
CA VAL F 91 -36.36 -3.39 17.01
C VAL F 91 -36.36 -3.50 15.50
N HIS F 92 -36.66 -4.68 14.99
CA HIS F 92 -36.63 -4.86 13.56
C HIS F 92 -37.68 -4.03 12.87
N GLU F 93 -38.83 -3.91 13.49
CA GLU F 93 -39.90 -3.14 12.88
C GLU F 93 -39.43 -1.74 12.61
N TYR F 94 -38.78 -1.15 13.59
CA TYR F 94 -38.37 0.24 13.42
C TYR F 94 -37.36 0.36 12.30
N ILE F 95 -36.42 -0.57 12.25
CA ILE F 95 -35.42 -0.55 11.19
C ILE F 95 -36.07 -0.69 9.83
N ALA F 96 -37.15 -1.44 9.75
CA ALA F 96 -37.82 -1.67 8.48
C ALA F 96 -38.75 -0.53 8.11
N LYS F 97 -38.91 0.44 8.99
CA LYS F 97 -39.84 1.52 8.73
C LYS F 97 -39.15 2.86 8.58
N ALA F 98 -37.94 2.97 9.10
CA ALA F 98 -37.19 4.21 8.95
C ALA F 98 -36.82 4.39 7.52
N ASN F 99 -36.03 5.42 7.23
CA ASN F 99 -35.59 5.61 5.86
C ASN F 99 -34.10 5.68 5.76
N PHE F 100 -33.45 4.52 5.71
CA PHE F 100 -32.03 4.48 5.52
C PHE F 100 -31.84 3.84 4.18
N PRO F 101 -31.05 4.48 3.31
CA PRO F 101 -30.92 3.97 1.95
C PRO F 101 -29.80 2.94 1.80
N ILE F 102 -28.83 2.91 2.73
CA ILE F 102 -27.76 1.95 2.68
C ILE F 102 -27.57 1.35 4.06
N ILE F 103 -27.75 0.04 4.19
CA ILE F 103 -27.56 -0.64 5.47
C ILE F 103 -26.43 -1.66 5.42
N TYR F 104 -25.34 -1.43 6.15
CA TYR F 104 -24.25 -2.40 6.23
C TYR F 104 -24.48 -3.24 7.47
N THR F 105 -23.88 -4.43 7.54
CA THR F 105 -24.07 -5.33 8.67
C THR F 105 -22.91 -6.31 8.86
N THR F 106 -22.79 -6.90 10.03
CA THR F 106 -21.71 -7.84 10.25
C THR F 106 -22.26 -9.17 10.72
N ASN F 107 -23.57 -9.29 10.78
CA ASN F 107 -24.18 -10.55 11.14
C ASN F 107 -24.06 -11.47 9.95
N TYR F 108 -24.29 -12.77 10.16
CA TYR F 108 -24.22 -13.74 9.08
C TYR F 108 -25.60 -14.27 8.78
N ASP F 109 -26.59 -13.90 9.57
CA ASP F 109 -27.93 -14.44 9.40
C ASP F 109 -28.65 -13.79 8.25
N ARG F 110 -29.97 -13.96 8.21
CA ARG F 110 -30.76 -13.38 7.13
C ARG F 110 -32.02 -12.67 7.60
N TRP F 111 -32.04 -12.19 8.82
CA TRP F 111 -33.29 -11.63 9.35
C TRP F 111 -33.58 -10.19 8.94
N ILE F 112 -32.56 -9.41 8.68
CA ILE F 112 -32.80 -8.02 8.35
C ILE F 112 -33.60 -7.94 7.06
N GLU F 113 -33.26 -8.73 6.07
CA GLU F 113 -34.02 -8.75 4.83
C GLU F 113 -35.40 -9.34 5.04
N THR F 114 -35.51 -10.37 5.86
CA THR F 114 -36.79 -10.99 6.11
C THR F 114 -37.71 -9.95 6.70
N ALA F 115 -37.16 -9.10 7.55
CA ALA F 115 -37.96 -8.03 8.09
C ALA F 115 -38.39 -7.05 7.04
N LEU F 116 -37.45 -6.58 6.23
CA LEU F 116 -37.78 -5.58 5.24
C LEU F 116 -38.89 -6.06 4.33
N SER F 117 -38.96 -7.36 4.12
CA SER F 117 -40.00 -7.90 3.27
C SER F 117 -41.32 -7.98 4.00
N ASN F 118 -41.31 -8.45 5.24
CA ASN F 118 -42.55 -8.64 5.97
C ASN F 118 -43.36 -7.38 6.19
N TYR F 119 -42.69 -6.24 6.22
CA TYR F 119 -43.42 -4.98 6.35
C TYR F 119 -43.43 -4.26 5.02
N GLY F 120 -43.39 -5.01 3.93
CA GLY F 120 -43.45 -4.41 2.60
C GLY F 120 -42.37 -3.46 2.17
N LYS F 121 -41.22 -3.97 1.76
CA LYS F 121 -40.16 -3.12 1.25
C LYS F 121 -39.29 -3.94 0.33
N GLU F 122 -38.48 -3.27 -0.48
CA GLU F 122 -37.67 -4.00 -1.45
C GLU F 122 -36.20 -3.74 -1.24
N TYR F 123 -35.35 -4.65 -1.67
CA TYR F 123 -33.95 -4.50 -1.40
C TYR F 123 -33.06 -5.22 -2.37
N ILE F 124 -31.76 -4.96 -2.29
CA ILE F 124 -30.81 -5.65 -3.14
C ILE F 124 -29.69 -6.15 -2.24
N LYS F 125 -29.42 -7.45 -2.23
CA LYS F 125 -28.40 -7.97 -1.32
C LYS F 125 -27.05 -8.03 -1.99
N ILE F 126 -26.06 -7.38 -1.42
CA ILE F 126 -24.77 -7.34 -2.05
C ILE F 126 -23.73 -8.03 -1.22
N SER F 127 -23.33 -9.21 -1.65
CA SER F 127 -22.30 -9.95 -0.96
C SER F 127 -21.14 -10.23 -1.88
N SER F 128 -21.17 -9.68 -3.08
CA SER F 128 -20.12 -9.92 -4.04
C SER F 128 -20.11 -8.90 -5.15
N VAL F 129 -19.03 -8.84 -5.93
CA VAL F 129 -18.89 -7.83 -6.98
C VAL F 129 -19.95 -7.95 -8.06
N SER F 130 -20.47 -9.13 -8.26
CA SER F 130 -21.48 -9.34 -9.26
C SER F 130 -22.73 -8.54 -8.95
N ASP F 131 -23.02 -8.39 -7.68
CA ASP F 131 -24.22 -7.69 -7.28
C ASP F 131 -24.07 -6.19 -7.37
N ILE F 132 -22.85 -5.69 -7.19
CA ILE F 132 -22.61 -4.27 -7.22
C ILE F 132 -22.96 -3.78 -8.59
N ALA F 133 -23.49 -4.65 -9.43
CA ALA F 133 -23.80 -4.27 -10.79
C ALA F 133 -25.30 -4.28 -11.06
N LYS F 134 -26.09 -4.47 -10.02
CA LYS F 134 -27.52 -4.51 -10.18
C LYS F 134 -28.16 -3.43 -9.35
N ILE F 135 -27.36 -2.69 -8.62
CA ILE F 135 -27.90 -1.70 -7.71
C ILE F 135 -28.88 -0.76 -8.38
N ASP F 136 -30.05 -0.57 -7.77
CA ASP F 136 -31.05 0.33 -8.31
C ASP F 136 -31.26 1.45 -7.32
N ASN F 137 -31.29 2.70 -7.80
CA ASN F 137 -31.39 3.82 -6.89
C ASN F 137 -32.78 3.97 -6.34
N ASN F 138 -33.59 2.93 -6.46
CA ASN F 138 -34.94 2.98 -5.91
C ASN F 138 -35.23 1.90 -4.87
N LYS F 139 -34.21 1.20 -4.41
CA LYS F 139 -34.41 0.19 -3.39
C LYS F 139 -33.32 0.31 -2.37
N THR F 140 -33.51 -0.32 -1.23
CA THR F 140 -32.54 -0.21 -0.16
C THR F 140 -31.41 -1.17 -0.37
N GLN F 141 -30.21 -0.87 0.07
CA GLN F 141 -29.12 -1.78 -0.21
C GLN F 141 -28.73 -2.42 1.09
N ILE F 142 -28.53 -3.73 1.08
CA ILE F 142 -28.07 -4.42 2.28
C ILE F 142 -26.76 -5.10 1.99
N ILE F 143 -25.69 -4.68 2.65
CA ILE F 143 -24.37 -5.24 2.37
C ILE F 143 -23.87 -6.14 3.49
N LYS F 144 -23.51 -7.37 3.17
CA LYS F 144 -23.03 -8.31 4.16
C LYS F 144 -21.55 -8.17 4.25
N PHE F 145 -21.06 -7.31 5.13
CA PHE F 145 -19.65 -7.01 5.19
C PHE F 145 -18.77 -8.15 5.68
N ALA F 146 -19.36 -9.16 6.31
CA ALA F 146 -18.55 -10.23 6.88
C ALA F 146 -18.95 -11.59 6.38
N GLY F 147 -19.58 -11.65 5.23
CA GLY F 147 -19.99 -12.90 4.66
C GLY F 147 -21.35 -13.42 5.03
N ASP F 148 -21.82 -14.41 4.29
CA ASP F 148 -23.10 -15.01 4.56
C ASP F 148 -22.90 -16.50 4.59
N PHE F 149 -23.96 -17.24 4.83
CA PHE F 149 -23.86 -18.68 4.90
C PHE F 149 -24.04 -19.30 3.52
N ASP F 150 -23.91 -18.50 2.47
CA ASP F 150 -24.05 -19.01 1.12
C ASP F 150 -22.72 -19.06 0.41
N ASP F 151 -21.64 -19.28 1.16
CA ASP F 151 -20.30 -19.38 0.60
C ASP F 151 -19.44 -19.63 1.79
N ASP F 152 -18.36 -20.36 1.63
CA ASP F 152 -17.52 -20.71 2.76
C ASP F 152 -16.28 -19.89 2.70
N SER F 153 -16.05 -19.24 1.59
CA SER F 153 -14.77 -18.57 1.41
C SER F 153 -14.86 -17.10 1.66
N SER F 154 -15.88 -16.71 2.39
CA SER F 154 -16.09 -15.34 2.65
C SER F 154 -16.31 -15.24 4.11
N ILE F 155 -17.12 -16.13 4.66
CA ILE F 155 -17.44 -16.01 6.06
C ILE F 155 -16.17 -15.72 6.78
N VAL F 156 -16.16 -14.65 7.57
CA VAL F 156 -15.01 -14.30 8.34
C VAL F 156 -15.30 -14.83 9.71
N LEU F 157 -14.73 -15.98 10.03
CA LEU F 157 -14.97 -16.62 11.32
C LEU F 157 -13.69 -17.04 12.02
N ASP F 158 -12.53 -16.52 11.61
CA ASP F 158 -11.27 -16.96 12.19
C ASP F 158 -10.13 -15.97 12.01
N GLU F 159 -9.11 -16.04 12.85
CA GLU F 159 -8.00 -15.09 12.79
C GLU F 159 -7.49 -14.86 11.40
N THR F 160 -6.98 -15.89 10.78
CA THR F 160 -6.38 -15.69 9.49
C THR F 160 -7.33 -14.83 8.68
N SER F 161 -8.62 -15.07 8.80
CA SER F 161 -9.59 -14.32 8.03
C SER F 161 -9.72 -12.89 8.53
N TYR F 162 -9.91 -12.70 9.82
CA TYR F 162 -10.01 -11.35 10.40
C TYR F 162 -8.70 -10.63 10.24
N PHE F 163 -7.81 -11.21 9.46
CA PHE F 163 -6.56 -10.56 9.19
C PHE F 163 -6.66 -10.04 7.79
N GLN F 164 -6.35 -10.86 6.81
CA GLN F 164 -6.31 -10.34 5.46
C GLN F 164 -7.33 -9.23 5.30
N ARG F 165 -8.54 -9.42 5.83
CA ARG F 165 -9.55 -8.38 5.72
C ARG F 165 -9.22 -7.21 6.60
N LEU F 166 -7.96 -6.79 6.60
CA LEU F 166 -7.55 -5.65 7.41
C LEU F 166 -6.77 -4.68 6.56
N GLU F 167 -6.39 -5.10 5.37
CA GLU F 167 -5.70 -4.19 4.47
C GLU F 167 -6.72 -3.51 3.55
N PHE F 168 -7.99 -3.87 3.68
CA PHE F 168 -9.05 -3.25 2.87
C PHE F 168 -8.78 -3.28 1.38
N GLU F 169 -8.53 -4.47 0.83
CA GLU F 169 -8.28 -4.61 -0.60
C GLU F 169 -9.37 -5.40 -1.30
N THR F 170 -10.36 -5.85 -0.56
CA THR F 170 -11.44 -6.60 -1.15
C THR F 170 -12.31 -5.68 -1.94
N PRO F 171 -12.98 -6.20 -2.96
CA PRO F 171 -13.93 -5.37 -3.69
C PRO F 171 -14.97 -4.68 -2.80
N LEU F 172 -15.38 -5.29 -1.71
CA LEU F 172 -16.45 -4.72 -0.89
C LEU F 172 -15.96 -3.71 0.11
N ASP F 173 -14.65 -3.49 0.14
CA ASP F 173 -14.11 -2.47 1.01
C ASP F 173 -14.03 -1.20 0.23
N ILE F 174 -13.51 -1.29 -0.97
CA ILE F 174 -13.40 -0.13 -1.81
C ILE F 174 -14.74 0.57 -1.98
N LYS F 175 -15.83 -0.17 -1.86
CA LYS F 175 -17.14 0.42 -1.98
C LYS F 175 -17.49 1.17 -0.72
N PHE F 176 -16.90 0.79 0.40
CA PHE F 176 -17.24 1.41 1.67
C PHE F 176 -16.27 2.50 2.01
N ARG F 177 -15.12 2.50 1.38
CA ARG F 177 -14.22 3.59 1.60
C ARG F 177 -14.54 4.69 0.66
N SER F 178 -15.73 4.66 0.08
CA SER F 178 -16.10 5.65 -0.89
C SER F 178 -17.54 5.96 -0.74
N ASP F 179 -18.13 5.47 0.34
CA ASP F 179 -19.52 5.73 0.60
C ASP F 179 -19.55 6.55 1.83
N VAL F 180 -18.41 6.67 2.48
CA VAL F 180 -18.31 7.45 3.69
C VAL F 180 -17.69 8.76 3.37
N LEU F 181 -17.24 8.94 2.15
CA LEU F 181 -16.72 10.22 1.76
C LEU F 181 -17.96 11.00 1.50
N GLY F 182 -18.34 11.84 2.44
CA GLY F 182 -19.57 12.59 2.30
C GLY F 182 -20.76 11.92 2.95
N LYS F 183 -20.59 11.36 4.14
CA LYS F 183 -21.72 10.78 4.82
C LYS F 183 -21.38 10.34 6.24
N SER F 184 -22.38 10.20 7.10
CA SER F 184 -22.15 9.83 8.48
C SER F 184 -22.68 8.45 8.78
N VAL F 185 -22.05 7.74 9.70
CA VAL F 185 -22.45 6.38 9.98
C VAL F 185 -22.96 6.23 11.41
N LEU F 186 -24.03 5.47 11.60
CA LEU F 186 -24.59 5.27 12.91
C LEU F 186 -24.49 3.83 13.34
N PHE F 187 -23.50 3.51 14.15
CA PHE F 187 -23.36 2.16 14.64
C PHE F 187 -24.38 1.81 15.68
N ILE F 188 -24.88 0.58 15.65
CA ILE F 188 -25.82 0.11 16.64
C ILE F 188 -25.62 -1.37 16.80
N GLY F 189 -26.11 -1.93 17.88
CA GLY F 189 -26.01 -3.36 18.11
C GLY F 189 -24.60 -3.81 18.12
N TYR F 190 -23.68 -2.88 18.30
CA TYR F 190 -22.25 -3.23 18.34
C TYR F 190 -21.56 -3.19 19.69
N SER F 191 -20.28 -3.54 19.72
CA SER F 191 -19.50 -3.52 20.97
C SER F 191 -18.20 -2.83 20.73
N LEU F 192 -17.57 -2.31 21.77
CA LEU F 192 -16.33 -1.53 21.57
C LEU F 192 -15.12 -2.33 21.84
N SER F 193 -15.22 -3.64 21.71
CA SER F 193 -14.05 -4.48 21.86
C SER F 193 -13.57 -5.06 20.51
N ASP F 194 -13.91 -4.40 19.38
CA ASP F 194 -13.43 -4.83 18.06
C ASP F 194 -12.77 -3.66 17.36
N ILE F 195 -11.56 -3.82 16.86
CA ILE F 195 -10.82 -2.67 16.28
C ILE F 195 -10.70 -2.53 14.76
N ASN F 196 -11.75 -2.86 14.03
CA ASN F 196 -11.72 -2.61 12.60
C ASN F 196 -12.21 -1.22 12.51
N ILE F 197 -13.15 -0.85 13.36
CA ILE F 197 -13.72 0.48 13.36
C ILE F 197 -12.68 1.50 13.60
N ARG F 198 -11.72 1.16 14.40
CA ARG F 198 -10.72 2.11 14.77
C ARG F 198 -9.66 2.32 13.70
N LEU F 199 -9.64 1.49 12.69
CA LEU F 199 -8.70 1.66 11.61
C LEU F 199 -9.43 2.22 10.44
N LEU F 200 -10.73 2.06 10.40
CA LEU F 200 -11.52 2.66 9.34
C LEU F 200 -11.63 4.11 9.61
N PHE F 201 -11.98 4.45 10.84
CA PHE F 201 -12.21 5.84 11.15
C PHE F 201 -10.95 6.58 11.42
N TYR F 202 -10.06 5.96 12.16
CA TYR F 202 -8.80 6.62 12.34
C TYR F 202 -8.21 6.93 10.97
N LYS F 203 -8.74 6.35 9.90
CA LYS F 203 -8.13 6.61 8.61
C LYS F 203 -8.98 7.52 7.78
N LEU F 204 -10.28 7.56 8.01
CA LEU F 204 -11.10 8.54 7.30
C LEU F 204 -10.75 9.93 7.80
N SER F 205 -10.59 10.05 9.11
CA SER F 205 -10.24 11.34 9.69
C SER F 205 -9.00 11.93 9.09
N LYS F 206 -7.89 11.22 9.15
CA LYS F 206 -6.63 11.78 8.69
C LYS F 206 -6.72 12.37 7.30
N LEU F 207 -7.67 11.92 6.50
CA LEU F 207 -7.78 12.39 5.13
C LEU F 207 -8.29 13.82 5.06
N TRP F 208 -9.32 14.13 5.81
CA TRP F 208 -9.89 15.47 5.81
C TRP F 208 -8.87 16.46 6.25
N LYS F 209 -8.11 16.10 7.28
CA LYS F 209 -7.09 16.97 7.80
C LYS F 209 -6.01 17.26 6.78
N GLU F 210 -5.69 16.30 5.92
CA GLU F 210 -4.73 16.55 4.87
C GLU F 210 -5.23 17.66 3.99
N GLN F 211 -6.46 17.54 3.55
CA GLN F 211 -7.04 18.60 2.76
C GLN F 211 -7.21 19.81 3.66
N LYS F 212 -7.24 19.58 4.98
CA LYS F 212 -7.43 20.66 5.93
C LYS F 212 -8.84 21.21 5.85
N LEU F 213 -9.78 20.37 5.44
CA LEU F 213 -11.17 20.78 5.38
C LEU F 213 -11.89 20.02 6.46
N GLU F 214 -11.16 19.58 7.48
CA GLU F 214 -11.75 18.78 8.54
C GLU F 214 -13.09 19.27 8.99
N GLU F 215 -13.25 20.58 9.10
CA GLU F 215 -14.49 21.12 9.60
C GLU F 215 -15.68 20.53 8.88
N ALA F 216 -15.44 20.02 7.68
CA ALA F 216 -16.55 19.50 6.89
C ALA F 216 -16.86 18.00 7.11
N GLN F 217 -15.86 17.20 7.46
CA GLN F 217 -16.09 15.78 7.65
C GLN F 217 -17.40 15.54 8.31
N PRO F 218 -18.28 14.78 7.66
CA PRO F 218 -19.55 14.47 8.30
C PRO F 218 -19.31 13.82 9.65
N LYS F 219 -20.31 13.77 10.52
CA LYS F 219 -20.11 13.26 11.90
C LYS F 219 -20.74 11.94 12.25
N SER F 220 -19.95 11.03 12.84
CA SER F 220 -20.47 9.72 13.18
C SER F 220 -21.15 9.63 14.54
N TYR F 221 -21.49 8.43 14.98
CA TYR F 221 -22.16 8.22 16.26
C TYR F 221 -22.00 6.77 16.70
N ILE F 222 -22.45 6.42 17.89
CA ILE F 222 -22.39 5.04 18.34
C ILE F 222 -23.16 4.79 19.60
N PHE F 223 -24.45 4.60 19.47
CA PHE F 223 -25.27 4.33 20.63
C PHE F 223 -24.74 3.14 21.40
N LEU F 224 -24.35 3.33 22.65
CA LEU F 224 -23.94 2.22 23.48
C LEU F 224 -24.88 2.23 24.64
N PRO F 225 -25.32 1.06 25.10
CA PRO F 225 -26.35 1.04 26.14
C PRO F 225 -25.89 1.58 27.50
N ARG F 226 -24.72 1.19 27.96
CA ARG F 226 -24.22 1.63 29.26
C ARG F 226 -23.05 2.55 29.08
N PRO F 227 -23.03 3.67 29.80
CA PRO F 227 -21.97 4.65 29.63
C PRO F 227 -20.62 4.27 30.23
N ASN F 228 -19.53 4.76 29.64
CA ASN F 228 -18.18 4.46 30.10
C ASN F 228 -17.33 5.70 29.88
N PRO F 229 -16.72 6.21 30.94
CA PRO F 229 -15.88 7.40 30.84
C PRO F 229 -14.78 7.30 29.82
N ILE F 230 -13.72 6.58 30.16
CA ILE F 230 -12.56 6.51 29.28
C ILE F 230 -12.81 6.44 27.79
N GLN F 231 -13.61 5.49 27.34
CA GLN F 231 -13.76 5.30 25.90
C GLN F 231 -14.21 6.54 25.16
N GLU F 232 -15.07 7.34 25.75
CA GLU F 232 -15.59 8.49 25.05
C GLU F 232 -14.45 9.37 24.61
N GLU F 233 -13.44 9.47 25.46
CA GLU F 233 -12.31 10.31 25.16
C GLU F 233 -11.61 9.85 23.90
N ILE F 234 -11.19 8.59 23.90
CA ILE F 234 -10.48 8.06 22.74
C ILE F 234 -11.33 8.13 21.47
N LEU F 235 -12.58 7.73 21.51
CA LEU F 235 -13.38 7.67 20.31
C LEU F 235 -13.74 9.03 19.81
N GLU F 236 -13.12 10.05 20.37
CA GLU F 236 -13.40 11.41 19.95
C GLU F 236 -12.28 11.91 19.11
N GLN F 237 -11.08 11.45 19.41
CA GLN F 237 -10.00 11.84 18.59
C GLN F 237 -10.29 11.35 17.19
N TRP F 238 -10.68 10.08 17.05
CA TRP F 238 -10.99 9.51 15.76
C TRP F 238 -12.26 10.06 15.17
N ARG F 239 -12.95 10.91 15.90
CA ARG F 239 -14.14 11.59 15.39
C ARG F 239 -15.48 10.85 15.47
N ILE F 240 -15.74 10.11 16.54
CA ILE F 240 -17.03 9.43 16.71
C ILE F 240 -17.66 9.86 18.02
N GLY F 241 -18.99 9.89 18.11
CA GLY F 241 -19.64 10.39 19.32
C GLY F 241 -20.69 9.51 19.96
N MET F 242 -20.57 9.24 21.25
CA MET F 242 -21.50 8.30 21.88
C MET F 242 -22.85 8.89 22.24
N ILE F 243 -23.84 8.03 22.42
CA ILE F 243 -25.17 8.47 22.75
C ILE F 243 -25.81 7.45 23.68
N SER F 244 -25.37 7.41 24.93
CA SER F 244 -25.86 6.41 25.89
C SER F 244 -27.25 6.66 26.45
N SER F 245 -27.71 5.78 27.33
CA SER F 245 -29.05 5.92 27.91
C SER F 245 -29.03 5.55 29.38
N GLU F 246 -30.21 5.50 30.01
CA GLU F 246 -30.27 5.24 31.44
C GLU F 246 -31.06 4.01 31.78
N ASN F 247 -31.95 3.59 30.89
CA ASN F 247 -32.69 2.38 31.13
C ASN F 247 -31.69 1.25 31.22
N ASP F 248 -31.78 0.46 32.27
CA ASP F 248 -30.84 -0.64 32.46
C ASP F 248 -31.24 -1.84 31.64
N ASN F 249 -32.45 -1.85 31.11
CA ASN F 249 -32.84 -2.94 30.23
C ASN F 249 -32.23 -2.61 28.90
N PRO F 250 -31.12 -3.27 28.57
CA PRO F 250 -30.45 -2.88 27.34
C PRO F 250 -31.40 -2.95 26.17
N GLY F 251 -32.11 -4.07 26.03
CA GLY F 251 -32.98 -4.23 24.88
C GLY F 251 -33.96 -3.09 24.82
N GLU F 252 -34.58 -2.77 25.94
CA GLU F 252 -35.59 -1.72 25.94
C GLU F 252 -35.00 -0.42 25.51
N SER F 253 -33.81 -0.13 25.98
CA SER F 253 -33.18 1.12 25.63
C SER F 253 -33.05 1.21 24.12
N LEU F 254 -32.63 0.13 23.49
CA LEU F 254 -32.42 0.17 22.05
C LEU F 254 -33.72 0.44 21.29
N GLU F 255 -34.78 -0.22 21.69
CA GLU F 255 -36.04 -0.05 20.99
C GLU F 255 -36.38 1.41 21.00
N GLU F 256 -36.02 2.08 22.08
CA GLU F 256 -36.33 3.49 22.22
C GLU F 256 -35.62 4.32 21.21
N PHE F 257 -34.30 4.39 21.33
CA PHE F 257 -33.51 5.24 20.46
C PHE F 257 -34.01 5.20 19.04
N LEU F 258 -34.54 4.07 18.61
CA LEU F 258 -34.97 3.91 17.24
C LEU F 258 -36.40 4.32 16.99
N LYS F 259 -36.94 5.19 17.82
CA LYS F 259 -38.28 5.69 17.59
C LYS F 259 -38.19 7.10 17.08
N ASN F 260 -37.08 7.75 17.36
CA ASN F 260 -36.87 9.10 16.90
C ASN F 260 -36.56 9.07 15.41
N PHE F 261 -36.58 7.89 14.83
CA PHE F 261 -36.27 7.75 13.42
C PHE F 261 -37.45 7.25 12.65
N VAL F 262 -38.26 6.41 13.28
CA VAL F 262 -39.40 5.85 12.59
C VAL F 262 -40.42 6.92 12.37
N LEU F 263 -40.37 7.95 13.20
CA LEU F 263 -41.38 9.01 13.13
C LEU F 263 -41.92 9.14 11.71
N VAL F 264 -43.10 8.58 11.50
CA VAL F 264 -43.70 8.60 10.18
C VAL F 264 -43.19 9.78 9.35
N MET G 1 30.54 17.44 -6.39
CA MET G 1 31.43 16.41 -6.91
C MET G 1 32.46 15.97 -5.91
N GLU G 2 33.13 16.92 -5.28
CA GLU G 2 34.18 16.58 -4.35
C GLU G 2 33.57 15.81 -3.24
N GLN G 3 32.35 16.15 -2.89
CA GLN G 3 31.68 15.47 -1.79
C GLN G 3 31.60 13.97 -2.07
N LEU G 4 31.28 13.61 -3.30
CA LEU G 4 31.20 12.20 -3.65
C LEU G 4 32.50 11.53 -3.35
N LEU G 5 33.60 12.10 -3.78
CA LEU G 5 34.86 11.42 -3.59
C LEU G 5 35.10 11.30 -2.10
N ALA G 6 34.49 12.20 -1.35
CA ALA G 6 34.66 12.16 0.08
C ALA G 6 34.22 10.82 0.61
N ASP G 7 33.17 10.27 0.01
CA ASP G 7 32.57 9.04 0.54
C ASP G 7 33.18 7.75 0.06
N TYR G 8 33.59 7.70 -1.19
CA TYR G 8 34.25 6.50 -1.67
C TYR G 8 35.30 6.19 -0.65
N LYS G 9 35.88 7.23 -0.05
CA LYS G 9 36.91 7.04 0.94
C LYS G 9 36.42 6.35 2.20
N LYS G 10 35.35 6.87 2.79
CA LYS G 10 34.82 6.30 4.01
C LYS G 10 34.11 4.96 3.81
N GLY G 11 33.37 4.80 2.72
CA GLY G 11 32.72 3.53 2.43
C GLY G 11 31.22 3.60 2.33
N ASN G 12 30.69 4.68 1.77
CA ASN G 12 29.24 4.87 1.69
C ASN G 12 28.70 5.18 0.31
N VAL G 13 29.15 4.48 -0.72
CA VAL G 13 28.59 4.69 -2.05
C VAL G 13 28.21 3.37 -2.74
N ILE G 14 27.12 3.38 -3.51
CA ILE G 14 26.66 2.19 -4.19
C ILE G 14 26.65 2.43 -5.69
N LEU G 15 27.19 1.51 -6.46
CA LEU G 15 27.24 1.69 -7.89
C LEU G 15 26.03 1.06 -8.54
N PHE G 16 25.40 1.75 -9.48
CA PHE G 16 24.24 1.24 -10.18
C PHE G 16 24.53 1.31 -11.66
N VAL G 17 25.15 0.27 -12.22
CA VAL G 17 25.53 0.26 -13.63
C VAL G 17 24.39 0.03 -14.62
N GLY G 18 24.48 0.59 -15.82
CA GLY G 18 23.43 0.48 -16.80
C GLY G 18 23.96 0.02 -18.14
N ALA G 19 23.22 0.21 -19.22
CA ALA G 19 23.63 -0.31 -20.53
C ALA G 19 24.76 0.41 -21.22
N GLY G 20 25.01 1.65 -20.85
CA GLY G 20 26.03 2.41 -21.52
C GLY G 20 27.38 1.77 -21.41
N VAL G 21 27.67 1.18 -20.28
CA VAL G 21 28.95 0.57 -20.07
C VAL G 21 29.22 -0.45 -21.14
N SER G 22 28.19 -1.16 -21.57
CA SER G 22 28.35 -2.21 -22.57
C SER G 22 28.41 -1.67 -23.97
N MET G 23 29.42 -0.89 -24.26
CA MET G 23 29.56 -0.30 -25.57
C MET G 23 30.94 -0.54 -26.03
N ASN G 24 31.88 -0.36 -25.12
CA ASN G 24 33.26 -0.61 -25.45
C ASN G 24 33.40 -2.04 -25.87
N LEU G 25 32.68 -2.92 -25.21
CA LEU G 25 32.81 -4.34 -25.50
C LEU G 25 32.46 -4.57 -26.95
N GLY G 26 31.37 -3.98 -27.40
CA GLY G 26 30.96 -4.14 -28.77
C GLY G 26 29.72 -4.98 -28.89
N LEU G 27 28.97 -5.05 -27.80
CA LEU G 27 27.79 -5.89 -27.81
C LEU G 27 26.77 -5.27 -28.70
N PRO G 28 25.72 -6.02 -29.00
CA PRO G 28 24.67 -5.38 -29.77
C PRO G 28 24.04 -4.28 -28.98
N SER G 29 23.24 -3.47 -29.65
CA SER G 29 22.61 -2.36 -29.00
C SER G 29 21.15 -2.63 -28.93
N TRP G 30 20.39 -1.73 -28.33
CA TRP G 30 18.96 -1.93 -28.35
C TRP G 30 18.45 -1.85 -29.78
N SER G 31 19.07 -1.01 -30.59
CA SER G 31 18.61 -0.84 -31.95
C SER G 31 18.59 -2.17 -32.64
N GLN G 32 19.75 -2.79 -32.73
CA GLN G 32 19.82 -4.04 -33.46
C GLN G 32 18.75 -4.99 -32.95
N LEU G 33 18.43 -4.90 -31.67
CA LEU G 33 17.45 -5.81 -31.12
C LEU G 33 16.15 -5.63 -31.84
N VAL G 34 15.62 -4.41 -31.83
CA VAL G 34 14.31 -4.19 -32.43
C VAL G 34 14.36 -4.42 -33.92
N ASP G 35 15.49 -4.20 -34.53
CA ASP G 35 15.57 -4.52 -35.93
C ASP G 35 15.21 -5.97 -36.09
N HIS G 36 15.73 -6.81 -35.22
CA HIS G 36 15.50 -8.24 -35.34
C HIS G 36 14.03 -8.60 -35.20
N ILE G 37 13.41 -8.12 -34.14
CA ILE G 37 12.02 -8.44 -33.93
C ILE G 37 11.26 -8.06 -35.16
N ALA G 38 11.68 -6.98 -35.80
CA ALA G 38 10.98 -6.50 -36.97
C ALA G 38 11.08 -7.45 -38.13
N THR G 39 12.29 -7.85 -38.48
CA THR G 39 12.47 -8.74 -39.58
C THR G 39 11.70 -10.00 -39.32
N GLU G 40 11.83 -10.54 -38.13
CA GLU G 40 11.15 -11.77 -37.78
C GLU G 40 9.64 -11.68 -37.94
N LEU G 41 9.03 -10.64 -37.39
CA LEU G 41 7.58 -10.53 -37.43
C LEU G 41 7.05 -10.18 -38.82
N GLY G 42 7.91 -9.82 -39.75
CA GLY G 42 7.45 -9.54 -41.09
C GLY G 42 7.42 -8.09 -41.52
N TYR G 43 7.81 -7.18 -40.63
CA TYR G 43 7.74 -5.77 -40.95
C TYR G 43 9.03 -5.27 -41.54
N ASP G 44 9.25 -3.97 -41.43
CA ASP G 44 10.45 -3.36 -41.92
C ASP G 44 11.02 -2.65 -40.74
N PRO G 45 12.35 -2.57 -40.66
CA PRO G 45 12.97 -1.96 -39.49
C PRO G 45 12.30 -0.67 -39.09
N ASP G 46 12.20 0.30 -39.98
CA ASP G 46 11.65 1.62 -39.64
C ASP G 46 10.14 1.67 -39.47
N ILE G 47 9.41 1.03 -40.35
CA ILE G 47 7.98 1.06 -40.28
C ILE G 47 7.53 0.54 -38.94
N TYR G 48 8.28 -0.41 -38.37
CA TYR G 48 7.88 -0.99 -37.10
C TYR G 48 8.03 0.02 -36.01
N ARG G 49 9.10 0.79 -36.02
CA ARG G 49 9.36 1.75 -34.96
C ARG G 49 8.44 2.93 -35.02
N THR G 50 7.16 2.72 -35.17
CA THR G 50 6.28 3.85 -35.36
C THR G 50 5.02 3.63 -34.60
N PHE G 51 4.85 2.44 -34.06
CA PHE G 51 3.60 2.14 -33.40
C PHE G 51 3.75 2.12 -31.90
N GLY G 52 4.97 2.18 -31.40
CA GLY G 52 5.19 2.10 -29.96
C GLY G 52 6.58 2.46 -29.49
N SER G 53 6.83 2.30 -28.20
CA SER G 53 8.13 2.66 -27.64
C SER G 53 9.19 1.59 -27.79
N ALA G 54 9.19 0.62 -26.87
CA ALA G 54 10.13 -0.47 -26.94
C ALA G 54 9.56 -1.48 -26.00
N LEU G 55 9.08 -1.08 -24.85
CA LEU G 55 8.60 -2.08 -23.95
C LEU G 55 7.25 -2.43 -24.47
N GLU G 56 6.98 -2.01 -25.69
CA GLU G 56 5.71 -2.33 -26.32
C GLU G 56 6.02 -3.14 -27.53
N LEU G 57 6.98 -2.67 -28.30
CA LEU G 57 7.34 -3.41 -29.47
C LEU G 57 7.72 -4.82 -29.08
N ALA G 58 8.46 -4.98 -27.98
CA ALA G 58 8.86 -6.30 -27.51
C ALA G 58 7.72 -7.12 -26.94
N GLU G 59 6.80 -6.47 -26.25
CA GLU G 59 5.68 -7.20 -25.74
C GLU G 59 4.85 -7.75 -26.88
N TYR G 60 4.91 -7.11 -28.04
CA TYR G 60 4.18 -7.64 -29.17
C TYR G 60 4.81 -8.93 -29.57
N TYR G 61 6.11 -8.91 -29.81
CA TYR G 61 6.80 -10.09 -30.22
C TYR G 61 6.32 -11.19 -29.33
N LYS G 62 6.46 -11.05 -28.03
CA LYS G 62 6.08 -12.09 -27.11
C LYS G 62 4.64 -12.43 -27.25
N LEU G 63 3.73 -11.50 -27.13
CA LEU G 63 2.36 -11.94 -27.29
C LEU G 63 2.18 -12.80 -28.54
N LYS G 64 2.86 -12.48 -29.62
CA LYS G 64 2.64 -13.21 -30.88
C LYS G 64 3.24 -14.59 -30.91
N LYS G 65 4.55 -14.68 -30.71
CA LYS G 65 5.22 -15.96 -30.77
C LYS G 65 4.65 -16.90 -29.75
N GLY G 66 4.40 -16.41 -28.56
CA GLY G 66 3.80 -17.24 -27.53
C GLY G 66 4.45 -17.02 -26.20
N LYS G 67 5.77 -16.83 -26.19
CA LYS G 67 6.50 -16.60 -24.96
C LYS G 67 7.85 -15.96 -25.23
N ILE G 68 8.54 -15.55 -24.18
CA ILE G 68 9.80 -14.83 -24.38
C ILE G 68 10.99 -15.71 -24.75
N GLY G 69 10.87 -17.00 -24.55
CA GLY G 69 12.01 -17.87 -24.80
C GLY G 69 12.71 -17.64 -26.10
N PRO G 70 11.99 -17.66 -27.20
CA PRO G 70 12.67 -17.56 -28.48
C PRO G 70 13.62 -16.37 -28.60
N LEU G 71 13.41 -15.30 -27.84
CA LEU G 71 14.27 -14.13 -27.91
C LEU G 71 15.42 -14.24 -26.95
N ARG G 72 15.14 -14.69 -25.74
CA ARG G 72 16.19 -14.81 -24.74
C ARG G 72 17.32 -15.58 -25.33
N SER G 73 17.01 -16.57 -26.13
CA SER G 73 18.02 -17.41 -26.71
C SER G 73 18.90 -16.66 -27.70
N TRP G 74 18.30 -15.88 -28.57
CA TRP G 74 19.10 -15.12 -29.47
C TRP G 74 19.98 -14.23 -28.66
N MET G 75 19.39 -13.50 -27.73
CA MET G 75 20.18 -12.53 -26.97
C MET G 75 21.31 -13.19 -26.21
N ASP G 76 21.05 -14.28 -25.51
CA ASP G 76 22.09 -14.88 -24.72
C ASP G 76 23.22 -15.34 -25.57
N ARG G 77 22.90 -16.05 -26.64
CA ARG G 77 23.95 -16.61 -27.46
C ARG G 77 24.71 -15.52 -28.18
N MET G 78 24.03 -14.46 -28.56
CA MET G 78 24.67 -13.37 -29.28
C MET G 78 25.50 -12.43 -28.41
N TRP G 79 24.99 -12.05 -27.26
CA TRP G 79 25.68 -11.11 -26.40
C TRP G 79 26.86 -11.71 -25.71
N HIS G 80 26.92 -13.03 -25.62
CA HIS G 80 27.99 -13.67 -24.90
C HIS G 80 28.87 -14.41 -25.86
N SER G 81 29.03 -13.88 -27.07
CA SER G 81 29.80 -14.57 -28.09
C SER G 81 31.25 -14.69 -27.73
N SER G 82 32.01 -15.39 -28.56
CA SER G 82 33.42 -15.62 -28.26
C SER G 82 34.33 -14.69 -29.02
N ASP G 83 33.79 -13.57 -29.45
CA ASP G 83 34.58 -12.61 -30.19
C ASP G 83 34.79 -11.38 -29.36
N ILE G 84 34.29 -11.41 -28.13
CA ILE G 84 34.45 -10.28 -27.24
C ILE G 84 35.50 -10.59 -26.19
N ASP G 85 36.52 -9.75 -26.08
CA ASP G 85 37.57 -9.96 -25.10
C ASP G 85 37.48 -8.91 -24.03
N ILE G 86 37.30 -9.33 -22.79
CA ILE G 86 37.13 -8.38 -21.73
C ILE G 86 38.43 -7.69 -21.43
N ASN G 87 39.55 -8.37 -21.53
CA ASN G 87 40.80 -7.75 -21.14
C ASN G 87 41.03 -6.40 -21.81
N LYS G 88 40.21 -6.04 -22.79
CA LYS G 88 40.48 -4.82 -23.53
C LYS G 88 39.48 -3.69 -23.30
N SER G 89 38.75 -3.74 -22.20
CA SER G 89 37.83 -2.66 -21.87
C SER G 89 38.27 -1.98 -20.61
N LYS G 90 38.82 -0.79 -20.74
CA LYS G 90 39.32 -0.09 -19.58
C LYS G 90 38.24 0.16 -18.56
N VAL G 91 37.04 0.44 -19.03
CA VAL G 91 35.98 0.79 -18.10
C VAL G 91 35.81 -0.32 -17.09
N HIS G 92 35.79 -1.55 -17.55
CA HIS G 92 35.57 -2.67 -16.65
C HIS G 92 36.73 -2.81 -15.69
N GLU G 93 37.93 -2.58 -16.16
CA GLU G 93 39.09 -2.72 -15.31
C GLU G 93 38.94 -1.85 -14.11
N TYR G 94 38.55 -0.61 -14.32
CA TYR G 94 38.47 0.31 -13.20
C TYR G 94 37.41 -0.14 -12.22
N ILE G 95 36.27 -0.59 -12.72
CA ILE G 95 35.22 -1.08 -11.84
C ILE G 95 35.70 -2.26 -11.03
N ALA G 96 36.53 -3.11 -11.62
CA ALA G 96 37.00 -4.29 -10.92
C ALA G 96 38.15 -4.00 -9.99
N LYS G 97 38.71 -2.81 -10.05
CA LYS G 97 39.87 -2.49 -9.24
C LYS G 97 39.51 -1.50 -8.17
N ALA G 98 38.37 -0.86 -8.31
CA ALA G 98 37.90 0.08 -7.30
C ALA G 98 37.50 -0.67 -6.06
N ASN G 99 36.86 0.01 -5.12
CA ASN G 99 36.37 -0.68 -3.93
C ASN G 99 34.95 -0.31 -3.63
N PHE G 100 34.02 -0.83 -4.42
CA PHE G 100 32.63 -0.59 -4.14
C PHE G 100 32.12 -1.86 -3.51
N PRO G 101 31.55 -1.74 -2.31
CA PRO G 101 31.06 -2.91 -1.58
C PRO G 101 29.82 -3.58 -2.18
N ILE G 102 28.87 -2.81 -2.71
CA ILE G 102 27.66 -3.35 -3.30
C ILE G 102 27.46 -2.78 -4.69
N ILE G 103 27.25 -3.65 -5.69
CA ILE G 103 27.03 -3.20 -7.07
C ILE G 103 25.71 -3.66 -7.65
N TYR G 104 24.84 -2.73 -8.03
CA TYR G 104 23.54 -3.08 -8.58
C TYR G 104 23.62 -2.84 -10.05
N THR G 105 22.81 -3.52 -10.84
CA THR G 105 22.86 -3.41 -12.29
C THR G 105 21.51 -3.67 -12.93
N THR G 106 21.30 -3.16 -14.14
CA THR G 106 20.05 -3.42 -14.83
C THR G 106 20.32 -4.14 -16.14
N ASN G 107 21.58 -4.50 -16.39
CA ASN G 107 21.90 -5.25 -17.58
C ASN G 107 21.47 -6.68 -17.37
N TYR G 108 21.43 -7.48 -18.44
CA TYR G 108 21.04 -8.88 -18.34
C TYR G 108 22.24 -9.78 -18.57
N ASP G 109 23.33 -9.22 -19.09
CA ASP G 109 24.51 -10.01 -19.44
C ASP G 109 25.34 -10.40 -18.25
N ARG G 110 26.43 -11.11 -18.46
CA ARG G 110 27.28 -11.56 -17.35
C ARG G 110 28.71 -11.10 -17.41
N TRP G 111 28.96 -9.90 -17.90
CA TRP G 111 30.33 -9.44 -18.07
C TRP G 111 30.90 -8.77 -16.82
N ILE G 112 30.04 -8.21 -15.98
CA ILE G 112 30.53 -7.52 -14.79
C ILE G 112 31.16 -8.49 -13.83
N GLU G 113 30.63 -9.70 -13.71
CA GLU G 113 31.26 -10.70 -12.87
C GLU G 113 32.47 -11.31 -13.53
N THR G 114 32.42 -11.46 -14.85
CA THR G 114 33.53 -12.04 -15.57
C THR G 114 34.72 -11.15 -15.36
N ALA G 115 34.48 -9.85 -15.33
CA ALA G 115 35.56 -8.93 -15.06
C ALA G 115 36.12 -9.10 -13.68
N LEU G 116 35.25 -9.11 -12.67
CA LEU G 116 35.73 -9.19 -11.31
C LEU G 116 36.59 -10.42 -11.11
N SER G 117 36.27 -11.49 -11.79
CA SER G 117 37.07 -12.69 -11.67
C SER G 117 38.38 -12.56 -12.39
N ASN G 118 38.36 -12.03 -13.61
CA ASN G 118 39.57 -11.96 -14.40
C ASN G 118 40.69 -11.15 -13.77
N TYR G 119 40.35 -10.08 -13.07
CA TYR G 119 41.37 -9.31 -12.39
C TYR G 119 41.47 -9.76 -10.94
N GLY G 120 41.14 -11.02 -10.67
CA GLY G 120 41.25 -11.54 -9.33
C GLY G 120 40.43 -10.90 -8.23
N LYS G 121 39.17 -11.31 -8.10
CA LYS G 121 38.33 -10.82 -7.02
C LYS G 121 37.24 -11.83 -6.70
N GLU G 122 36.40 -11.54 -5.71
CA GLU G 122 35.38 -12.50 -5.30
C GLU G 122 34.01 -11.87 -5.26
N TYR G 123 32.96 -12.66 -5.43
CA TYR G 123 31.64 -12.08 -5.51
C TYR G 123 30.51 -13.03 -5.18
N ILE G 124 29.32 -12.49 -4.93
CA ILE G 124 28.16 -13.32 -4.69
C ILE G 124 27.03 -12.81 -5.55
N LYS G 125 26.45 -13.63 -6.42
CA LYS G 125 25.44 -13.11 -7.33
C LYS G 125 24.06 -13.29 -6.75
N ILE G 126 23.30 -12.21 -6.67
CA ILE G 126 22.00 -12.29 -6.06
C ILE G 126 20.91 -11.95 -7.03
N SER G 127 20.16 -12.96 -7.43
CA SER G 127 19.05 -12.76 -8.33
C SER G 127 17.78 -13.33 -7.73
N SER G 128 17.84 -13.77 -6.49
CA SER G 128 16.68 -14.39 -5.87
C SER G 128 16.71 -14.39 -4.37
N VAL G 129 15.57 -14.62 -3.72
CA VAL G 129 15.49 -14.59 -2.28
C VAL G 129 16.30 -15.68 -1.61
N SER G 130 16.84 -16.57 -2.40
CA SER G 130 17.61 -17.69 -1.87
C SER G 130 19.05 -17.32 -1.67
N ASP G 131 19.53 -16.39 -2.49
CA ASP G 131 20.91 -15.99 -2.40
C ASP G 131 21.11 -14.99 -1.30
N ILE G 132 20.06 -14.28 -0.94
CA ILE G 132 20.16 -13.28 0.09
C ILE G 132 20.51 -13.97 1.37
N ALA G 133 20.53 -15.29 1.35
CA ALA G 133 20.84 -16.06 2.54
C ALA G 133 22.27 -16.57 2.56
N LYS G 134 23.04 -16.25 1.52
CA LYS G 134 24.42 -16.69 1.47
C LYS G 134 25.39 -15.53 1.56
N ILE G 135 24.89 -14.32 1.65
CA ILE G 135 25.76 -13.16 1.63
C ILE G 135 26.87 -13.21 2.65
N ASP G 136 28.09 -12.90 2.25
CA ASP G 136 29.23 -12.87 3.16
C ASP G 136 29.79 -11.47 3.21
N ASN G 137 30.09 -10.97 4.40
CA ASN G 137 30.53 -9.59 4.53
C ASN G 137 31.96 -9.42 4.10
N ASN G 138 32.51 -10.41 3.42
CA ASN G 138 33.88 -10.30 2.92
C ASN G 138 34.01 -10.45 1.42
N LYS G 139 32.92 -10.31 0.69
CA LYS G 139 32.98 -10.37 -0.76
C LYS G 139 32.03 -9.34 -1.31
N THR G 140 32.17 -9.04 -2.58
CA THR G 140 31.33 -8.04 -3.20
C THR G 140 30.03 -8.68 -3.58
N GLN G 141 28.95 -7.91 -3.51
CA GLN G 141 27.65 -8.43 -3.88
C GLN G 141 27.28 -7.82 -5.20
N ILE G 142 26.75 -8.63 -6.11
CA ILE G 142 26.29 -8.12 -7.39
C ILE G 142 24.83 -8.47 -7.55
N ILE G 143 23.96 -7.47 -7.59
CA ILE G 143 22.54 -7.71 -7.65
C ILE G 143 21.97 -7.45 -9.03
N LYS G 144 21.26 -8.42 -9.60
CA LYS G 144 20.69 -8.28 -10.93
C LYS G 144 19.29 -7.78 -10.77
N PHE G 145 19.09 -6.48 -10.79
CA PHE G 145 17.79 -5.90 -10.50
C PHE G 145 16.73 -6.12 -11.55
N ALA G 146 17.12 -6.51 -12.75
CA ALA G 146 16.14 -6.65 -13.82
C ALA G 146 16.15 -8.04 -14.44
N GLY G 147 16.65 -9.02 -13.70
CA GLY G 147 16.71 -10.37 -14.18
C GLY G 147 17.93 -10.78 -14.94
N ASP G 148 18.08 -12.08 -15.12
CA ASP G 148 19.20 -12.61 -15.87
C ASP G 148 18.65 -13.55 -16.89
N PHE G 149 19.52 -14.16 -17.68
CA PHE G 149 19.09 -15.07 -18.71
C PHE G 149 18.97 -16.48 -18.17
N ASP G 150 18.97 -16.64 -16.86
CA ASP G 150 18.84 -17.94 -16.23
C ASP G 150 17.46 -18.15 -15.67
N ASP G 151 16.46 -17.50 -16.25
CA ASP G 151 15.07 -17.65 -15.83
C ASP G 151 14.31 -16.80 -16.79
N ASP G 152 13.07 -17.13 -17.08
CA ASP G 152 12.26 -16.31 -17.94
C ASP G 152 11.13 -15.66 -17.19
N SER G 153 10.92 -16.04 -15.95
CA SER G 153 9.82 -15.51 -15.19
C SER G 153 10.21 -14.25 -14.47
N SER G 154 11.42 -13.79 -14.73
CA SER G 154 11.91 -12.62 -14.07
C SER G 154 12.25 -11.59 -15.10
N ILE G 155 13.13 -11.92 -16.02
CA ILE G 155 13.58 -10.95 -17.00
C ILE G 155 12.50 -9.94 -17.26
N VAL G 156 12.79 -8.67 -16.99
CA VAL G 156 11.84 -7.63 -17.25
C VAL G 156 12.18 -7.12 -18.62
N LEU G 157 11.43 -7.55 -19.62
CA LEU G 157 11.69 -7.16 -21.00
C LEU G 157 10.44 -6.71 -21.74
N ASP G 158 9.38 -6.36 -21.02
CA ASP G 158 8.12 -5.97 -21.64
C ASP G 158 7.28 -5.13 -20.71
N GLU G 159 6.35 -4.37 -21.26
CA GLU G 159 5.55 -3.46 -20.42
C GLU G 159 4.98 -4.09 -19.21
N THR G 160 4.07 -5.04 -19.39
CA THR G 160 3.44 -5.60 -18.24
C THR G 160 4.47 -5.84 -17.16
N SER G 161 5.65 -6.30 -17.55
CA SER G 161 6.70 -6.55 -16.59
C SER G 161 7.18 -5.26 -15.95
N TYR G 162 7.54 -4.26 -16.76
CA TYR G 162 7.99 -2.96 -16.23
C TYR G 162 6.87 -2.27 -15.52
N PHE G 163 5.81 -3.00 -15.24
CA PHE G 163 4.72 -2.44 -14.51
C PHE G 163 4.73 -3.03 -13.14
N GLN G 164 4.30 -4.27 -13.00
CA GLN G 164 4.18 -4.81 -11.66
C GLN G 164 5.41 -4.45 -10.87
N ARG G 165 6.57 -4.38 -11.53
CA ARG G 165 7.79 -4.04 -10.82
C ARG G 165 7.88 -2.54 -10.61
N LEU G 166 6.79 -1.93 -10.17
CA LEU G 166 6.81 -0.50 -9.88
C LEU G 166 6.09 -0.25 -8.59
N GLU G 167 5.60 -1.29 -7.95
CA GLU G 167 5.00 -1.13 -6.64
C GLU G 167 6.02 -1.55 -5.62
N PHE G 168 7.18 -2.03 -6.09
CA PHE G 168 8.27 -2.43 -5.21
C PHE G 168 7.86 -3.44 -4.14
N GLU G 169 7.38 -4.60 -4.54
CA GLU G 169 6.90 -5.56 -3.58
C GLU G 169 7.64 -6.88 -3.68
N THR G 170 8.58 -6.96 -4.59
CA THR G 170 9.35 -8.16 -4.74
C THR G 170 10.37 -8.22 -3.65
N PRO G 171 10.92 -9.40 -3.38
CA PRO G 171 11.99 -9.50 -2.41
C PRO G 171 13.16 -8.57 -2.67
N LEU G 172 13.56 -8.39 -3.91
CA LEU G 172 14.75 -7.59 -4.21
C LEU G 172 14.52 -6.10 -4.11
N ASP G 173 13.29 -5.70 -3.93
CA ASP G 173 12.98 -4.29 -3.78
C ASP G 173 13.05 -3.95 -2.33
N ILE G 174 12.56 -4.84 -1.49
CA ILE G 174 12.63 -4.62 -0.08
C ILE G 174 14.06 -4.57 0.40
N LYS G 175 14.98 -5.08 -0.40
CA LYS G 175 16.36 -5.11 0.01
C LYS G 175 17.08 -3.87 -0.42
N PHE G 176 16.50 -3.12 -1.35
CA PHE G 176 17.17 -1.95 -1.86
C PHE G 176 16.64 -0.73 -1.18
N ARG G 177 15.49 -0.87 -0.58
CA ARG G 177 14.87 0.24 0.08
C ARG G 177 15.31 0.21 1.50
N SER G 178 16.36 -0.52 1.78
CA SER G 178 16.87 -0.62 3.11
C SER G 178 18.34 -0.60 3.02
N ASP G 179 18.85 -0.33 1.83
CA ASP G 179 20.26 -0.28 1.62
C ASP G 179 20.60 1.12 1.28
N VAL G 180 19.59 1.92 0.99
CA VAL G 180 19.79 3.30 0.65
C VAL G 180 19.49 4.14 1.85
N LEU G 181 19.05 3.53 2.92
CA LEU G 181 18.85 4.28 4.13
C LEU G 181 20.24 4.41 4.65
N GLY G 182 20.86 5.55 4.42
CA GLY G 182 22.23 5.74 4.80
C GLY G 182 23.20 5.40 3.69
N LYS G 183 23.05 5.97 2.51
CA LYS G 183 24.01 5.66 1.52
C LYS G 183 23.72 6.43 0.27
N SER G 184 24.76 6.73 -0.49
CA SER G 184 24.58 7.48 -1.71
C SER G 184 24.80 6.57 -2.87
N VAL G 185 24.07 6.79 -3.95
CA VAL G 185 24.17 5.91 -5.09
C VAL G 185 24.77 6.67 -6.26
N LEU G 186 25.69 6.04 -6.96
CA LEU G 186 26.32 6.69 -8.09
C LEU G 186 25.90 6.01 -9.38
N PHE G 187 24.93 6.58 -10.06
CA PHE G 187 24.50 6.04 -11.32
C PHE G 187 25.50 6.27 -12.43
N ILE G 188 25.72 5.27 -13.27
CA ILE G 188 26.61 5.40 -14.41
C ILE G 188 26.07 4.54 -15.52
N GLY G 189 26.45 4.84 -16.75
CA GLY G 189 26.02 4.05 -17.88
C GLY G 189 24.54 4.10 -18.03
N TYR G 190 23.89 5.00 -17.32
CA TYR G 190 22.44 5.17 -17.48
C TYR G 190 21.97 6.29 -18.38
N SER G 191 20.66 6.36 -18.61
CA SER G 191 20.09 7.40 -19.46
C SER G 191 18.86 7.96 -18.84
N LEU G 192 18.64 9.27 -18.96
CA LEU G 192 17.50 9.88 -18.26
C LEU G 192 16.24 9.74 -19.07
N SER G 193 15.71 8.55 -19.08
CA SER G 193 14.46 8.31 -19.77
C SER G 193 13.77 7.11 -19.11
N ASP G 194 13.86 7.01 -17.79
CA ASP G 194 13.22 5.93 -17.08
C ASP G 194 12.75 6.42 -15.73
N ILE G 195 11.49 6.19 -15.37
CA ILE G 195 10.92 6.68 -14.10
C ILE G 195 11.07 5.79 -12.89
N ASN G 196 11.85 4.75 -12.99
CA ASN G 196 12.08 3.94 -11.81
C ASN G 196 12.93 4.76 -10.90
N ILE G 197 13.79 5.58 -11.47
CA ILE G 197 14.73 6.36 -10.66
C ILE G 197 14.11 7.62 -10.18
N ARG G 198 12.85 7.80 -10.46
CA ARG G 198 12.19 9.01 -10.08
C ARG G 198 11.08 8.66 -9.16
N LEU G 199 10.95 7.39 -8.84
CA LEU G 199 9.97 6.98 -7.88
C LEU G 199 10.73 6.43 -6.74
N LEU G 200 11.92 5.92 -6.98
CA LEU G 200 12.70 5.48 -5.85
C LEU G 200 13.21 6.67 -5.14
N PHE G 201 13.68 7.64 -5.88
CA PHE G 201 14.30 8.79 -5.24
C PHE G 201 13.32 9.83 -4.87
N TYR G 202 12.27 9.99 -5.64
CA TYR G 202 11.29 10.92 -5.19
C TYR G 202 10.63 10.39 -3.95
N LYS G 203 10.91 9.14 -3.59
CA LYS G 203 10.24 8.55 -2.44
C LYS G 203 11.19 8.37 -1.29
N LEU G 204 12.48 8.20 -1.56
CA LEU G 204 13.43 8.16 -0.44
C LEU G 204 13.48 9.51 0.22
N SER G 205 13.49 10.56 -0.59
CA SER G 205 13.56 11.92 -0.06
C SER G 205 12.43 12.26 0.85
N LYS G 206 11.21 12.03 0.43
CA LYS G 206 10.08 12.46 1.24
C LYS G 206 10.18 11.97 2.66
N LEU G 207 10.83 10.82 2.85
CA LEU G 207 10.92 10.24 4.19
C LEU G 207 11.73 11.10 5.13
N TRP G 208 12.90 11.54 4.68
CA TRP G 208 13.77 12.35 5.52
C TRP G 208 13.04 13.59 5.93
N LYS G 209 12.34 14.19 4.99
CA LYS G 209 11.61 15.41 5.27
C LYS G 209 10.49 15.18 6.25
N GLU G 210 9.84 14.03 6.18
CA GLU G 210 8.81 13.70 7.17
C GLU G 210 9.43 13.62 8.53
N GLN G 211 10.58 12.99 8.63
CA GLN G 211 11.26 12.97 9.89
C GLN G 211 11.80 14.37 10.11
N LYS G 212 12.09 15.07 9.00
CA LYS G 212 12.61 16.44 9.08
C LYS G 212 14.10 16.45 9.37
N LEU G 213 14.75 15.31 9.22
CA LEU G 213 16.18 15.25 9.40
C LEU G 213 16.84 15.47 8.06
N GLU G 214 16.07 15.96 7.08
CA GLU G 214 16.60 16.14 5.73
C GLU G 214 18.09 16.26 5.63
N GLU G 215 18.70 17.20 6.34
CA GLU G 215 20.12 17.43 6.20
C GLU G 215 20.90 16.13 6.14
N ALA G 216 20.42 15.10 6.83
CA ALA G 216 21.14 13.83 6.87
C ALA G 216 21.18 13.06 5.54
N GLN G 217 20.09 13.02 4.80
CA GLN G 217 20.05 12.21 3.59
C GLN G 217 21.36 12.24 2.88
N PRO G 218 21.97 11.07 2.70
CA PRO G 218 23.20 11.06 1.93
C PRO G 218 22.97 11.60 0.52
N LYS G 219 24.03 11.92 -0.23
CA LYS G 219 23.87 12.57 -1.55
C LYS G 219 24.14 11.72 -2.78
N SER G 220 23.24 11.71 -3.76
CA SER G 220 23.42 10.85 -4.92
C SER G 220 24.19 11.57 -6.02
N TYR G 221 24.31 10.96 -7.18
CA TYR G 221 25.04 11.53 -8.28
C TYR G 221 24.59 10.85 -9.55
N ILE G 222 24.92 11.40 -10.70
CA ILE G 222 24.56 10.77 -11.94
C ILE G 222 25.40 11.29 -13.09
N PHE G 223 26.60 10.77 -13.22
CA PHE G 223 27.44 11.20 -14.31
C PHE G 223 26.73 11.02 -15.63
N LEU G 224 26.53 12.10 -16.37
CA LEU G 224 25.94 12.00 -17.69
C LEU G 224 26.97 12.58 -18.62
N PRO G 225 27.29 11.88 -19.70
CA PRO G 225 28.37 12.37 -20.56
C PRO G 225 28.00 13.69 -21.18
N ARG G 226 26.95 13.78 -21.96
CA ARG G 226 26.54 15.10 -22.46
C ARG G 226 25.75 15.90 -21.42
N PRO G 227 25.87 17.25 -21.42
CA PRO G 227 25.18 18.05 -20.40
C PRO G 227 23.83 18.63 -20.86
N ASN G 228 22.88 18.78 -19.94
CA ASN G 228 21.56 19.32 -20.27
C ASN G 228 21.14 20.34 -19.23
N PRO G 229 20.61 21.48 -19.67
CA PRO G 229 20.21 22.54 -18.74
C PRO G 229 19.03 22.18 -17.87
N ILE G 230 17.87 21.90 -18.46
CA ILE G 230 16.66 21.66 -17.68
C ILE G 230 16.71 20.53 -16.68
N GLN G 231 17.25 19.39 -17.06
CA GLN G 231 17.17 18.24 -16.16
C GLN G 231 17.78 18.48 -14.80
N GLU G 232 18.87 19.23 -14.74
CA GLU G 232 19.54 19.42 -13.46
C GLU G 232 18.56 19.98 -12.48
N GLU G 233 17.70 20.87 -12.96
CA GLU G 233 16.74 21.51 -12.09
C GLU G 233 15.87 20.49 -11.40
N ILE G 234 15.20 19.67 -12.18
CA ILE G 234 14.30 18.67 -11.59
C ILE G 234 15.02 17.63 -10.74
N LEU G 235 16.15 17.13 -11.20
CA LEU G 235 16.82 16.08 -10.47
C LEU G 235 17.44 16.59 -9.20
N GLU G 236 17.40 17.89 -8.98
CA GLU G 236 17.90 18.46 -7.73
C GLU G 236 16.81 18.45 -6.73
N GLN G 237 15.59 18.48 -7.20
CA GLN G 237 14.48 18.41 -6.30
C GLN G 237 14.63 17.16 -5.41
N TRP G 238 15.05 16.04 -5.98
CA TRP G 238 15.26 14.86 -5.19
C TRP G 238 16.73 14.65 -5.16
N ARG G 239 17.38 15.03 -4.08
CA ARG G 239 18.84 14.99 -4.03
C ARG G 239 19.60 14.14 -5.05
N ILE G 240 19.72 14.59 -6.29
CA ILE G 240 20.53 13.88 -7.27
C ILE G 240 21.32 14.93 -8.03
N GLY G 241 22.65 14.80 -8.07
CA GLY G 241 23.46 15.83 -8.70
C GLY G 241 24.28 15.38 -9.88
N MET G 242 24.23 16.12 -10.98
CA MET G 242 24.92 15.68 -12.20
C MET G 242 26.41 15.99 -12.22
N ILE G 243 27.16 15.31 -13.06
CA ILE G 243 28.59 15.51 -13.10
C ILE G 243 29.05 15.30 -14.52
N SER G 244 28.72 16.23 -15.40
CA SER G 244 29.05 16.10 -16.82
C SER G 244 30.52 16.35 -17.15
N SER G 245 30.86 16.18 -18.42
CA SER G 245 32.23 16.37 -18.84
C SER G 245 32.27 17.19 -20.11
N GLU G 246 33.43 17.29 -20.75
CA GLU G 246 33.56 18.11 -21.94
C GLU G 246 34.07 17.29 -23.10
N ASN G 247 34.77 16.21 -22.80
CA ASN G 247 35.24 15.35 -23.86
C ASN G 247 34.02 14.88 -24.61
N ASP G 248 34.01 15.07 -25.91
CA ASP G 248 32.85 14.70 -26.69
C ASP G 248 32.85 13.22 -27.01
N ASN G 249 33.95 12.54 -26.75
CA ASN G 249 33.97 11.11 -26.94
C ASN G 249 33.34 10.54 -25.71
N PRO G 250 32.09 10.11 -25.81
CA PRO G 250 31.42 9.66 -24.59
C PRO G 250 32.24 8.59 -23.92
N GLY G 251 32.68 7.59 -24.67
CA GLY G 251 33.39 6.49 -24.07
C GLY G 251 34.55 7.00 -23.27
N GLU G 252 35.36 7.86 -23.85
CA GLU G 252 36.55 8.34 -23.16
C GLU G 252 36.16 9.05 -21.90
N SER G 253 35.13 9.86 -21.96
CA SER G 253 34.75 10.61 -20.81
C SER G 253 34.49 9.66 -19.66
N LEU G 254 33.80 8.55 -19.93
CA LEU G 254 33.47 7.63 -18.86
C LEU G 254 34.71 6.98 -18.26
N GLU G 255 35.64 6.56 -19.10
CA GLU G 255 36.82 5.90 -18.59
C GLU G 255 37.51 6.84 -17.64
N GLU G 256 37.47 8.11 -17.96
CA GLU G 256 38.14 9.10 -17.13
C GLU G 256 37.61 9.03 -15.74
N PHE G 257 36.37 9.50 -15.60
CA PHE G 257 35.73 9.58 -14.29
C PHE G 257 36.06 8.45 -13.36
N LEU G 258 36.33 7.29 -13.92
CA LEU G 258 36.56 6.12 -13.08
C LEU G 258 38.01 5.93 -12.73
N LYS G 259 38.78 7.00 -12.81
CA LYS G 259 40.17 6.91 -12.41
C LYS G 259 40.31 7.58 -11.07
N ASN G 260 39.38 8.47 -10.76
CA ASN G 260 39.40 9.15 -9.48
C ASN G 260 38.99 8.18 -8.41
N PHE G 261 38.65 6.96 -8.81
CA PHE G 261 38.19 5.97 -7.85
C PHE G 261 39.17 4.83 -7.76
N VAL G 262 39.73 4.42 -8.89
CA VAL G 262 40.65 3.30 -8.89
C VAL G 262 41.84 3.67 -8.09
N LEU G 263 42.14 4.96 -8.03
CA LEU G 263 43.33 5.42 -7.34
C LEU G 263 43.75 4.42 -6.28
N VAL G 264 44.76 3.63 -6.60
CA VAL G 264 45.23 2.61 -5.67
C VAL G 264 44.89 2.98 -4.24
N MET H 1 -18.47 -3.65 -30.87
CA MET H 1 -19.19 -2.39 -30.96
C MET H 1 -20.63 -2.54 -30.56
N GLU H 2 -21.26 -3.60 -31.02
CA GLU H 2 -22.66 -3.77 -30.75
C GLU H 2 -22.85 -3.89 -29.26
N GLN H 3 -21.97 -4.63 -28.63
CA GLN H 3 -22.13 -4.84 -27.20
C GLN H 3 -22.29 -3.48 -26.54
N LEU H 4 -21.45 -2.52 -26.92
CA LEU H 4 -21.52 -1.21 -26.31
C LEU H 4 -22.89 -0.68 -26.42
N LEU H 5 -23.42 -0.70 -27.62
CA LEU H 5 -24.71 -0.10 -27.83
C LEU H 5 -25.71 -0.74 -26.89
N ALA H 6 -25.44 -1.98 -26.51
CA ALA H 6 -26.35 -2.68 -25.62
C ALA H 6 -26.49 -1.92 -24.34
N ASP H 7 -25.38 -1.60 -23.71
CA ASP H 7 -25.41 -0.94 -22.41
C ASP H 7 -25.77 0.53 -22.40
N TYR H 8 -25.48 1.27 -23.46
CA TYR H 8 -25.73 2.70 -23.46
C TYR H 8 -27.16 3.02 -23.06
N LYS H 9 -27.97 1.99 -22.91
CA LYS H 9 -29.36 2.16 -22.50
C LYS H 9 -29.60 1.71 -21.07
N LYS H 10 -28.77 0.80 -20.57
CA LYS H 10 -28.88 0.39 -19.17
C LYS H 10 -28.23 1.40 -18.23
N GLY H 11 -27.48 2.37 -18.74
CA GLY H 11 -26.87 3.38 -17.89
C GLY H 11 -25.58 2.94 -17.23
N ASN H 12 -24.85 2.00 -17.84
CA ASN H 12 -23.64 1.46 -17.26
C ASN H 12 -22.39 1.85 -18.04
N VAL H 13 -22.47 2.91 -18.82
CA VAL H 13 -21.30 3.33 -19.53
C VAL H 13 -20.88 4.65 -18.93
N ILE H 14 -19.59 4.83 -18.70
CA ILE H 14 -19.10 6.08 -18.17
C ILE H 14 -18.25 6.74 -19.23
N LEU H 15 -18.37 8.05 -19.40
CA LEU H 15 -17.63 8.70 -20.45
C LEU H 15 -16.39 9.39 -19.89
N PHE H 16 -15.24 9.16 -20.50
CA PHE H 16 -14.03 9.78 -20.07
C PHE H 16 -13.53 10.63 -21.22
N VAL H 17 -13.74 11.94 -21.17
CA VAL H 17 -13.34 12.83 -22.26
C VAL H 17 -11.93 13.39 -22.11
N GLY H 18 -11.26 13.66 -23.21
CA GLY H 18 -9.88 14.14 -23.18
C GLY H 18 -9.69 15.29 -24.12
N ALA H 19 -8.45 15.75 -24.29
CA ALA H 19 -8.20 16.96 -25.08
C ALA H 19 -8.63 16.97 -26.53
N GLY H 20 -8.65 15.83 -27.18
CA GLY H 20 -8.97 15.80 -28.58
C GLY H 20 -10.33 16.36 -28.87
N VAL H 21 -11.23 16.22 -27.93
CA VAL H 21 -12.58 16.71 -28.11
C VAL H 21 -12.53 18.20 -28.16
N SER H 22 -11.77 18.80 -27.26
CA SER H 22 -11.64 20.25 -27.20
C SER H 22 -11.12 20.76 -28.53
N MET H 23 -9.80 20.79 -28.69
CA MET H 23 -9.19 21.29 -29.92
C MET H 23 -10.18 21.69 -30.99
N ASN H 24 -10.98 20.74 -31.47
CA ASN H 24 -11.90 21.06 -32.54
C ASN H 24 -12.58 22.41 -32.33
N LEU H 25 -12.88 22.76 -31.08
CA LEU H 25 -13.57 24.02 -30.80
C LEU H 25 -12.80 25.20 -31.33
N GLY H 26 -11.47 25.13 -31.28
CA GLY H 26 -10.65 26.22 -31.76
C GLY H 26 -9.67 26.63 -30.72
N LEU H 27 -9.54 25.82 -29.68
CA LEU H 27 -8.67 26.19 -28.59
C LEU H 27 -7.24 25.92 -28.94
N PRO H 28 -6.33 26.40 -28.08
CA PRO H 28 -4.92 26.14 -28.32
C PRO H 28 -4.58 24.70 -28.16
N SER H 29 -3.30 24.42 -27.95
CA SER H 29 -2.88 23.05 -27.83
C SER H 29 -1.52 23.06 -27.21
N TRP H 30 -1.04 21.91 -26.75
CA TRP H 30 0.24 21.95 -26.06
C TRP H 30 1.29 22.51 -26.99
N SER H 31 1.02 22.46 -28.28
CA SER H 31 1.97 23.00 -29.22
C SER H 31 2.20 24.40 -28.81
N GLN H 32 1.15 25.20 -28.88
CA GLN H 32 1.27 26.60 -28.54
C GLN H 32 1.69 26.75 -27.09
N LEU H 33 1.17 25.89 -26.23
CA LEU H 33 1.47 26.01 -24.82
C LEU H 33 2.93 25.84 -24.62
N VAL H 34 3.52 24.78 -25.16
CA VAL H 34 4.94 24.55 -24.87
C VAL H 34 5.78 25.61 -25.54
N ASP H 35 5.31 26.13 -26.65
CA ASP H 35 6.05 27.20 -27.29
C ASP H 35 6.06 28.45 -26.45
N HIS H 36 4.92 28.77 -25.84
CA HIS H 36 4.83 29.99 -25.06
C HIS H 36 5.90 30.00 -24.00
N ILE H 37 5.98 28.91 -23.26
CA ILE H 37 6.99 28.81 -22.24
C ILE H 37 8.34 29.13 -22.82
N ALA H 38 8.58 28.69 -24.04
CA ALA H 38 9.88 28.89 -24.65
C ALA H 38 10.20 30.33 -24.84
N THR H 39 9.31 31.06 -25.49
CA THR H 39 9.56 32.45 -25.75
C THR H 39 9.74 33.15 -24.44
N GLU H 40 8.90 32.83 -23.48
CA GLU H 40 8.95 33.48 -22.19
C GLU H 40 10.20 33.12 -21.42
N LEU H 41 11.09 32.36 -22.03
CA LEU H 41 12.28 31.91 -21.31
C LEU H 41 13.52 32.13 -22.12
N GLY H 42 13.39 32.79 -23.26
CA GLY H 42 14.56 33.11 -24.03
C GLY H 42 14.98 32.07 -25.03
N TYR H 43 14.37 30.90 -24.94
CA TYR H 43 14.73 29.82 -25.85
C TYR H 43 14.03 29.99 -27.18
N ASP H 44 14.28 29.07 -28.09
CA ASP H 44 13.61 29.09 -29.37
C ASP H 44 12.68 27.91 -29.34
N PRO H 45 11.50 28.06 -29.94
CA PRO H 45 10.53 26.99 -29.91
C PRO H 45 11.15 25.63 -30.07
N ASP H 46 11.77 25.35 -31.21
CA ASP H 46 12.33 24.03 -31.49
C ASP H 46 13.37 23.58 -30.49
N ILE H 47 14.41 24.36 -30.32
CA ILE H 47 15.49 23.97 -29.44
C ILE H 47 14.98 23.57 -28.07
N TYR H 48 13.94 24.21 -27.55
CA TYR H 48 13.50 23.91 -26.20
C TYR H 48 13.03 22.47 -26.17
N ARG H 49 12.30 22.05 -27.18
CA ARG H 49 11.76 20.70 -27.21
C ARG H 49 12.79 19.65 -27.02
N THR H 50 13.97 19.86 -27.57
CA THR H 50 14.99 18.84 -27.50
C THR H 50 15.56 18.72 -26.11
N PHE H 51 14.73 18.53 -25.11
CA PHE H 51 15.29 18.53 -23.79
C PHE H 51 14.51 17.67 -22.81
N GLY H 52 13.23 17.52 -23.05
CA GLY H 52 12.40 16.76 -22.14
C GLY H 52 11.07 16.45 -22.76
N SER H 53 10.18 15.83 -22.00
CA SER H 53 8.85 15.49 -22.50
C SER H 53 8.07 16.72 -22.83
N ALA H 54 7.00 16.95 -22.09
CA ALA H 54 6.24 18.18 -22.26
C ALA H 54 5.90 18.56 -20.86
N LEU H 55 5.51 17.58 -20.09
CA LEU H 55 5.24 17.85 -18.72
C LEU H 55 6.51 18.42 -18.15
N GLU H 56 7.64 17.85 -18.54
CA GLU H 56 8.91 18.31 -18.01
C GLU H 56 9.16 19.74 -18.43
N LEU H 57 8.84 20.05 -19.67
CA LEU H 57 8.98 21.41 -20.13
C LEU H 57 7.87 22.23 -19.54
N ALA H 58 7.61 22.05 -18.26
CA ALA H 58 6.57 22.81 -17.56
C ALA H 58 6.82 22.60 -16.11
N GLU H 59 7.56 21.57 -15.77
CA GLU H 59 7.97 21.46 -14.40
C GLU H 59 9.01 22.55 -14.36
N TYR H 60 9.66 22.81 -15.49
CA TYR H 60 10.73 23.81 -15.55
C TYR H 60 10.27 25.25 -15.49
N TYR H 61 9.38 25.66 -16.37
CA TYR H 61 8.86 27.00 -16.28
C TYR H 61 8.68 27.31 -14.81
N LYS H 62 7.68 26.70 -14.20
CA LYS H 62 7.41 26.95 -12.80
C LYS H 62 8.65 27.11 -12.00
N LEU H 63 9.46 26.08 -11.92
CA LEU H 63 10.62 26.17 -11.04
C LEU H 63 11.33 27.49 -11.17
N LYS H 64 11.54 27.95 -12.39
CA LYS H 64 12.19 29.24 -12.60
C LYS H 64 11.33 30.38 -12.11
N LYS H 65 10.05 30.38 -12.46
CA LYS H 65 9.18 31.47 -12.09
C LYS H 65 8.57 31.24 -10.74
N GLY H 66 9.08 30.28 -9.99
CA GLY H 66 8.59 30.06 -8.65
C GLY H 66 7.27 29.35 -8.46
N LYS H 67 6.27 29.66 -9.29
CA LYS H 67 4.96 29.06 -9.10
C LYS H 67 4.20 28.86 -10.41
N ILE H 68 3.04 28.24 -10.33
CA ILE H 68 2.26 27.96 -11.52
C ILE H 68 1.24 29.02 -11.84
N GLY H 69 1.07 30.00 -10.96
CA GLY H 69 0.13 31.06 -11.18
C GLY H 69 0.28 31.77 -12.49
N PRO H 70 1.48 32.27 -12.76
CA PRO H 70 1.62 33.04 -13.98
C PRO H 70 1.02 32.31 -15.18
N LEU H 71 1.34 31.02 -15.35
CA LEU H 71 0.82 30.24 -16.47
C LEU H 71 -0.66 29.95 -16.41
N ARG H 72 -1.19 29.58 -15.26
CA ARG H 72 -2.59 29.23 -15.20
C ARG H 72 -3.40 30.40 -15.63
N SER H 73 -2.84 31.59 -15.52
CA SER H 73 -3.56 32.80 -15.86
C SER H 73 -3.64 32.90 -17.34
N TRP H 74 -2.63 32.48 -18.05
CA TRP H 74 -2.65 32.71 -19.48
C TRP H 74 -3.60 31.72 -20.06
N MET H 75 -3.53 30.48 -19.59
CA MET H 75 -4.38 29.44 -20.10
C MET H 75 -5.82 29.75 -19.88
N ASP H 76 -6.16 30.20 -18.69
CA ASP H 76 -7.55 30.44 -18.38
C ASP H 76 -8.10 31.55 -19.23
N ARG H 77 -7.37 32.63 -19.37
CA ARG H 77 -7.85 33.77 -20.11
C ARG H 77 -7.91 33.47 -21.59
N MET H 78 -6.92 32.74 -22.10
CA MET H 78 -6.86 32.43 -23.53
C MET H 78 -7.89 31.42 -24.04
N TRP H 79 -8.03 30.32 -23.33
CA TRP H 79 -8.98 29.30 -23.69
C TRP H 79 -10.39 29.77 -23.56
N HIS H 80 -10.76 30.25 -22.38
CA HIS H 80 -12.13 30.64 -22.17
C HIS H 80 -12.38 31.98 -22.78
N SER H 81 -11.85 32.21 -23.97
CA SER H 81 -11.99 33.50 -24.63
C SER H 81 -13.41 33.73 -25.06
N SER H 82 -13.66 34.84 -25.72
CA SER H 82 -15.01 35.17 -26.14
C SER H 82 -15.12 35.19 -27.63
N ASP H 83 -14.22 34.48 -28.30
CA ASP H 83 -14.30 34.39 -29.75
C ASP H 83 -14.65 32.96 -30.06
N ILE H 84 -15.00 32.21 -29.03
CA ILE H 84 -15.37 30.82 -29.21
C ILE H 84 -16.87 30.67 -29.03
N ASP H 85 -17.55 30.09 -30.02
CA ASP H 85 -18.99 29.85 -29.93
C ASP H 85 -19.25 28.37 -29.76
N ILE H 86 -19.99 27.99 -28.74
CA ILE H 86 -20.22 26.60 -28.48
C ILE H 86 -21.26 25.99 -29.37
N ASN H 87 -22.17 26.79 -29.88
CA ASN H 87 -23.26 26.21 -30.64
C ASN H 87 -22.80 25.75 -32.01
N LYS H 88 -21.53 25.93 -32.30
CA LYS H 88 -21.00 25.53 -33.59
C LYS H 88 -20.20 24.24 -33.51
N SER H 89 -20.33 23.50 -32.43
CA SER H 89 -19.60 22.26 -32.28
C SER H 89 -20.55 21.11 -32.06
N LYS H 90 -20.68 20.27 -33.06
CA LYS H 90 -21.61 19.15 -32.95
C LYS H 90 -21.15 18.19 -31.89
N VAL H 91 -19.86 17.95 -31.80
CA VAL H 91 -19.39 16.96 -30.86
C VAL H 91 -19.91 17.33 -29.51
N HIS H 92 -19.85 18.61 -29.18
CA HIS H 92 -20.27 19.04 -27.87
C HIS H 92 -21.77 19.03 -27.76
N GLU H 93 -22.45 19.05 -28.89
CA GLU H 93 -23.91 18.99 -28.87
C GLU H 93 -24.39 17.59 -28.59
N TYR H 94 -23.89 16.62 -29.35
CA TYR H 94 -24.34 15.25 -29.18
C TYR H 94 -24.09 14.79 -27.77
N ILE H 95 -22.95 15.19 -27.20
CA ILE H 95 -22.61 14.79 -25.85
C ILE H 95 -23.63 15.31 -24.88
N ALA H 96 -24.15 16.49 -25.15
CA ALA H 96 -25.09 17.10 -24.22
C ALA H 96 -26.44 16.51 -24.35
N LYS H 97 -26.72 15.89 -25.49
CA LYS H 97 -28.06 15.38 -25.72
C LYS H 97 -28.12 13.88 -25.60
N ALA H 98 -27.04 13.24 -25.17
CA ALA H 98 -27.05 11.82 -24.96
C ALA H 98 -27.66 11.52 -23.62
N ASN H 99 -27.24 10.42 -23.02
CA ASN H 99 -27.74 10.06 -21.72
C ASN H 99 -26.68 9.31 -20.99
N PHE H 100 -25.66 10.02 -20.54
CA PHE H 100 -24.61 9.41 -19.78
C PHE H 100 -24.78 9.91 -18.36
N PRO H 101 -24.90 9.00 -17.42
CA PRO H 101 -25.12 9.39 -16.03
C PRO H 101 -23.91 10.01 -15.33
N ILE H 102 -22.69 9.59 -15.67
CA ILE H 102 -21.49 10.12 -15.05
C ILE H 102 -20.48 10.48 -16.13
N ILE H 103 -19.78 11.61 -15.99
CA ILE H 103 -18.84 12.06 -17.00
C ILE H 103 -17.51 12.51 -16.43
N TYR H 104 -16.43 11.75 -16.65
CA TYR H 104 -15.12 12.11 -16.14
C TYR H 104 -14.34 12.80 -17.25
N THR H 105 -13.33 13.59 -16.90
CA THR H 105 -12.57 14.36 -17.89
C THR H 105 -11.19 14.69 -17.39
N THR H 106 -10.27 14.96 -18.31
CA THR H 106 -8.93 15.31 -17.91
C THR H 106 -8.60 16.68 -18.49
N ASN H 107 -9.59 17.39 -19.01
CA ASN H 107 -9.39 18.73 -19.50
C ASN H 107 -9.53 19.70 -18.35
N TYR H 108 -8.99 20.91 -18.48
CA TYR H 108 -9.01 21.87 -17.37
C TYR H 108 -10.07 22.94 -17.54
N ASP H 109 -10.62 23.03 -18.74
CA ASP H 109 -11.58 24.08 -19.08
C ASP H 109 -12.91 24.01 -18.42
N ARG H 110 -13.90 24.60 -19.05
CA ARG H 110 -15.26 24.56 -18.53
C ARG H 110 -16.27 24.50 -19.65
N TRP H 111 -15.94 23.89 -20.76
CA TRP H 111 -16.84 23.91 -21.91
C TRP H 111 -17.91 22.83 -21.87
N ILE H 112 -17.64 21.73 -21.21
CA ILE H 112 -18.62 20.66 -21.21
C ILE H 112 -19.84 21.10 -20.44
N GLU H 113 -19.63 21.68 -19.26
CA GLU H 113 -20.73 22.17 -18.47
C GLU H 113 -21.47 23.24 -19.22
N THR H 114 -20.73 24.13 -19.87
CA THR H 114 -21.34 25.22 -20.59
C THR H 114 -22.30 24.69 -21.62
N ALA H 115 -21.91 23.63 -22.31
CA ALA H 115 -22.77 23.05 -23.31
C ALA H 115 -23.99 22.43 -22.68
N LEU H 116 -23.80 21.67 -21.62
CA LEU H 116 -24.93 21.00 -21.01
C LEU H 116 -25.96 22.01 -20.58
N SER H 117 -25.52 23.17 -20.14
CA SER H 117 -26.45 24.22 -19.77
C SER H 117 -27.09 24.86 -20.98
N ASN H 118 -26.31 25.06 -22.03
CA ASN H 118 -26.82 25.70 -23.25
C ASN H 118 -28.00 24.94 -23.83
N TYR H 119 -27.92 23.62 -23.86
CA TYR H 119 -29.00 22.83 -24.42
C TYR H 119 -29.97 22.39 -23.34
N GLY H 120 -29.90 22.98 -22.16
CA GLY H 120 -30.85 22.67 -21.11
C GLY H 120 -30.72 21.40 -20.30
N LYS H 121 -29.70 21.31 -19.45
CA LYS H 121 -29.53 20.16 -18.58
C LYS H 121 -29.08 20.61 -17.19
N GLU H 122 -28.81 19.67 -16.30
CA GLU H 122 -28.40 20.02 -14.96
C GLU H 122 -27.23 19.15 -14.51
N TYR H 123 -26.37 19.65 -13.67
CA TYR H 123 -25.20 18.89 -13.33
C TYR H 123 -24.60 19.34 -12.03
N ILE H 124 -23.61 18.61 -11.55
CA ILE H 124 -22.94 19.00 -10.33
C ILE H 124 -21.47 18.82 -10.57
N LYS H 125 -20.69 19.89 -10.54
CA LYS H 125 -19.26 19.76 -10.70
C LYS H 125 -18.67 19.13 -9.47
N ILE H 126 -17.68 18.27 -9.63
CA ILE H 126 -17.03 17.67 -8.49
C ILE H 126 -15.54 17.76 -8.65
N SER H 127 -14.89 18.53 -7.78
CA SER H 127 -13.46 18.67 -7.81
C SER H 127 -12.86 18.55 -6.44
N SER H 128 -13.68 18.26 -5.43
CA SER H 128 -13.19 18.08 -4.08
C SER H 128 -14.18 17.32 -3.26
N VAL H 129 -13.78 16.86 -2.09
CA VAL H 129 -14.64 16.03 -1.26
C VAL H 129 -15.95 16.69 -0.90
N SER H 130 -15.93 17.99 -0.73
CA SER H 130 -17.14 18.69 -0.35
C SER H 130 -18.24 18.45 -1.35
N ASP H 131 -17.91 18.48 -2.62
CA ASP H 131 -18.92 18.31 -3.66
C ASP H 131 -19.50 16.93 -3.62
N ILE H 132 -18.68 15.94 -3.30
CA ILE H 132 -19.14 14.57 -3.29
C ILE H 132 -20.32 14.49 -2.39
N ALA H 133 -20.44 15.44 -1.48
CA ALA H 133 -21.53 15.39 -0.49
C ALA H 133 -22.81 16.05 -0.96
N LYS H 134 -22.92 16.32 -2.24
CA LYS H 134 -24.09 17.00 -2.76
C LYS H 134 -24.70 16.23 -3.90
N ILE H 135 -24.12 15.10 -4.23
CA ILE H 135 -24.58 14.37 -5.40
C ILE H 135 -26.07 14.08 -5.36
N ASP H 136 -26.75 14.42 -6.45
CA ASP H 136 -28.18 14.15 -6.55
C ASP H 136 -28.31 13.06 -7.56
N ASN H 137 -29.08 12.03 -7.26
CA ASN H 137 -29.17 10.92 -8.17
C ASN H 137 -30.02 11.29 -9.36
N ASN H 138 -30.46 12.54 -9.40
CA ASN H 138 -31.32 12.96 -10.49
C ASN H 138 -30.68 13.98 -11.42
N LYS H 139 -29.38 14.19 -11.31
CA LYS H 139 -28.71 15.11 -12.22
C LYS H 139 -27.39 14.48 -12.61
N THR H 140 -26.71 15.06 -13.58
CA THR H 140 -25.48 14.50 -14.07
C THR H 140 -24.30 14.91 -13.22
N GLN H 141 -23.25 14.10 -13.23
CA GLN H 141 -22.08 14.41 -12.45
C GLN H 141 -20.91 14.62 -13.39
N ILE H 142 -20.29 15.79 -13.33
CA ILE H 142 -19.13 16.05 -14.15
C ILE H 142 -17.90 16.11 -13.27
N ILE H 143 -17.07 15.08 -13.30
CA ILE H 143 -15.90 15.01 -12.43
C ILE H 143 -14.64 15.45 -13.15
N LYS H 144 -13.86 16.31 -12.53
CA LYS H 144 -12.63 16.82 -13.11
C LYS H 144 -11.50 16.06 -12.54
N PHE H 145 -11.01 15.06 -13.24
CA PHE H 145 -10.02 14.18 -12.69
C PHE H 145 -8.64 14.80 -12.58
N ALA H 146 -8.41 15.93 -13.24
CA ALA H 146 -7.10 16.54 -13.22
C ALA H 146 -7.06 18.01 -12.81
N GLY H 147 -8.03 18.45 -12.03
CA GLY H 147 -8.09 19.81 -11.59
C GLY H 147 -8.68 20.81 -12.53
N ASP H 148 -9.20 21.91 -11.99
CA ASP H 148 -9.73 22.98 -12.78
C ASP H 148 -8.84 24.16 -12.52
N PHE H 149 -9.17 25.30 -13.10
CA PHE H 149 -8.37 26.50 -12.92
C PHE H 149 -8.76 27.25 -11.66
N ASP H 150 -9.73 26.74 -10.91
CA ASP H 150 -10.19 27.38 -9.70
C ASP H 150 -9.45 26.91 -8.47
N ASP H 151 -8.17 26.61 -8.59
CA ASP H 151 -7.35 26.13 -7.48
C ASP H 151 -6.04 25.69 -8.07
N ASP H 152 -4.96 25.81 -7.33
CA ASP H 152 -3.65 25.50 -7.89
C ASP H 152 -2.96 24.44 -7.09
N SER H 153 -3.59 23.99 -6.03
CA SER H 153 -3.02 22.93 -5.22
C SER H 153 -3.44 21.60 -5.79
N SER H 154 -4.28 21.63 -6.80
CA SER H 154 -4.76 20.42 -7.38
C SER H 154 -4.89 20.61 -8.86
N ILE H 155 -3.77 20.81 -9.54
CA ILE H 155 -3.79 20.89 -10.98
C ILE H 155 -2.63 20.08 -11.46
N VAL H 156 -2.89 18.98 -12.14
CA VAL H 156 -1.82 18.13 -12.60
C VAL H 156 -1.28 18.74 -13.86
N LEU H 157 -0.22 19.53 -13.74
CA LEU H 157 0.38 20.15 -14.91
C LEU H 157 1.91 20.00 -14.91
N ASP H 158 2.43 19.01 -14.20
CA ASP H 158 3.86 18.80 -14.12
C ASP H 158 4.21 17.41 -13.65
N GLU H 159 5.45 17.00 -13.85
CA GLU H 159 5.91 15.67 -13.43
C GLU H 159 5.57 15.34 -12.01
N THR H 160 6.14 16.09 -11.09
CA THR H 160 5.93 15.80 -9.68
C THR H 160 4.46 15.74 -9.31
N SER H 161 3.57 16.08 -10.22
CA SER H 161 2.16 15.95 -9.91
C SER H 161 1.58 14.71 -10.57
N TYR H 162 2.06 14.36 -11.76
CA TYR H 162 1.63 13.14 -12.40
C TYR H 162 2.37 12.06 -11.69
N PHE H 163 2.63 12.27 -10.40
CA PHE H 163 3.32 11.29 -9.58
C PHE H 163 2.50 11.00 -8.35
N GLN H 164 2.56 11.84 -7.33
CA GLN H 164 1.81 11.54 -6.16
C GLN H 164 0.41 11.12 -6.62
N ARG H 165 0.09 11.35 -7.90
CA ARG H 165 -1.22 10.94 -8.39
C ARG H 165 -1.16 9.64 -9.16
N LEU H 166 -0.20 8.79 -8.83
CA LEU H 166 -0.08 7.50 -9.47
C LEU H 166 -0.21 6.49 -8.39
N GLU H 167 -0.67 6.92 -7.24
CA GLU H 167 -0.82 6.03 -6.12
C GLU H 167 -2.29 5.97 -5.79
N PHE H 168 -3.11 6.69 -6.54
CA PHE H 168 -4.54 6.65 -6.34
C PHE H 168 -4.97 6.71 -4.87
N GLU H 169 -4.46 7.69 -4.14
CA GLU H 169 -4.85 7.85 -2.74
C GLU H 169 -5.71 9.08 -2.49
N THR H 170 -5.83 9.93 -3.50
CA THR H 170 -6.66 11.11 -3.39
C THR H 170 -8.09 10.69 -3.27
N PRO H 171 -8.93 11.49 -2.63
CA PRO H 171 -10.35 11.19 -2.56
C PRO H 171 -11.01 10.91 -3.89
N LEU H 172 -10.67 11.65 -4.93
CA LEU H 172 -11.33 11.47 -6.21
C LEU H 172 -10.96 10.15 -6.84
N ASP H 173 -9.86 9.55 -6.41
CA ASP H 173 -9.49 8.25 -6.92
C ASP H 173 -10.39 7.21 -6.33
N ILE H 174 -10.41 7.11 -5.02
CA ILE H 174 -11.26 6.17 -4.33
C ILE H 174 -12.63 6.11 -4.95
N LYS H 175 -13.10 7.21 -5.50
CA LYS H 175 -14.41 7.24 -6.13
C LYS H 175 -14.41 6.46 -7.43
N PHE H 176 -13.42 6.67 -8.27
CA PHE H 176 -13.40 6.01 -9.56
C PHE H 176 -13.32 4.56 -9.28
N ARG H 177 -12.40 4.17 -8.45
CA ARG H 177 -12.19 2.76 -8.18
C ARG H 177 -13.34 2.12 -7.47
N SER H 178 -14.52 2.71 -7.54
CA SER H 178 -15.70 2.10 -6.94
C SER H 178 -16.77 2.23 -7.95
N ASP H 179 -16.54 3.03 -8.96
CA ASP H 179 -17.53 3.26 -9.96
C ASP H 179 -17.32 2.30 -11.06
N VAL H 180 -16.07 1.94 -11.30
CA VAL H 180 -15.75 1.02 -12.36
C VAL H 180 -16.12 -0.39 -11.99
N LEU H 181 -16.34 -0.66 -10.72
CA LEU H 181 -16.78 -1.97 -10.32
C LEU H 181 -18.24 -2.07 -10.61
N GLY H 182 -18.59 -2.74 -11.69
CA GLY H 182 -19.97 -2.85 -12.06
C GLY H 182 -20.38 -2.06 -13.26
N LYS H 183 -19.46 -1.31 -13.86
CA LYS H 183 -19.77 -0.56 -15.06
C LYS H 183 -18.61 -0.54 -16.04
N SER H 184 -18.85 -0.03 -17.25
CA SER H 184 -17.81 0.00 -18.28
C SER H 184 -17.53 1.41 -18.70
N VAL H 185 -16.31 1.68 -19.16
CA VAL H 185 -15.93 3.03 -19.51
C VAL H 185 -15.66 3.21 -20.99
N LEU H 186 -16.24 4.23 -21.61
CA LEU H 186 -15.98 4.50 -23.00
C LEU H 186 -15.05 5.66 -23.14
N PHE H 187 -13.78 5.40 -23.32
CA PHE H 187 -12.83 6.46 -23.53
C PHE H 187 -13.01 7.08 -24.89
N ILE H 188 -12.86 8.38 -24.99
CA ILE H 188 -12.96 9.08 -26.27
C ILE H 188 -12.11 10.33 -26.18
N GLY H 189 -11.68 10.85 -27.30
CA GLY H 189 -10.83 12.01 -27.27
C GLY H 189 -9.41 11.78 -26.85
N TYR H 190 -9.13 10.63 -26.27
CA TYR H 190 -7.79 10.39 -25.73
C TYR H 190 -6.75 9.88 -26.70
N SER H 191 -5.49 10.14 -26.38
CA SER H 191 -4.39 9.67 -27.21
C SER H 191 -3.63 8.78 -26.33
N LEU H 192 -3.37 7.56 -26.79
CA LEU H 192 -2.73 6.60 -25.89
C LEU H 192 -1.26 6.82 -25.79
N SER H 193 -0.89 7.75 -24.93
CA SER H 193 0.51 7.99 -24.67
C SER H 193 0.59 8.29 -23.18
N ASP H 194 -0.39 7.82 -22.41
CA ASP H 194 -0.41 8.06 -20.99
C ASP H 194 -0.67 6.76 -20.26
N ILE H 195 0.14 6.46 -19.25
CA ILE H 195 0.01 5.18 -18.54
C ILE H 195 -0.90 5.20 -17.33
N ASN H 196 -1.69 6.24 -17.18
CA ASN H 196 -2.65 6.25 -16.10
C ASN H 196 -3.71 5.26 -16.46
N ILE H 197 -4.01 5.16 -17.74
CA ILE H 197 -5.07 4.27 -18.21
C ILE H 197 -4.58 2.87 -18.26
N ARG H 198 -3.29 2.70 -18.07
CA ARG H 198 -2.73 1.39 -18.21
C ARG H 198 -2.37 0.83 -16.88
N LEU H 199 -2.57 1.60 -15.83
CA LEU H 199 -2.34 1.11 -14.51
C LEU H 199 -3.64 1.11 -13.80
N LEU H 200 -4.69 1.64 -14.39
CA LEU H 200 -5.94 1.58 -13.72
C LEU H 200 -6.58 0.32 -14.15
N PHE H 201 -6.71 0.16 -15.45
CA PHE H 201 -7.34 -1.04 -15.96
C PHE H 201 -6.51 -2.25 -15.75
N TYR H 202 -5.22 -2.13 -15.90
CA TYR H 202 -4.40 -3.28 -15.61
C TYR H 202 -4.63 -3.72 -14.18
N LYS H 203 -5.08 -2.83 -13.33
CA LYS H 203 -5.23 -3.16 -11.93
C LYS H 203 -6.64 -3.53 -11.59
N LEU H 204 -7.60 -3.05 -12.34
CA LEU H 204 -8.98 -3.48 -12.13
C LEU H 204 -9.15 -4.90 -12.56
N SER H 205 -8.72 -5.20 -13.77
CA SER H 205 -8.85 -6.53 -14.30
C SER H 205 -8.32 -7.57 -13.37
N LYS H 206 -7.06 -7.46 -12.99
CA LYS H 206 -6.45 -8.48 -12.18
C LYS H 206 -7.24 -8.73 -10.93
N LEU H 207 -8.17 -7.84 -10.62
CA LEU H 207 -8.99 -8.00 -9.44
C LEU H 207 -10.11 -8.99 -9.71
N TRP H 208 -10.79 -8.84 -10.84
CA TRP H 208 -11.86 -9.78 -11.20
C TRP H 208 -11.37 -11.20 -11.26
N LYS H 209 -10.21 -11.39 -11.84
CA LYS H 209 -9.67 -12.73 -11.96
C LYS H 209 -9.44 -13.41 -10.63
N GLU H 210 -8.98 -12.68 -9.63
CA GLU H 210 -8.84 -13.26 -8.29
C GLU H 210 -10.20 -13.63 -7.78
N GLN H 211 -11.19 -12.84 -8.13
CA GLN H 211 -12.54 -13.11 -7.71
C GLN H 211 -13.10 -14.26 -8.51
N LYS H 212 -12.32 -14.76 -9.46
CA LYS H 212 -12.74 -15.91 -10.24
C LYS H 212 -14.03 -15.66 -10.96
N LEU H 213 -14.19 -14.48 -11.55
CA LEU H 213 -15.38 -14.18 -12.31
C LEU H 213 -15.01 -13.26 -13.47
N GLU H 214 -13.86 -13.52 -14.08
CA GLU H 214 -13.41 -12.67 -15.16
C GLU H 214 -14.49 -12.51 -16.19
N GLU H 215 -15.22 -13.58 -16.46
CA GLU H 215 -16.23 -13.55 -17.50
C GLU H 215 -17.32 -12.54 -17.20
N ALA H 216 -17.25 -11.92 -16.03
CA ALA H 216 -18.23 -10.89 -15.71
C ALA H 216 -17.71 -9.46 -15.89
N GLN H 217 -16.43 -9.22 -15.65
CA GLN H 217 -15.93 -7.86 -15.74
C GLN H 217 -16.50 -7.16 -16.93
N PRO H 218 -17.24 -6.10 -16.70
CA PRO H 218 -17.85 -5.40 -17.81
C PRO H 218 -16.84 -5.00 -18.89
N LYS H 219 -17.27 -4.85 -20.14
CA LYS H 219 -16.39 -4.46 -21.26
C LYS H 219 -16.20 -2.97 -21.49
N SER H 220 -14.99 -2.57 -21.86
CA SER H 220 -14.71 -1.18 -22.12
C SER H 220 -14.56 -0.88 -23.60
N TYR H 221 -14.04 0.28 -23.93
CA TYR H 221 -13.86 0.66 -25.33
C TYR H 221 -12.89 1.82 -25.45
N ILE H 222 -12.51 2.18 -26.67
CA ILE H 222 -11.63 3.31 -26.88
C ILE H 222 -11.56 3.72 -28.35
N PHE H 223 -12.49 4.55 -28.78
CA PHE H 223 -12.48 5.01 -30.15
C PHE H 223 -11.24 5.79 -30.50
N LEU H 224 -10.35 5.20 -31.29
CA LEU H 224 -9.19 5.91 -31.77
C LEU H 224 -9.59 6.21 -33.18
N PRO H 225 -8.86 7.09 -33.85
CA PRO H 225 -9.34 7.40 -35.19
C PRO H 225 -8.63 6.57 -36.25
N ARG H 226 -7.31 6.55 -36.23
CA ARG H 226 -6.56 5.73 -37.16
C ARG H 226 -6.11 4.51 -36.41
N PRO H 227 -6.11 3.35 -37.07
CA PRO H 227 -5.81 2.13 -36.31
C PRO H 227 -4.34 1.75 -36.15
N ASN H 228 -4.02 1.02 -35.08
CA ASN H 228 -2.66 0.54 -34.85
C ASN H 228 -2.68 -0.93 -34.61
N PRO H 229 -1.90 -1.67 -35.41
CA PRO H 229 -1.79 -3.11 -35.21
C PRO H 229 -1.26 -3.46 -33.83
N ILE H 230 -0.03 -3.05 -33.54
CA ILE H 230 0.60 -3.42 -32.28
C ILE H 230 -0.20 -3.08 -31.07
N GLN H 231 -0.56 -1.81 -30.90
CA GLN H 231 -1.24 -1.38 -29.69
C GLN H 231 -2.68 -1.79 -29.63
N GLU H 232 -3.01 -2.94 -30.20
CA GLU H 232 -4.36 -3.43 -30.08
C GLU H 232 -4.33 -4.74 -29.36
N GLU H 233 -3.18 -5.40 -29.43
CA GLU H 233 -3.00 -6.66 -28.74
C GLU H 233 -2.72 -6.38 -27.32
N ILE H 234 -1.86 -5.40 -27.08
CA ILE H 234 -1.49 -5.07 -25.72
C ILE H 234 -2.69 -4.61 -24.96
N LEU H 235 -3.57 -3.85 -25.59
CA LEU H 235 -4.70 -3.30 -24.88
C LEU H 235 -5.83 -4.27 -24.71
N GLU H 236 -5.57 -5.53 -25.01
CA GLU H 236 -6.59 -6.55 -24.76
C GLU H 236 -6.09 -7.43 -23.66
N GLN H 237 -4.78 -7.48 -23.51
CA GLN H 237 -4.22 -8.27 -22.45
C GLN H 237 -4.93 -7.79 -21.23
N TRP H 238 -4.98 -6.48 -21.03
CA TRP H 238 -5.68 -5.89 -19.91
C TRP H 238 -7.13 -6.16 -20.21
N ARG H 239 -7.89 -5.20 -20.70
CA ARG H 239 -9.25 -5.55 -21.09
C ARG H 239 -10.06 -4.45 -21.75
N ILE H 240 -9.47 -3.78 -22.73
CA ILE H 240 -10.15 -2.68 -23.39
C ILE H 240 -10.32 -3.02 -24.84
N GLY H 241 -11.42 -2.64 -25.44
CA GLY H 241 -11.68 -2.99 -26.83
C GLY H 241 -11.69 -1.82 -27.78
N MET H 242 -10.74 -1.78 -28.69
CA MET H 242 -10.63 -0.66 -29.60
C MET H 242 -11.71 -0.58 -30.65
N ILE H 243 -11.96 0.62 -31.15
CA ILE H 243 -12.95 0.81 -32.18
C ILE H 243 -12.28 1.83 -33.07
N SER H 244 -12.72 1.97 -34.31
CA SER H 244 -12.03 2.87 -35.23
C SER H 244 -12.85 3.13 -36.48
N SER H 245 -12.32 3.93 -37.40
CA SER H 245 -13.09 4.29 -38.59
C SER H 245 -12.23 4.40 -39.82
N GLU H 246 -12.81 4.91 -40.89
CA GLU H 246 -12.10 5.02 -42.14
C GLU H 246 -12.09 6.44 -42.63
N ASN H 247 -13.09 7.22 -42.25
CA ASN H 247 -13.10 8.62 -42.62
C ASN H 247 -11.81 9.17 -42.07
N ASP H 248 -11.05 9.86 -42.90
CA ASP H 248 -9.75 10.32 -42.46
C ASP H 248 -9.82 11.70 -41.82
N ASN H 249 -10.93 12.40 -41.97
CA ASN H 249 -11.05 13.67 -41.29
C ASN H 249 -11.29 13.39 -39.83
N PRO H 250 -10.36 13.78 -38.98
CA PRO H 250 -10.53 13.40 -37.57
C PRO H 250 -11.86 13.87 -37.01
N GLY H 251 -12.17 15.15 -37.17
CA GLY H 251 -13.39 15.67 -36.59
C GLY H 251 -14.61 14.98 -37.15
N GLU H 252 -14.63 14.78 -38.45
CA GLU H 252 -15.77 14.14 -39.06
C GLU H 252 -15.98 12.81 -38.40
N SER H 253 -14.89 12.07 -38.24
CA SER H 253 -14.98 10.77 -37.63
C SER H 253 -15.70 10.82 -36.31
N LEU H 254 -15.13 11.53 -35.36
CA LEU H 254 -15.71 11.54 -34.04
C LEU H 254 -17.20 11.88 -34.00
N GLU H 255 -17.64 12.84 -34.80
CA GLU H 255 -19.03 13.27 -34.72
C GLU H 255 -20.02 12.17 -34.96
N GLU H 256 -19.81 11.39 -36.01
CA GLU H 256 -20.78 10.37 -36.35
C GLU H 256 -20.76 9.23 -35.36
N PHE H 257 -19.57 8.88 -34.88
CA PHE H 257 -19.47 7.80 -33.93
C PHE H 257 -20.42 8.08 -32.81
N LEU H 258 -20.81 9.32 -32.66
CA LEU H 258 -21.66 9.69 -31.53
C LEU H 258 -23.13 9.68 -31.83
N LYS H 259 -23.50 9.93 -33.06
CA LYS H 259 -24.92 10.02 -33.34
C LYS H 259 -25.50 8.67 -33.02
N ASN H 260 -24.68 7.64 -33.02
CA ASN H 260 -25.16 6.32 -32.70
C ASN H 260 -25.68 6.25 -31.29
N PHE H 261 -25.60 7.36 -30.56
CA PHE H 261 -26.04 7.38 -29.18
C PHE H 261 -27.09 8.43 -28.98
N VAL H 262 -27.00 9.52 -29.71
CA VAL H 262 -27.92 10.62 -29.49
C VAL H 262 -29.35 10.26 -29.77
N LEU H 263 -29.58 9.47 -30.80
CA LEU H 263 -30.94 9.18 -31.19
C LEU H 263 -31.77 8.94 -29.95
N VAL H 264 -32.95 9.55 -29.90
CA VAL H 264 -33.84 9.35 -28.76
C VAL H 264 -33.42 10.21 -27.59
#